data_6CIB
#
_entry.id   6CIB
#
_cell.length_a   123.232
_cell.length_b   105.627
_cell.length_c   139.298
_cell.angle_alpha   90.00
_cell.angle_beta   103.64
_cell.angle_gamma   90.00
#
_symmetry.space_group_name_H-M   'P 1 21 1'
#
loop_
_entity.id
_entity.type
_entity.pdbx_description
1 polymer YcaO
2 non-polymer "ADENOSINE-5'-DIPHOSPHATE"
3 non-polymer 'MAGNESIUM ION'
4 non-polymer 'OXAMIC ACID'
5 water water
#
_entity_poly.entity_id   1
_entity_poly.type   'polypeptide(L)'
_entity_poly.pdbx_seq_one_letter_code
;(MSE)TDIVYDVEGFRAFLPKETLRWIRHRELERKVGVVEKFSDRVGPIPVEIRRRRSQYGEFYHAGKGTTRIQARVSAA
(MSE)ECVERAAAEPREEIIERGPEGDKWTPAWYRTEPREWVEGVDLTTREPVYVPANEVFHPWLGDALPSHTNGLSAGR
LREEAVIQGLLEVVERDSWSIVEYFRIHPPELEVHGELEELRRSLEREVGRVELRLLPSRVEGVYVVGAVTEAERVEE
(MSE)V(MSE)GFGASPDPE(MSE)AVLRALLEVAQGLS(MSE)ARRGIESPVRKGLGEFSAPGKLTPERLKRLNRHWFE
PEGTVEIDDLDRVITTGSLEKLTEELVERVAEAGLGKVIEVDLTLENLDVPVVRVRVTGASEYVIDEARVGN(MSE)PEK
PPGVP(MSE)G
;
_entity_poly.pdbx_strand_id   A,B,C,D,E,F
#
# COMPACT_ATOMS: atom_id res chain seq x y z
N THR A 2 31.87 -48.23 11.48
CA THR A 2 31.53 -47.56 12.75
C THR A 2 30.02 -47.69 12.98
N ASP A 3 29.65 -48.34 14.08
CA ASP A 3 28.25 -48.55 14.42
C ASP A 3 27.54 -47.26 14.82
N ILE A 4 26.31 -47.12 14.34
CA ILE A 4 25.39 -46.09 14.79
C ILE A 4 24.79 -46.66 16.07
N VAL A 5 25.15 -46.07 17.21
CA VAL A 5 24.67 -46.53 18.51
C VAL A 5 23.49 -45.67 19.00
N TYR A 6 23.23 -44.59 18.27
CA TYR A 6 22.18 -43.63 18.65
C TYR A 6 21.52 -43.05 17.43
N ASP A 7 20.20 -43.14 17.38
CA ASP A 7 19.45 -42.65 16.22
C ASP A 7 18.10 -42.03 16.57
N VAL A 8 18.11 -41.15 17.57
CA VAL A 8 16.90 -40.45 17.98
C VAL A 8 16.79 -39.13 17.16
N GLU A 9 17.56 -38.11 17.55
CA GLU A 9 17.57 -36.82 16.84
C GLU A 9 18.44 -36.81 15.59
N GLY A 10 19.42 -37.71 15.54
CA GLY A 10 20.34 -37.85 14.41
C GLY A 10 21.13 -39.15 14.53
N PHE A 11 22.00 -39.42 13.55
CA PHE A 11 22.78 -40.66 13.49
C PHE A 11 24.16 -40.46 14.09
N ARG A 12 24.38 -41.10 15.24
CA ARG A 12 25.54 -40.82 16.08
C ARG A 12 26.32 -42.06 16.49
N ALA A 13 27.64 -41.91 16.54
CA ALA A 13 28.56 -43.01 16.90
C ALA A 13 28.79 -43.10 18.41
N PHE A 14 28.25 -42.13 19.15
CA PHE A 14 28.38 -42.05 20.60
C PHE A 14 27.03 -41.72 21.23
N LEU A 15 26.82 -42.17 22.46
CA LEU A 15 25.66 -41.76 23.25
C LEU A 15 25.84 -40.30 23.66
N PRO A 16 24.74 -39.50 23.63
CA PRO A 16 24.81 -38.09 24.02
C PRO A 16 25.46 -37.82 25.38
N LYS A 17 25.22 -38.68 26.36
CA LYS A 17 25.87 -38.56 27.67
C LYS A 17 27.40 -38.59 27.58
N GLU A 18 27.93 -39.46 26.71
CA GLU A 18 29.36 -39.56 26.43
C GLU A 18 29.90 -38.28 25.78
N THR A 19 29.16 -37.81 24.76
CA THR A 19 29.52 -36.61 24.04
C THR A 19 29.51 -35.36 24.93
N LEU A 20 28.52 -35.27 25.82
CA LEU A 20 28.47 -34.14 26.76
C LEU A 20 29.69 -34.14 27.70
N ARG A 21 30.05 -35.32 28.19
CA ARG A 21 31.20 -35.47 29.07
C ARG A 21 32.47 -35.01 28.35
N TRP A 22 32.58 -35.40 27.08
CA TRP A 22 33.67 -35.04 26.18
C TRP A 22 33.71 -33.52 25.87
N ILE A 23 32.55 -32.93 25.58
CA ILE A 23 32.43 -31.45 25.37
C ILE A 23 32.94 -30.69 26.61
N ARG A 24 32.53 -31.15 27.79
CA ARG A 24 32.90 -30.53 29.05
C ARG A 24 34.38 -30.66 29.38
N HIS A 25 34.93 -31.85 29.17
CA HIS A 25 36.35 -32.12 29.40
C HIS A 25 37.24 -31.23 28.53
N ARG A 26 36.85 -31.10 27.25
CA ARG A 26 37.59 -30.33 26.26
C ARG A 26 37.33 -28.83 26.34
N GLU A 27 36.41 -28.42 27.21
CA GLU A 27 36.08 -27.01 27.48
C GLU A 27 35.67 -26.26 26.20
N LEU A 28 34.94 -26.96 25.33
CA LEU A 28 34.60 -26.45 23.99
C LEU A 28 33.79 -25.16 24.03
N GLU A 29 32.84 -25.07 24.96
CA GLU A 29 31.94 -23.91 25.04
C GLU A 29 32.71 -22.63 25.40
N ARG A 30 33.54 -22.71 26.43
CA ARG A 30 34.44 -21.61 26.80
C ARG A 30 35.35 -21.22 25.62
N LYS A 31 35.96 -22.22 24.98
CA LYS A 31 36.94 -22.00 23.90
C LYS A 31 36.34 -21.33 22.69
N VAL A 32 35.03 -21.49 22.54
CA VAL A 32 34.26 -21.04 21.39
C VAL A 32 33.49 -19.74 21.71
N GLY A 33 33.66 -19.23 22.93
CA GLY A 33 33.17 -17.90 23.30
C GLY A 33 31.79 -17.82 23.94
N VAL A 34 31.27 -18.95 24.43
CA VAL A 34 30.01 -18.99 25.18
C VAL A 34 30.21 -18.21 26.47
N VAL A 35 29.35 -17.23 26.70
CA VAL A 35 29.46 -16.38 27.88
C VAL A 35 28.22 -16.50 28.79
N GLU A 36 27.13 -17.04 28.25
CA GLU A 36 25.90 -17.27 29.01
C GLU A 36 25.08 -18.45 28.49
N LYS A 37 24.39 -19.12 29.41
CA LYS A 37 23.58 -20.30 29.12
C LYS A 37 22.20 -20.14 29.74
N PHE A 38 21.18 -20.59 29.01
CA PHE A 38 19.81 -20.61 29.50
C PHE A 38 19.17 -21.97 29.22
N SER A 39 18.37 -22.45 30.17
CA SER A 39 17.59 -23.68 29.98
C SER A 39 16.10 -23.42 29.95
N ASP A 40 15.47 -23.84 28.86
CA ASP A 40 14.02 -23.74 28.71
C ASP A 40 13.42 -25.14 28.62
N ARG A 41 12.11 -25.24 28.79
CA ARG A 41 11.39 -26.45 28.45
C ARG A 41 10.07 -26.04 27.82
N VAL A 42 9.87 -26.46 26.58
CA VAL A 42 8.65 -26.11 25.86
C VAL A 42 7.80 -27.37 25.80
N GLY A 43 6.70 -27.35 26.56
CA GLY A 43 5.95 -28.56 26.90
C GLY A 43 6.93 -29.56 27.47
N PRO A 44 7.06 -30.74 26.83
CA PRO A 44 8.01 -31.75 27.32
C PRO A 44 9.44 -31.60 26.76
N ILE A 45 9.68 -30.62 25.87
CA ILE A 45 10.95 -30.54 25.14
C ILE A 45 11.96 -29.55 25.77
N PRO A 46 13.12 -30.09 26.20
CA PRO A 46 14.23 -29.26 26.67
C PRO A 46 14.82 -28.44 25.52
N VAL A 47 14.96 -27.15 25.75
CA VAL A 47 15.61 -26.23 24.80
C VAL A 47 16.73 -25.50 25.53
N GLU A 48 17.86 -25.30 24.85
CA GLU A 48 19.03 -24.66 25.43
C GLU A 48 19.42 -23.43 24.63
N ILE A 49 19.72 -22.34 25.32
CA ILE A 49 20.11 -21.10 24.62
C ILE A 49 21.51 -20.71 25.05
N ARG A 50 22.32 -20.31 24.07
CA ARG A 50 23.68 -19.85 24.31
C ARG A 50 23.88 -18.43 23.79
N ARG A 51 24.49 -17.59 24.63
CA ARG A 51 25.01 -16.30 24.20
C ARG A 51 26.50 -16.48 23.94
N ARG A 52 26.92 -16.17 22.72
CA ARG A 52 28.28 -16.39 22.23
C ARG A 52 28.92 -15.07 21.75
N ARG A 53 30.19 -14.86 22.11
CA ARG A 53 30.96 -13.67 21.67
C ARG A 53 32.07 -14.07 20.72
N SER A 54 32.24 -13.29 19.65
CA SER A 54 33.41 -13.41 18.77
C SER A 54 33.81 -12.03 18.22
N GLN A 55 34.86 -11.98 17.39
CA GLN A 55 35.22 -10.73 16.69
C GLN A 55 34.06 -10.20 15.83
N TYR A 56 33.08 -11.08 15.53
CA TYR A 56 31.93 -10.70 14.68
C TYR A 56 30.76 -10.15 15.45
N GLY A 57 30.86 -10.17 16.78
CA GLY A 57 29.82 -9.61 17.65
C GLY A 57 29.27 -10.63 18.63
N GLU A 58 28.07 -10.34 19.12
CA GLU A 58 27.38 -11.19 20.08
C GLU A 58 26.22 -11.88 19.39
N PHE A 59 26.12 -13.20 19.61
CA PHE A 59 25.10 -14.01 18.96
C PHE A 59 24.37 -14.91 19.95
N TYR A 60 23.09 -15.17 19.66
CA TYR A 60 22.32 -16.22 20.34
C TYR A 60 22.26 -17.47 19.48
N HIS A 61 22.57 -18.60 20.09
CA HIS A 61 22.43 -19.91 19.44
C HIS A 61 21.57 -20.80 20.31
N ALA A 62 20.86 -21.73 19.68
CA ALA A 62 19.97 -22.63 20.39
C ALA A 62 20.28 -24.09 20.08
N GLY A 63 20.00 -24.93 21.07
CA GLY A 63 20.00 -26.38 20.91
C GLY A 63 18.73 -26.94 21.51
N LYS A 64 18.47 -28.20 21.21
CA LYS A 64 17.26 -28.88 21.68
C LYS A 64 17.45 -30.37 21.53
N GLY A 65 16.52 -31.12 22.11
CA GLY A 65 16.58 -32.59 22.07
C GLY A 65 15.41 -33.19 22.85
N THR A 66 15.30 -34.51 22.81
CA THR A 66 14.28 -35.18 23.62
C THR A 66 14.69 -35.25 25.10
N THR A 67 16.00 -35.12 25.37
CA THR A 67 16.56 -35.15 26.71
C THR A 67 17.37 -33.88 26.95
N ARG A 68 17.56 -33.54 28.23
CA ARG A 68 18.32 -32.36 28.63
C ARG A 68 19.78 -32.51 28.20
N ILE A 69 20.29 -33.74 28.29
CA ILE A 69 21.64 -34.04 27.83
C ILE A 69 21.79 -33.72 26.33
N GLN A 70 20.89 -34.25 25.50
CA GLN A 70 20.96 -34.00 24.04
C GLN A 70 20.81 -32.52 23.68
N ALA A 71 19.92 -31.83 24.38
CA ALA A 71 19.74 -30.39 24.18
C ALA A 71 21.03 -29.62 24.48
N ARG A 72 21.75 -30.05 25.52
CA ARG A 72 23.00 -29.41 25.94
C ARG A 72 24.16 -29.72 24.98
N VAL A 73 24.18 -30.95 24.43
CA VAL A 73 25.11 -31.32 23.36
C VAL A 73 24.81 -30.51 22.10
N SER A 74 23.54 -30.48 21.70
CA SER A 74 23.07 -29.74 20.53
C SER A 74 23.45 -28.25 20.60
N ALA A 75 23.21 -27.62 21.75
CA ALA A 75 23.56 -26.20 21.94
C ALA A 75 25.07 -25.97 21.84
N ALA A 76 25.85 -26.83 22.50
CA ALA A 76 27.31 -26.75 22.47
C ALA A 76 27.89 -26.87 21.05
N GLU A 78 26.35 -26.55 18.16
CA GLU A 78 25.88 -25.41 17.39
C GLU A 78 26.87 -24.24 17.51
N CYS A 79 27.27 -23.92 18.75
CA CYS A 79 28.29 -22.91 18.99
C CYS A 79 29.61 -23.24 18.29
N VAL A 80 30.01 -24.53 18.33
CA VAL A 80 31.27 -24.99 17.73
C VAL A 80 31.27 -24.83 16.22
N GLU A 81 30.21 -25.29 15.54
CA GLU A 81 30.11 -25.16 14.09
C GLU A 81 30.17 -23.70 13.63
N ARG A 82 29.54 -22.80 14.39
CA ARG A 82 29.56 -21.37 14.06
C ARG A 82 30.94 -20.75 14.19
N ALA A 83 31.69 -21.16 15.21
CA ALA A 83 33.09 -20.71 15.36
C ALA A 83 33.97 -21.25 14.23
N ALA A 84 33.76 -22.51 13.87
CA ALA A 84 34.47 -23.14 12.75
C ALA A 84 34.19 -22.49 11.40
N ALA A 85 32.97 -21.99 11.22
CA ALA A 85 32.52 -21.37 9.97
C ALA A 85 33.03 -19.95 9.76
N GLU A 86 33.54 -19.33 10.82
CA GLU A 86 34.12 -18.00 10.72
C GLU A 86 35.32 -18.02 9.75
N PRO A 87 35.43 -16.99 8.87
CA PRO A 87 36.48 -16.92 7.84
C PRO A 87 37.86 -17.23 8.39
N ARG A 88 38.59 -18.09 7.68
CA ARG A 88 39.89 -18.53 8.13
C ARG A 88 40.85 -18.43 6.94
N GLU A 89 41.79 -17.49 7.06
CA GLU A 89 42.77 -17.20 6.01
C GLU A 89 43.70 -18.39 5.77
N GLU A 90 43.92 -19.19 6.81
CA GLU A 90 44.65 -20.46 6.79
C GLU A 90 44.31 -21.35 5.59
N ILE A 91 43.01 -21.45 5.28
CA ILE A 91 42.53 -22.40 4.26
C ILE A 91 42.00 -21.72 3.01
N ILE A 92 42.18 -20.40 2.90
CA ILE A 92 41.78 -19.66 1.70
C ILE A 92 42.90 -19.75 0.66
N GLU A 93 42.51 -20.01 -0.59
CA GLU A 93 43.44 -19.98 -1.73
C GLU A 93 42.99 -18.96 -2.75
N ARG A 94 43.97 -18.25 -3.33
CA ARG A 94 43.65 -17.15 -4.24
C ARG A 94 43.96 -17.41 -5.70
N GLY A 95 45.02 -18.18 -5.97
CA GLY A 95 45.33 -18.61 -7.32
C GLY A 95 45.23 -20.12 -7.44
N PRO A 96 44.00 -20.67 -7.32
CA PRO A 96 43.92 -22.13 -7.26
C PRO A 96 44.04 -22.81 -8.63
N GLU A 97 44.64 -24.00 -8.62
CA GLU A 97 44.75 -24.85 -9.80
C GLU A 97 43.85 -26.07 -9.57
N GLY A 98 42.89 -26.26 -10.48
CA GLY A 98 41.96 -27.38 -10.43
C GLY A 98 40.54 -26.99 -10.81
N ASP A 99 39.62 -27.93 -10.62
CA ASP A 99 38.18 -27.69 -10.85
C ASP A 99 37.63 -26.63 -9.88
N LYS A 100 36.68 -25.84 -10.37
CA LYS A 100 36.06 -24.77 -9.57
C LYS A 100 34.55 -24.83 -9.74
N TRP A 101 33.84 -24.65 -8.63
CA TRP A 101 32.41 -24.39 -8.71
C TRP A 101 32.18 -22.89 -8.69
N THR A 102 31.63 -22.37 -9.78
CA THR A 102 31.28 -20.96 -9.92
C THR A 102 29.77 -20.84 -10.10
N PRO A 103 29.04 -20.45 -9.02
CA PRO A 103 27.58 -20.31 -9.10
C PRO A 103 27.13 -19.28 -10.13
N ALA A 104 25.93 -19.47 -10.66
CA ALA A 104 25.34 -18.63 -11.73
C ALA A 104 25.40 -17.13 -11.48
N TRP A 105 25.16 -16.73 -10.23
CA TRP A 105 25.01 -15.31 -9.86
C TRP A 105 26.30 -14.47 -9.86
N TYR A 106 27.45 -15.11 -10.00
CA TYR A 106 28.74 -14.39 -10.07
C TYR A 106 28.94 -13.75 -11.44
N ARG A 107 28.84 -12.42 -11.47
CA ARG A 107 29.06 -11.64 -12.70
C ARG A 107 30.53 -11.65 -13.08
N THR A 108 31.39 -11.67 -12.06
CA THR A 108 32.84 -11.80 -12.21
C THR A 108 33.34 -13.01 -11.42
N GLU A 109 34.49 -13.54 -11.83
CA GLU A 109 35.19 -14.64 -11.15
C GLU A 109 35.53 -14.28 -9.69
N PRO A 110 35.06 -15.09 -8.71
CA PRO A 110 35.43 -14.87 -7.29
C PRO A 110 36.92 -15.04 -7.04
N ARG A 111 37.43 -14.34 -6.02
CA ARG A 111 38.86 -14.22 -5.78
C ARG A 111 39.38 -15.17 -4.68
N GLU A 112 38.51 -15.47 -3.71
CA GLU A 112 38.83 -16.33 -2.57
C GLU A 112 38.14 -17.68 -2.69
N TRP A 113 38.92 -18.75 -2.54
CA TRP A 113 38.44 -20.11 -2.68
C TRP A 113 38.86 -20.97 -1.50
N VAL A 114 38.10 -22.04 -1.26
CA VAL A 114 38.50 -23.11 -0.34
C VAL A 114 38.37 -24.45 -1.07
N GLU A 115 39.38 -25.30 -0.91
CA GLU A 115 39.40 -26.63 -1.52
C GLU A 115 38.43 -27.59 -0.83
N GLY A 116 37.46 -28.09 -1.61
CA GLY A 116 36.57 -29.13 -1.16
C GLY A 116 36.82 -30.46 -1.85
N VAL A 117 35.96 -31.44 -1.58
CA VAL A 117 36.00 -32.74 -2.27
C VAL A 117 34.63 -33.01 -2.90
N ASP A 118 34.64 -33.39 -4.18
CA ASP A 118 33.44 -33.92 -4.86
C ASP A 118 33.20 -35.31 -4.32
N LEU A 119 32.09 -35.51 -3.61
CA LEU A 119 31.83 -36.79 -2.94
C LEU A 119 31.40 -37.92 -3.88
N THR A 120 31.08 -37.57 -5.13
CA THR A 120 30.81 -38.58 -6.17
C THR A 120 32.13 -39.09 -6.77
N THR A 121 32.94 -38.16 -7.27
CA THR A 121 34.12 -38.51 -8.03
C THR A 121 35.39 -38.67 -7.17
N ARG A 122 35.31 -38.17 -5.92
CA ARG A 122 36.47 -38.09 -5.00
C ARG A 122 37.62 -37.17 -5.50
N GLU A 123 37.31 -36.33 -6.48
CA GLU A 123 38.25 -35.35 -7.02
C GLU A 123 38.14 -34.04 -6.24
N PRO A 124 39.27 -33.30 -6.11
CA PRO A 124 39.20 -31.96 -5.52
C PRO A 124 38.38 -30.99 -6.38
N VAL A 125 37.65 -30.10 -5.71
CA VAL A 125 36.93 -28.99 -6.36
C VAL A 125 36.99 -27.76 -5.46
N TYR A 126 37.33 -26.60 -6.05
CA TYR A 126 37.38 -25.34 -5.30
C TYR A 126 36.02 -24.67 -5.22
N VAL A 127 35.71 -24.18 -4.03
CA VAL A 127 34.42 -23.57 -3.72
C VAL A 127 34.71 -22.15 -3.26
N PRO A 128 33.89 -21.16 -3.68
CA PRO A 128 34.11 -19.79 -3.23
C PRO A 128 34.02 -19.69 -1.71
N ALA A 129 34.83 -18.82 -1.12
CA ALA A 129 34.80 -18.59 0.33
C ALA A 129 33.41 -18.20 0.84
N ASN A 130 32.65 -17.46 0.04
CA ASN A 130 31.28 -17.03 0.37
C ASN A 130 30.29 -18.20 0.44
N GLU A 131 30.69 -19.32 -0.16
CA GLU A 131 29.90 -20.55 -0.12
C GLU A 131 30.39 -21.52 0.96
N VAL A 132 31.36 -21.08 1.76
CA VAL A 132 31.92 -21.91 2.82
C VAL A 132 31.73 -21.23 4.17
N PHE A 133 32.19 -19.99 4.26
CA PHE A 133 32.29 -19.27 5.52
C PHE A 133 31.02 -18.48 5.86
N HIS A 134 30.92 -18.09 7.13
CA HIS A 134 29.89 -17.19 7.61
C HIS A 134 30.39 -16.50 8.88
N PRO A 135 30.39 -15.15 8.91
CA PRO A 135 29.93 -14.25 7.84
C PRO A 135 31.02 -13.92 6.82
N TRP A 136 30.63 -13.87 5.54
CA TRP A 136 31.50 -13.38 4.48
C TRP A 136 30.72 -12.31 3.71
N LEU A 137 31.31 -11.11 3.63
CA LEU A 137 30.56 -9.93 3.17
C LEU A 137 30.84 -9.40 1.75
N GLY A 138 31.95 -9.83 1.14
CA GLY A 138 32.37 -9.32 -0.16
C GLY A 138 31.43 -9.44 -1.36
N ASP A 139 30.67 -10.54 -1.45
CA ASP A 139 30.08 -10.99 -2.72
C ASP A 139 28.62 -10.59 -3.03
N ALA A 140 28.16 -11.06 -4.20
CA ALA A 140 26.83 -10.77 -4.76
C ALA A 140 25.67 -11.16 -3.84
N LEU A 141 25.78 -12.31 -3.19
CA LEU A 141 24.76 -12.80 -2.26
C LEU A 141 25.33 -12.95 -0.85
N PRO A 142 24.47 -12.84 0.19
CA PRO A 142 24.95 -13.07 1.55
C PRO A 142 25.38 -14.52 1.79
N SER A 143 26.39 -14.68 2.63
CA SER A 143 26.81 -15.98 3.15
C SER A 143 25.72 -16.52 4.07
N HIS A 144 25.77 -17.82 4.37
CA HIS A 144 24.78 -18.47 5.26
C HIS A 144 25.33 -19.81 5.78
N THR A 145 24.51 -20.54 6.55
CA THR A 145 24.98 -21.75 7.24
C THR A 145 24.28 -23.06 6.77
N ASN A 146 23.53 -23.00 5.67
CA ASN A 146 22.91 -24.21 5.12
C ASN A 146 23.98 -25.22 4.75
N GLY A 147 23.87 -26.41 5.33
CA GLY A 147 24.82 -27.48 5.10
C GLY A 147 25.99 -27.51 6.07
N LEU A 148 26.03 -26.56 7.00
CA LEU A 148 27.05 -26.52 8.03
C LEU A 148 26.67 -27.46 9.18
N SER A 149 27.60 -28.34 9.56
CA SER A 149 27.36 -29.30 10.65
C SER A 149 28.64 -29.73 11.35
N ALA A 150 28.51 -29.98 12.64
CA ALA A 150 29.56 -30.55 13.46
C ALA A 150 29.16 -31.97 13.87
N GLY A 151 30.15 -32.78 14.23
CA GLY A 151 29.92 -34.10 14.80
C GLY A 151 31.12 -34.60 15.57
N ARG A 152 31.00 -35.77 16.18
CA ARG A 152 32.14 -36.45 16.78
C ARG A 152 33.04 -37.03 15.69
N LEU A 153 32.44 -37.38 14.56
CA LEU A 153 33.15 -37.88 13.38
C LEU A 153 32.72 -37.10 12.17
N ARG A 154 33.58 -37.06 11.17
CA ARG A 154 33.28 -36.34 9.93
C ARG A 154 32.02 -36.90 9.25
N GLU A 155 31.82 -38.23 9.33
CA GLU A 155 30.62 -38.88 8.76
C GLU A 155 29.32 -38.37 9.39
N GLU A 156 29.32 -38.20 10.72
CA GLU A 156 28.19 -37.61 11.45
C GLU A 156 27.81 -36.25 10.88
N ALA A 157 28.82 -35.40 10.72
CA ALA A 157 28.66 -34.03 10.20
C ALA A 157 28.22 -34.03 8.73
N VAL A 158 28.81 -34.91 7.91
CA VAL A 158 28.41 -35.05 6.50
C VAL A 158 26.94 -35.45 6.36
N ILE A 159 26.53 -36.49 7.09
CA ILE A 159 25.13 -36.94 7.11
C ILE A 159 24.19 -35.79 7.50
N GLN A 160 24.49 -35.13 8.62
CA GLN A 160 23.68 -34.02 9.13
C GLN A 160 23.59 -32.85 8.13
N GLY A 161 24.74 -32.43 7.61
CA GLY A 161 24.81 -31.34 6.62
C GLY A 161 24.06 -31.61 5.33
N LEU A 162 24.17 -32.86 4.84
CA LEU A 162 23.51 -33.27 3.60
C LEU A 162 21.99 -33.36 3.74
N LEU A 163 21.54 -33.99 4.84
CA LEU A 163 20.12 -34.02 5.18
C LEU A 163 19.52 -32.62 5.30
N GLU A 164 20.25 -31.68 5.92
CA GLU A 164 19.82 -30.28 5.99
C GLU A 164 19.62 -29.65 4.60
N VAL A 165 20.57 -29.90 3.70
CA VAL A 165 20.47 -29.41 2.32
C VAL A 165 19.23 -29.97 1.60
N VAL A 166 18.96 -31.25 1.78
CA VAL A 166 17.76 -31.90 1.21
C VAL A 166 16.49 -31.27 1.80
N GLU A 167 16.50 -31.07 3.11
CA GLU A 167 15.41 -30.45 3.85
C GLU A 167 15.03 -29.07 3.29
N ARG A 168 16.04 -28.21 3.11
CA ARG A 168 15.81 -26.87 2.59
C ARG A 168 15.48 -26.86 1.09
N ASP A 169 15.96 -27.87 0.36
CA ASP A 169 15.58 -28.06 -1.05
C ASP A 169 14.08 -28.34 -1.17
N SER A 170 13.57 -29.27 -0.35
CA SER A 170 12.13 -29.57 -0.26
C SER A 170 11.29 -28.36 0.12
N TRP A 171 11.70 -27.68 1.19
CA TRP A 171 11.03 -26.47 1.66
C TRP A 171 11.03 -25.38 0.58
N SER A 172 12.18 -25.20 -0.09
CA SER A 172 12.30 -24.23 -1.19
C SER A 172 11.38 -24.52 -2.37
N ILE A 173 11.23 -25.80 -2.71
CA ILE A 173 10.30 -26.27 -3.74
C ILE A 173 8.84 -25.95 -3.39
N VAL A 174 8.45 -26.24 -2.15
CA VAL A 174 7.11 -25.95 -1.63
C VAL A 174 6.79 -24.45 -1.69
N GLU A 175 7.72 -23.60 -1.26
CA GLU A 175 7.53 -22.15 -1.29
C GLU A 175 7.57 -21.53 -2.69
N TYR A 176 8.50 -22.01 -3.55
CA TYR A 176 8.63 -21.49 -4.91
C TYR A 176 7.37 -21.72 -5.75
N PHE A 177 6.83 -22.94 -5.71
CA PHE A 177 5.64 -23.33 -6.47
C PHE A 177 4.35 -23.18 -5.67
N ARG A 178 4.46 -22.80 -4.39
CA ARG A 178 3.33 -22.76 -3.45
C ARG A 178 2.53 -24.08 -3.48
N ILE A 179 3.27 -25.18 -3.35
CA ILE A 179 2.71 -26.52 -3.22
C ILE A 179 1.99 -26.62 -1.88
N HIS A 180 0.84 -27.30 -1.90
CA HIS A 180 0.08 -27.66 -0.71
C HIS A 180 0.44 -29.11 -0.33
N PRO A 181 1.47 -29.30 0.54
CA PRO A 181 1.86 -30.69 0.85
C PRO A 181 0.78 -31.43 1.65
N PRO A 182 0.71 -32.77 1.51
CA PRO A 182 -0.26 -33.55 2.29
C PRO A 182 0.03 -33.53 3.78
N GLU A 183 -1.02 -33.62 4.59
CA GLU A 183 -0.92 -33.87 6.03
C GLU A 183 -0.30 -35.25 6.28
N LEU A 184 0.62 -35.31 7.25
CA LEU A 184 1.21 -36.58 7.66
C LEU A 184 0.64 -37.04 9.00
N GLU A 185 0.04 -38.24 9.00
CA GLU A 185 -0.63 -38.81 10.17
C GLU A 185 0.34 -39.73 10.92
N VAL A 186 0.47 -39.51 12.23
CA VAL A 186 1.40 -40.25 13.10
C VAL A 186 0.67 -40.88 14.28
N HIS A 187 1.33 -41.83 14.96
CA HIS A 187 0.75 -42.59 16.07
C HIS A 187 1.73 -42.67 17.26
N GLY A 188 1.27 -43.28 18.34
CA GLY A 188 2.09 -43.58 19.52
C GLY A 188 2.81 -42.37 20.10
N GLU A 189 4.11 -42.52 20.31
CA GLU A 189 4.93 -41.49 20.96
C GLU A 189 5.07 -40.18 20.18
N LEU A 190 5.13 -40.28 18.86
CA LEU A 190 5.21 -39.06 18.02
C LEU A 190 3.91 -38.27 18.06
N GLU A 191 2.78 -38.97 18.00
CA GLU A 191 1.46 -38.34 18.13
C GLU A 191 1.27 -37.69 19.51
N GLU A 192 1.77 -38.35 20.56
CA GLU A 192 1.68 -37.78 21.90
C GLU A 192 2.53 -36.52 22.06
N LEU A 193 3.73 -36.54 21.48
CA LEU A 193 4.59 -35.35 21.45
C LEU A 193 3.91 -34.18 20.71
N ARG A 194 3.39 -34.44 19.50
CA ARG A 194 2.65 -33.43 18.75
C ARG A 194 1.49 -32.83 19.57
N ARG A 195 0.68 -33.69 20.19
CA ARG A 195 -0.41 -33.26 21.08
C ARG A 195 0.10 -32.44 22.26
N SER A 196 1.24 -32.88 22.82
CA SER A 196 1.83 -32.22 23.98
C SER A 196 2.34 -30.82 23.62
N LEU A 197 2.98 -30.70 22.45
CA LEU A 197 3.38 -29.39 21.94
C LEU A 197 2.20 -28.52 21.54
N GLU A 198 1.15 -29.16 21.03
CA GLU A 198 -0.11 -28.47 20.67
C GLU A 198 -0.79 -27.79 21.87
N ARG A 199 -0.66 -28.40 23.04
CA ARG A 199 -1.15 -27.80 24.28
C ARG A 199 -0.49 -26.45 24.63
N GLU A 200 0.68 -26.18 24.02
CA GLU A 200 1.41 -24.92 24.22
C GLU A 200 0.90 -23.79 23.33
N VAL A 201 0.35 -24.15 22.18
CA VAL A 201 -0.14 -23.18 21.20
C VAL A 201 -1.61 -23.48 20.90
N GLY A 202 -2.08 -23.23 19.67
CA GLY A 202 -3.43 -23.60 19.28
C GLY A 202 -3.46 -24.92 18.55
N ARG A 203 -2.64 -25.02 17.50
CA ARG A 203 -2.55 -26.22 16.67
C ARG A 203 -1.11 -26.52 16.26
N VAL A 204 -0.78 -27.80 16.16
CA VAL A 204 0.48 -28.24 15.57
C VAL A 204 0.14 -29.20 14.44
N GLU A 205 0.50 -28.81 13.22
CA GLU A 205 0.15 -29.54 12.00
C GLU A 205 1.38 -30.15 11.36
N LEU A 206 1.29 -31.42 10.95
CA LEU A 206 2.38 -32.12 10.29
C LEU A 206 2.13 -32.29 8.79
N ARG A 207 3.20 -32.13 8.00
CA ARG A 207 3.15 -32.28 6.55
C ARG A 207 4.31 -33.14 6.04
N LEU A 208 4.02 -34.00 5.06
CA LEU A 208 5.09 -34.67 4.32
C LEU A 208 5.40 -33.85 3.06
N LEU A 209 6.57 -33.23 3.04
CA LEU A 209 7.02 -32.42 1.90
C LEU A 209 7.43 -33.31 0.74
N PRO A 210 7.25 -32.84 -0.51
CA PRO A 210 7.81 -33.58 -1.63
C PRO A 210 9.34 -33.57 -1.57
N SER A 211 9.94 -34.74 -1.45
CA SER A 211 11.38 -34.88 -1.46
C SER A 211 11.87 -35.20 -2.86
N ARG A 212 12.90 -34.47 -3.29
CA ARG A 212 13.53 -34.73 -4.59
C ARG A 212 14.66 -35.77 -4.51
N VAL A 213 14.87 -36.33 -3.32
CA VAL A 213 15.92 -37.32 -3.09
C VAL A 213 15.29 -38.64 -2.61
N GLU A 214 15.49 -39.71 -3.36
CA GLU A 214 14.87 -40.98 -3.01
C GLU A 214 15.50 -41.62 -1.79
N GLY A 215 14.66 -42.16 -0.92
CA GLY A 215 15.08 -42.72 0.35
C GLY A 215 15.14 -41.70 1.49
N VAL A 216 14.99 -40.41 1.18
CA VAL A 216 15.02 -39.35 2.20
C VAL A 216 13.64 -38.71 2.29
N TYR A 217 13.10 -38.66 3.51
CA TYR A 217 11.80 -38.05 3.78
C TYR A 217 11.99 -36.68 4.43
N VAL A 218 11.17 -35.71 4.02
CA VAL A 218 11.20 -34.38 4.62
C VAL A 218 9.82 -34.07 5.23
N VAL A 219 9.83 -33.69 6.50
CA VAL A 219 8.60 -33.38 7.25
C VAL A 219 8.62 -31.92 7.69
N GLY A 220 7.47 -31.26 7.55
CA GLY A 220 7.27 -29.92 8.08
C GLY A 220 6.22 -29.93 9.17
N ALA A 221 6.43 -29.09 10.18
CA ALA A 221 5.46 -28.85 11.24
C ALA A 221 5.13 -27.37 11.28
N VAL A 222 3.84 -27.05 11.31
CA VAL A 222 3.40 -25.65 11.37
C VAL A 222 2.46 -25.45 12.56
N THR A 223 2.58 -24.29 13.20
CA THR A 223 1.72 -23.96 14.34
C THR A 223 0.71 -22.87 14.02
N GLU A 224 -0.45 -23.00 14.66
CA GLU A 224 -1.43 -21.93 14.77
C GLU A 224 -1.46 -21.56 16.23
N ALA A 225 -1.47 -20.26 16.51
CA ALA A 225 -1.47 -19.76 17.89
C ALA A 225 -2.23 -18.44 17.95
N GLU A 226 -2.69 -18.07 19.14
CA GLU A 226 -3.37 -16.78 19.32
C GLU A 226 -2.41 -15.60 19.32
N ARG A 227 -1.14 -15.86 19.63
CA ARG A 227 -0.06 -14.90 19.42
C ARG A 227 0.67 -15.25 18.13
N VAL A 228 0.88 -14.23 17.29
CA VAL A 228 1.43 -14.40 15.94
C VAL A 228 2.91 -14.85 15.90
N GLU A 229 3.71 -14.37 16.85
CA GLU A 229 5.13 -14.73 16.96
C GLU A 229 5.33 -16.20 17.34
N GLU A 230 4.26 -16.82 17.86
CA GLU A 230 4.24 -18.24 18.22
C GLU A 230 3.73 -19.14 17.10
N VAL A 232 5.10 -20.64 14.23
CA VAL A 232 6.43 -20.96 13.76
C VAL A 232 6.37 -22.21 12.89
N GLY A 234 8.74 -25.81 11.76
CA GLY A 234 9.87 -26.69 12.00
C GLY A 234 9.99 -27.71 10.88
N PHE A 235 11.22 -28.13 10.57
CA PHE A 235 11.48 -29.11 9.51
C PHE A 235 12.47 -30.17 9.94
N GLY A 236 12.33 -31.36 9.37
CA GLY A 236 13.28 -32.45 9.56
C GLY A 236 13.42 -33.28 8.30
N ALA A 237 14.62 -33.79 8.07
CA ALA A 237 14.87 -34.72 6.98
C ALA A 237 15.67 -35.91 7.48
N SER A 238 15.23 -37.10 7.08
CA SER A 238 15.91 -38.36 7.43
C SER A 238 15.46 -39.49 6.51
N PRO A 239 16.34 -40.50 6.27
CA PRO A 239 15.89 -41.78 5.70
C PRO A 239 14.86 -42.49 6.59
N ASP A 240 14.87 -42.18 7.89
CA ASP A 240 13.89 -42.68 8.82
C ASP A 240 12.79 -41.60 8.98
N PRO A 241 11.57 -41.88 8.46
CA PRO A 241 10.49 -40.87 8.55
C PRO A 241 10.13 -40.46 9.99
N GLU A 242 10.28 -41.38 10.93
CA GLU A 242 10.06 -41.10 12.36
C GLU A 242 11.02 -40.03 12.91
N ALA A 244 12.52 -37.76 10.97
CA ALA A 244 12.11 -36.54 10.27
C ALA A 244 10.97 -35.80 11.00
N VAL A 245 9.99 -36.56 11.49
CA VAL A 245 8.87 -36.02 12.27
C VAL A 245 9.40 -35.42 13.59
N LEU A 246 10.24 -36.19 14.29
CA LEU A 246 10.83 -35.75 15.55
C LEU A 246 11.61 -34.44 15.39
N ARG A 247 12.46 -34.38 14.36
CA ARG A 247 13.23 -33.19 14.08
C ARG A 247 12.38 -31.95 13.86
N ALA A 248 11.30 -32.08 13.09
CA ALA A 248 10.36 -30.97 12.82
C ALA A 248 9.70 -30.45 14.11
N LEU A 249 9.23 -31.38 14.94
CA LEU A 249 8.60 -31.04 16.23
C LEU A 249 9.58 -30.37 17.21
N LEU A 250 10.81 -30.88 17.25
CA LEU A 250 11.88 -30.28 18.06
C LEU A 250 12.24 -28.86 17.61
N GLU A 251 12.20 -28.62 16.30
CA GLU A 251 12.43 -27.30 15.74
C GLU A 251 11.33 -26.31 16.12
N VAL A 252 10.07 -26.79 16.13
CA VAL A 252 8.94 -26.00 16.64
C VAL A 252 9.17 -25.58 18.10
N ALA A 253 9.51 -26.54 18.96
CA ALA A 253 9.79 -26.23 20.38
C ALA A 253 10.91 -25.19 20.51
N GLN A 254 11.99 -25.37 19.74
CA GLN A 254 13.08 -24.41 19.67
C GLN A 254 12.59 -23.01 19.24
N GLY A 255 11.76 -22.99 18.19
CA GLY A 255 11.16 -21.75 17.68
C GLY A 255 10.35 -21.02 18.74
N LEU A 256 9.54 -21.77 19.49
CA LEU A 256 8.72 -21.21 20.56
C LEU A 256 9.52 -20.65 21.71
N SER A 257 10.60 -21.36 22.08
CA SER A 257 11.54 -20.87 23.09
C SER A 257 12.13 -19.52 22.68
N ALA A 259 10.97 -17.31 20.39
CA ALA A 259 9.94 -16.26 20.28
C ALA A 259 9.56 -15.72 21.66
N ARG A 260 9.44 -16.62 22.64
CA ARG A 260 9.11 -16.24 24.02
C ARG A 260 10.22 -15.45 24.72
N ARG A 261 11.44 -15.55 24.20
CA ARG A 261 12.55 -14.72 24.67
C ARG A 261 12.79 -13.50 23.76
N GLY A 262 11.99 -13.39 22.70
CA GLY A 262 12.12 -12.31 21.71
C GLY A 262 13.42 -12.34 20.91
N ILE A 263 13.96 -13.54 20.70
CA ILE A 263 15.15 -13.74 19.85
C ILE A 263 14.67 -14.04 18.43
N GLU A 264 15.29 -13.40 17.44
CA GLU A 264 14.85 -13.50 16.04
C GLU A 264 15.90 -14.06 15.09
N SER A 265 15.45 -14.42 13.88
CA SER A 265 16.31 -14.81 12.75
C SER A 265 15.61 -14.43 11.42
N PRO A 266 16.38 -14.04 10.37
CA PRO A 266 15.79 -13.54 9.11
C PRO A 266 14.94 -14.54 8.33
N PRO A 277 5.84 -5.53 7.22
CA PRO A 277 6.52 -4.51 8.03
C PRO A 277 5.79 -4.21 9.35
N GLY A 278 4.47 -3.99 9.28
CA GLY A 278 3.60 -3.85 10.45
C GLY A 278 3.12 -5.21 10.93
N LYS A 279 2.72 -5.27 12.20
CA LYS A 279 2.37 -6.52 12.88
C LYS A 279 1.15 -7.22 12.26
N LEU A 280 1.38 -8.45 11.86
CA LEU A 280 0.36 -9.27 11.26
C LEU A 280 -0.57 -9.87 12.31
N THR A 281 -1.78 -10.20 11.88
CA THR A 281 -2.74 -10.91 12.69
C THR A 281 -2.56 -12.44 12.45
N PRO A 282 -2.88 -13.29 13.46
CA PRO A 282 -2.78 -14.74 13.25
C PRO A 282 -3.58 -15.24 12.04
N GLU A 283 -4.79 -14.72 11.85
CA GLU A 283 -5.64 -15.18 10.74
C GLU A 283 -5.14 -14.71 9.36
N ARG A 284 -4.54 -13.53 9.30
CA ARG A 284 -3.90 -13.07 8.06
C ARG A 284 -2.62 -13.85 7.74
N LEU A 285 -1.83 -14.18 8.77
CA LEU A 285 -0.65 -15.03 8.56
C LEU A 285 -1.07 -16.36 7.92
N LYS A 286 -2.13 -16.97 8.46
CA LYS A 286 -2.77 -18.16 7.89
C LYS A 286 -3.12 -18.00 6.40
N ARG A 287 -3.77 -16.89 6.06
CA ARG A 287 -4.19 -16.59 4.68
C ARG A 287 -3.03 -16.38 3.72
N LEU A 288 -1.97 -15.72 4.19
CA LEU A 288 -0.74 -15.56 3.42
C LEU A 288 0.02 -16.89 3.24
N ASN A 289 -0.27 -17.85 4.11
CA ASN A 289 0.38 -19.17 4.08
C ASN A 289 -0.59 -20.33 3.90
N ARG A 290 -1.59 -20.10 3.04
CA ARG A 290 -2.66 -21.06 2.74
C ARG A 290 -2.17 -22.45 2.30
N HIS A 291 -1.05 -22.47 1.57
CA HIS A 291 -0.42 -23.72 1.14
C HIS A 291 -0.02 -24.65 2.31
N TRP A 292 0.39 -24.05 3.42
CA TRP A 292 0.69 -24.80 4.65
C TRP A 292 -0.55 -25.22 5.43
N PHE A 293 -1.58 -24.38 5.42
CA PHE A 293 -2.78 -24.59 6.25
C PHE A 293 -3.94 -25.27 5.54
N GLU A 294 -3.81 -25.48 4.22
CA GLU A 294 -4.80 -26.22 3.45
C GLU A 294 -4.14 -27.41 2.71
N PRO A 295 -3.84 -28.51 3.46
CA PRO A 295 -3.11 -29.64 2.86
C PRO A 295 -3.87 -30.33 1.72
N GLU A 296 -3.13 -30.80 0.71
CA GLU A 296 -3.69 -31.59 -0.39
C GLU A 296 -3.45 -33.07 -0.11
N GLY A 297 -4.45 -33.74 0.45
CA GLY A 297 -4.38 -35.17 0.75
C GLY A 297 -3.82 -35.52 2.11
N THR A 298 -3.71 -36.82 2.37
CA THR A 298 -3.20 -37.32 3.65
C THR A 298 -2.30 -38.53 3.44
N VAL A 299 -1.24 -38.63 4.25
CA VAL A 299 -0.29 -39.75 4.19
C VAL A 299 -0.16 -40.38 5.59
N GLU A 300 -0.23 -41.70 5.63
CA GLU A 300 -0.02 -42.47 6.86
C GLU A 300 1.45 -42.80 7.00
N ILE A 301 2.03 -42.54 8.18
CA ILE A 301 3.48 -42.72 8.38
C ILE A 301 3.96 -44.17 8.13
N ASP A 302 3.14 -45.14 8.52
CA ASP A 302 3.45 -46.57 8.36
C ASP A 302 3.51 -47.02 6.90
N ASP A 303 2.89 -46.26 6.00
CA ASP A 303 2.92 -46.55 4.56
C ASP A 303 4.26 -46.19 3.91
N LEU A 304 5.07 -45.37 4.58
CA LEU A 304 6.36 -44.94 4.04
C LEU A 304 7.41 -46.04 4.18
N ASP A 305 7.96 -46.47 3.03
CA ASP A 305 9.02 -47.48 2.98
C ASP A 305 10.30 -46.97 3.62
N ARG A 306 10.98 -47.84 4.38
CA ARG A 306 12.36 -47.58 4.79
C ARG A 306 13.29 -48.09 3.71
N VAL A 307 13.74 -47.19 2.85
CA VAL A 307 14.59 -47.53 1.70
C VAL A 307 16.03 -47.69 2.18
N ILE A 308 16.50 -46.71 2.96
CA ILE A 308 17.84 -46.70 3.52
C ILE A 308 17.75 -47.07 5.01
N THR A 309 18.15 -48.30 5.32
CA THR A 309 18.17 -48.79 6.69
C THR A 309 19.57 -48.57 7.23
N THR A 310 19.65 -48.33 8.52
CA THR A 310 20.83 -47.71 9.10
C THR A 310 21.68 -48.71 9.88
N GLY A 311 22.77 -49.13 9.23
CA GLY A 311 23.75 -50.01 9.84
C GLY A 311 24.93 -49.20 10.37
N SER A 312 25.92 -49.01 9.49
CA SER A 312 27.11 -48.29 9.87
C SER A 312 27.08 -46.86 9.33
N LEU A 313 27.84 -46.00 10.00
CA LEU A 313 27.94 -44.59 9.65
C LEU A 313 28.52 -44.37 8.25
N GLU A 314 29.53 -45.17 7.90
CA GLU A 314 30.21 -45.10 6.60
C GLU A 314 29.28 -45.43 5.44
N LYS A 315 28.52 -46.51 5.60
CA LYS A 315 27.53 -47.00 4.63
C LYS A 315 26.39 -45.98 4.47
N LEU A 316 25.90 -45.46 5.59
CA LEU A 316 24.82 -44.47 5.57
C LEU A 316 25.23 -43.22 4.80
N THR A 317 26.44 -42.73 5.08
CA THR A 317 27.05 -41.59 4.37
C THR A 317 27.11 -41.85 2.86
N GLU A 318 27.69 -42.98 2.48
CA GLU A 318 27.81 -43.39 1.08
C GLU A 318 26.45 -43.45 0.38
N GLU A 319 25.48 -44.12 1.00
CA GLU A 319 24.13 -44.26 0.44
C GLU A 319 23.38 -42.94 0.29
N LEU A 320 23.50 -42.06 1.29
CA LEU A 320 22.91 -40.71 1.21
C LEU A 320 23.53 -39.89 0.09
N VAL A 321 24.86 -39.92 -0.01
CA VAL A 321 25.59 -39.19 -1.07
C VAL A 321 25.16 -39.67 -2.47
N GLU A 322 25.07 -40.99 -2.63
CA GLU A 322 24.64 -41.61 -3.89
C GLU A 322 23.27 -41.11 -4.33
N ARG A 323 22.31 -41.12 -3.40
CA ARG A 323 20.93 -40.69 -3.67
C ARG A 323 20.81 -39.21 -4.05
N VAL A 324 21.58 -38.36 -3.36
CA VAL A 324 21.66 -36.94 -3.71
C VAL A 324 22.34 -36.73 -5.08
N ALA A 325 23.44 -37.45 -5.33
CA ALA A 325 24.10 -37.40 -6.64
C ALA A 325 23.19 -37.82 -7.80
N GLU A 326 22.23 -38.72 -7.53
CA GLU A 326 21.28 -39.21 -8.53
C GLU A 326 20.09 -38.28 -8.79
N ALA A 327 19.91 -37.28 -7.92
CA ALA A 327 18.67 -36.51 -7.84
C ALA A 327 18.52 -35.43 -8.90
N GLY A 328 19.56 -35.19 -9.71
CA GLY A 328 19.54 -34.08 -10.67
C GLY A 328 19.73 -32.74 -10.01
N LEU A 329 20.47 -32.73 -8.90
CA LEU A 329 20.70 -31.51 -8.10
C LEU A 329 22.15 -31.03 -8.13
N GLY A 330 22.90 -31.45 -9.16
CA GLY A 330 24.30 -31.05 -9.33
C GLY A 330 25.25 -31.85 -8.47
N LYS A 331 26.40 -31.24 -8.16
CA LYS A 331 27.50 -31.90 -7.45
C LYS A 331 27.31 -31.87 -5.93
N VAL A 332 27.77 -32.93 -5.27
CA VAL A 332 27.77 -33.02 -3.79
C VAL A 332 29.19 -32.74 -3.32
N ILE A 333 29.39 -31.56 -2.73
CA ILE A 333 30.72 -31.12 -2.29
C ILE A 333 30.80 -31.02 -0.75
N GLU A 334 31.90 -31.54 -0.20
CA GLU A 334 32.23 -31.41 1.22
C GLU A 334 33.49 -30.54 1.39
N VAL A 335 33.40 -29.56 2.29
CA VAL A 335 34.56 -28.75 2.68
C VAL A 335 34.83 -28.96 4.17
N ASP A 336 36.05 -29.37 4.47
CA ASP A 336 36.50 -29.60 5.84
C ASP A 336 36.68 -28.27 6.58
N LEU A 337 36.00 -28.12 7.73
CA LEU A 337 36.11 -26.91 8.56
C LEU A 337 36.60 -27.15 9.98
N THR A 338 37.09 -28.36 10.24
CA THR A 338 37.69 -28.74 11.51
C THR A 338 38.75 -27.72 11.91
N LEU A 339 38.59 -27.14 13.10
CA LEU A 339 39.60 -26.24 13.65
C LEU A 339 40.77 -27.07 14.18
N GLU A 340 41.99 -26.59 13.96
CA GLU A 340 43.20 -27.28 14.42
C GLU A 340 43.22 -27.46 15.94
N ASN A 341 42.96 -26.37 16.67
CA ASN A 341 42.98 -26.38 18.15
C ASN A 341 41.84 -27.25 18.74
N LEU A 342 40.59 -26.95 18.39
CA LEU A 342 39.47 -27.80 18.75
C LEU A 342 39.44 -28.98 17.80
N ASP A 343 39.77 -30.17 18.30
CA ASP A 343 39.72 -31.36 17.45
C ASP A 343 38.28 -31.85 17.30
N VAL A 344 37.43 -31.03 16.67
CA VAL A 344 36.01 -31.34 16.47
C VAL A 344 35.73 -31.30 14.98
N PRO A 345 35.32 -32.45 14.39
CA PRO A 345 34.94 -32.48 12.99
C PRO A 345 33.79 -31.54 12.67
N VAL A 346 34.04 -30.59 11.76
CA VAL A 346 33.00 -29.70 11.22
C VAL A 346 33.15 -29.72 9.71
N VAL A 347 32.01 -29.74 9.00
CA VAL A 347 32.00 -29.66 7.55
C VAL A 347 30.98 -28.64 7.03
N ARG A 348 31.24 -28.18 5.82
CA ARG A 348 30.24 -27.52 5.02
C ARG A 348 29.93 -28.40 3.81
N VAL A 349 28.67 -28.80 3.70
CA VAL A 349 28.17 -29.57 2.56
C VAL A 349 27.45 -28.59 1.64
N ARG A 350 27.84 -28.58 0.38
CA ARG A 350 27.14 -27.83 -0.66
C ARG A 350 26.67 -28.80 -1.74
N VAL A 351 25.42 -28.64 -2.17
CA VAL A 351 24.89 -29.38 -3.32
C VAL A 351 24.59 -28.33 -4.38
N THR A 352 25.36 -28.35 -5.47
CA THR A 352 25.47 -27.18 -6.39
C THR A 352 24.19 -26.72 -7.07
N GLY A 353 23.26 -27.65 -7.28
CA GLY A 353 21.96 -27.32 -7.88
C GLY A 353 20.76 -27.58 -6.98
N ALA A 354 20.99 -27.80 -5.68
CA ALA A 354 19.89 -27.87 -4.69
C ALA A 354 19.35 -26.48 -4.45
N SER A 355 18.04 -26.36 -4.28
CA SER A 355 17.43 -25.05 -4.08
C SER A 355 17.64 -24.54 -2.66
N GLU A 356 18.00 -23.26 -2.56
CA GLU A 356 18.10 -22.56 -1.29
C GLU A 356 17.24 -21.28 -1.32
N TYR A 357 16.15 -21.36 -2.08
CA TYR A 357 15.15 -20.29 -2.25
C TYR A 357 14.65 -19.68 -0.94
N VAL A 358 14.42 -20.54 0.07
CA VAL A 358 13.98 -20.11 1.41
C VAL A 358 15.01 -19.25 2.16
N ILE A 359 16.28 -19.37 1.78
CA ILE A 359 17.36 -18.55 2.33
C ILE A 359 17.55 -17.26 1.52
N ASP A 360 17.59 -17.38 0.20
CA ASP A 360 17.75 -16.25 -0.70
C ASP A 360 17.01 -16.54 -2.01
N GLU A 361 16.19 -15.58 -2.45
CA GLU A 361 15.39 -15.73 -3.67
C GLU A 361 16.23 -15.98 -4.92
N ALA A 362 17.47 -15.49 -4.90
CA ALA A 362 18.40 -15.70 -6.01
C ALA A 362 19.03 -17.11 -6.05
N ARG A 363 18.94 -17.86 -4.95
CA ARG A 363 19.54 -19.20 -4.87
C ARG A 363 18.53 -20.28 -5.28
N VAL A 364 17.96 -20.09 -6.48
CA VAL A 364 16.90 -20.92 -7.05
C VAL A 364 17.32 -22.39 -7.18
N GLY A 365 18.55 -22.61 -7.61
CA GLY A 365 19.04 -23.96 -7.93
C GLY A 365 18.37 -24.54 -9.16
N ASN A 366 18.53 -25.85 -9.37
CA ASN A 366 17.90 -26.55 -10.49
C ASN A 366 16.40 -26.67 -10.25
N PRO A 368 12.55 -27.31 -12.01
CA PRO A 368 11.77 -27.67 -13.20
C PRO A 368 10.71 -26.60 -13.52
N GLU A 369 10.18 -26.64 -14.73
CA GLU A 369 9.13 -25.70 -15.18
C GLU A 369 7.79 -25.91 -14.47
N LYS A 370 7.52 -27.15 -14.05
CA LYS A 370 6.26 -27.56 -13.42
C LYS A 370 6.49 -28.13 -12.00
N PRO A 371 5.52 -27.95 -11.06
CA PRO A 371 5.61 -28.62 -9.75
C PRO A 371 5.67 -30.16 -9.86
N PRO A 372 6.56 -30.81 -9.07
CA PRO A 372 6.68 -32.28 -9.08
C PRO A 372 5.41 -32.97 -8.57
N GLY A 373 4.65 -33.58 -9.49
CA GLY A 373 3.37 -34.22 -9.18
C GLY A 373 3.54 -35.56 -8.46
N THR B 2 -8.43 -5.05 -42.37
CA THR B 2 -8.79 -4.30 -41.17
C THR B 2 -10.31 -4.22 -41.01
N ASP B 3 -10.80 -4.80 -39.91
CA ASP B 3 -12.22 -4.82 -39.60
C ASP B 3 -12.75 -3.43 -39.29
N ILE B 4 -13.92 -3.13 -39.85
CA ILE B 4 -14.70 -1.97 -39.44
C ILE B 4 -15.45 -2.38 -38.16
N VAL B 5 -15.03 -1.84 -37.02
CA VAL B 5 -15.65 -2.18 -35.73
C VAL B 5 -16.74 -1.17 -35.33
N TYR B 6 -16.81 -0.06 -36.06
CA TYR B 6 -17.69 1.05 -35.73
C TYR B 6 -18.17 1.70 -37.02
N ASP B 7 -19.49 1.86 -37.14
CA ASP B 7 -20.08 2.39 -38.36
C ASP B 7 -21.31 3.24 -38.07
N VAL B 8 -21.22 4.06 -37.02
CA VAL B 8 -22.31 4.96 -36.67
C VAL B 8 -22.18 6.26 -37.49
N GLU B 9 -21.27 7.15 -37.11
CA GLU B 9 -21.08 8.44 -37.79
C GLU B 9 -20.16 8.30 -39.00
N GLY B 10 -19.40 7.20 -39.02
CA GLY B 10 -18.47 6.90 -40.09
C GLY B 10 -17.85 5.52 -39.91
N PHE B 11 -16.99 5.15 -40.85
CA PHE B 11 -16.39 3.82 -40.88
C PHE B 11 -15.04 3.84 -40.18
N ARG B 12 -14.99 3.21 -39.02
CA ARG B 12 -13.80 3.29 -38.16
C ARG B 12 -13.24 1.93 -37.74
N ALA B 13 -11.91 1.87 -37.65
CA ALA B 13 -11.21 0.65 -37.20
C ALA B 13 -11.12 0.53 -35.69
N PHE B 14 -11.48 1.61 -34.99
CA PHE B 14 -11.41 1.68 -33.54
C PHE B 14 -12.71 2.24 -32.97
N LEU B 15 -13.03 1.85 -31.72
CA LEU B 15 -14.13 2.48 -31.00
C LEU B 15 -13.76 3.91 -30.59
N PRO B 16 -14.73 4.86 -30.66
CA PRO B 16 -14.48 6.25 -30.26
C PRO B 16 -13.81 6.39 -28.87
N LYS B 17 -14.24 5.59 -27.90
CA LYS B 17 -13.64 5.62 -26.53
C LYS B 17 -12.15 5.30 -26.56
N GLU B 18 -11.75 4.34 -27.41
CA GLU B 18 -10.34 3.97 -27.60
C GLU B 18 -9.58 5.12 -28.27
N THR B 19 -10.22 5.73 -29.27
CA THR B 19 -9.64 6.83 -30.01
C THR B 19 -9.52 8.11 -29.16
N LEU B 20 -10.51 8.40 -28.32
CA LEU B 20 -10.42 9.57 -27.43
C LEU B 20 -9.28 9.36 -26.41
N ARG B 21 -9.17 8.15 -25.88
CA ARG B 21 -8.06 7.75 -25.00
C ARG B 21 -6.71 8.01 -25.69
N TRP B 22 -6.62 7.58 -26.95
CA TRP B 22 -5.45 7.77 -27.83
C TRP B 22 -5.12 9.24 -28.11
N ILE B 23 -6.15 10.03 -28.44
CA ILE B 23 -6.04 11.48 -28.64
C ILE B 23 -5.51 12.19 -27.38
N ARG B 24 -6.04 11.81 -26.23
CA ARG B 24 -5.60 12.41 -24.96
C ARG B 24 -4.17 12.03 -24.58
N HIS B 25 -3.80 10.76 -24.80
CA HIS B 25 -2.45 10.26 -24.50
C HIS B 25 -1.38 11.00 -25.32
N ARG B 26 -1.67 11.22 -26.60
CA ARG B 26 -0.77 11.90 -27.53
C ARG B 26 -0.84 13.42 -27.45
N GLU B 27 -1.74 13.95 -26.64
CA GLU B 27 -1.92 15.40 -26.42
C GLU B 27 -2.13 16.19 -27.73
N LEU B 28 -2.86 15.58 -28.66
CA LEU B 28 -3.07 16.14 -30.00
C LEU B 28 -3.65 17.54 -30.00
N GLU B 29 -4.64 17.79 -29.15
CA GLU B 29 -5.34 19.09 -29.15
C GLU B 29 -4.45 20.25 -28.77
N ARG B 30 -3.67 20.04 -27.70
CA ARG B 30 -2.63 21.00 -27.29
C ARG B 30 -1.61 21.24 -28.41
N LYS B 31 -1.06 20.15 -28.97
CA LYS B 31 0.02 20.25 -29.99
C LYS B 31 -0.43 20.92 -31.28
N VAL B 32 -1.75 20.96 -31.48
CA VAL B 32 -2.37 21.46 -32.69
C VAL B 32 -2.89 22.89 -32.50
N GLY B 33 -2.76 23.39 -31.27
CA GLY B 33 -3.05 24.77 -30.95
C GLY B 33 -4.43 25.08 -30.39
N VAL B 34 -5.11 24.08 -29.81
CA VAL B 34 -6.43 24.34 -29.20
C VAL B 34 -6.23 25.13 -27.91
N VAL B 35 -6.89 26.29 -27.84
CA VAL B 35 -6.79 27.21 -26.69
C VAL B 35 -8.10 27.31 -25.89
N GLU B 36 -9.23 26.95 -26.51
CA GLU B 36 -10.50 26.93 -25.81
C GLU B 36 -11.42 25.82 -26.30
N LYS B 37 -12.17 25.24 -25.36
CA LYS B 37 -13.13 24.17 -25.62
C LYS B 37 -14.49 24.56 -25.09
N PHE B 38 -15.54 24.18 -25.82
CA PHE B 38 -16.92 24.38 -25.40
C PHE B 38 -17.72 23.12 -25.67
N SER B 39 -18.70 22.86 -24.81
CA SER B 39 -19.60 21.72 -24.98
C SER B 39 -21.03 22.20 -25.00
N ASP B 40 -21.70 21.95 -26.12
CA ASP B 40 -23.13 22.27 -26.29
C ASP B 40 -23.93 20.99 -26.41
N ARG B 41 -25.25 21.11 -26.30
CA ARG B 41 -26.16 20.00 -26.55
C ARG B 41 -27.35 20.60 -27.26
N VAL B 42 -27.58 20.13 -28.48
CA VAL B 42 -28.70 20.60 -29.31
C VAL B 42 -29.72 19.48 -29.36
N GLY B 43 -30.84 19.67 -28.66
CA GLY B 43 -31.78 18.57 -28.39
C GLY B 43 -30.99 17.42 -27.79
N PRO B 44 -31.03 16.23 -28.42
CA PRO B 44 -30.29 15.10 -27.83
C PRO B 44 -28.81 15.01 -28.27
N ILE B 45 -28.39 15.89 -29.19
CA ILE B 45 -27.06 15.79 -29.83
C ILE B 45 -25.98 16.63 -29.17
N PRO B 46 -24.91 15.97 -28.67
CA PRO B 46 -23.75 16.68 -28.16
C PRO B 46 -22.94 17.33 -29.31
N VAL B 47 -22.60 18.60 -29.14
CA VAL B 47 -21.79 19.36 -30.09
C VAL B 47 -20.57 19.89 -29.33
N GLU B 48 -19.43 19.89 -30.00
CA GLU B 48 -18.19 20.39 -29.40
C GLU B 48 -17.64 21.53 -30.24
N ILE B 49 -17.19 22.59 -29.57
CA ILE B 49 -16.60 23.72 -30.28
C ILE B 49 -15.18 23.97 -29.78
N ARG B 50 -14.27 24.23 -30.71
CA ARG B 50 -12.88 24.45 -30.40
C ARG B 50 -12.41 25.79 -30.94
N ARG B 51 -11.66 26.53 -30.12
CA ARG B 51 -10.95 27.71 -30.61
C ARG B 51 -9.49 27.29 -30.75
N ARG B 52 -8.97 27.43 -31.97
CA ARG B 52 -7.63 26.96 -32.31
C ARG B 52 -6.81 28.14 -32.82
N ARG B 53 -5.59 28.26 -32.32
CA ARG B 53 -4.66 29.31 -32.75
C ARG B 53 -3.42 28.73 -33.35
N SER B 54 -2.97 29.31 -34.45
CA SER B 54 -1.69 28.99 -35.07
C SER B 54 -1.15 30.23 -35.76
N GLN B 55 0.02 30.09 -36.37
CA GLN B 55 0.63 31.19 -37.13
C GLN B 55 -0.19 31.61 -38.35
N TYR B 56 -1.08 30.73 -38.82
CA TYR B 56 -1.97 31.03 -39.94
C TYR B 56 -3.31 31.64 -39.50
N GLY B 57 -3.48 31.87 -38.19
CA GLY B 57 -4.64 32.58 -37.63
C GLY B 57 -5.39 31.92 -36.49
N GLU B 58 -6.57 32.47 -36.19
CA GLU B 58 -7.49 31.92 -35.19
C GLU B 58 -8.74 31.35 -35.86
N PHE B 59 -9.09 30.13 -35.47
CA PHE B 59 -10.18 29.38 -36.10
C PHE B 59 -11.16 28.81 -35.07
N TYR B 60 -12.44 28.75 -35.44
CA TYR B 60 -13.40 27.91 -34.72
C TYR B 60 -13.59 26.60 -35.48
N HIS B 61 -13.45 25.49 -34.77
CA HIS B 61 -13.79 24.16 -35.31
C HIS B 61 -14.86 23.50 -34.46
N ALA B 62 -15.56 22.54 -35.05
CA ALA B 62 -16.65 21.87 -34.35
C ALA B 62 -16.59 20.36 -34.51
N GLY B 63 -17.10 19.68 -33.50
CA GLY B 63 -17.31 18.25 -33.58
C GLY B 63 -18.74 17.97 -33.21
N LYS B 64 -19.20 16.76 -33.49
CA LYS B 64 -20.53 16.31 -33.07
C LYS B 64 -20.58 14.80 -33.17
N GLY B 65 -21.61 14.22 -32.54
CA GLY B 65 -21.76 12.78 -32.54
C GLY B 65 -23.06 12.40 -31.86
N THR B 66 -23.38 11.11 -31.91
CA THR B 66 -24.47 10.56 -31.15
C THR B 66 -24.09 10.49 -29.66
N THR B 67 -22.79 10.43 -29.37
CA THR B 67 -22.31 10.39 -27.98
C THR B 67 -21.36 11.56 -27.71
N ARG B 68 -21.20 11.92 -26.44
CA ARG B 68 -20.26 12.95 -26.03
C ARG B 68 -18.81 12.59 -26.39
N ILE B 69 -18.46 11.31 -26.25
CA ILE B 69 -17.15 10.81 -26.63
C ILE B 69 -16.88 11.08 -28.12
N GLN B 70 -17.78 10.62 -29.00
CA GLN B 70 -17.61 10.81 -30.45
C GLN B 70 -17.58 12.30 -30.83
N ALA B 71 -18.41 13.11 -30.19
CA ALA B 71 -18.33 14.57 -30.39
C ALA B 71 -16.95 15.14 -30.07
N ARG B 72 -16.31 14.60 -29.03
CA ARG B 72 -14.99 15.06 -28.62
C ARG B 72 -13.88 14.55 -29.53
N VAL B 73 -13.98 13.32 -30.01
CA VAL B 73 -13.00 12.85 -31.02
C VAL B 73 -13.16 13.61 -32.34
N SER B 74 -14.42 13.81 -32.76
CA SER B 74 -14.75 14.56 -33.98
C SER B 74 -14.13 15.97 -33.94
N ALA B 75 -14.33 16.70 -32.84
CA ALA B 75 -13.77 18.03 -32.65
C ALA B 75 -12.23 18.03 -32.68
N ALA B 76 -11.62 17.12 -31.92
CA ALA B 76 -10.16 16.99 -31.85
C ALA B 76 -9.55 16.69 -33.22
N GLU B 78 -10.89 17.08 -36.20
CA GLU B 78 -11.06 18.24 -37.09
C GLU B 78 -9.98 19.30 -36.85
N CYS B 79 -9.62 19.55 -35.59
CA CYS B 79 -8.47 20.40 -35.27
C CYS B 79 -7.19 19.82 -35.90
N VAL B 80 -7.02 18.51 -35.79
CA VAL B 80 -5.84 17.84 -36.35
C VAL B 80 -5.77 18.00 -37.87
N GLU B 81 -6.91 17.80 -38.57
CA GLU B 81 -6.96 17.88 -40.03
C GLU B 81 -6.59 19.27 -40.56
N ARG B 82 -7.03 20.29 -39.84
CA ARG B 82 -6.83 21.69 -40.25
C ARG B 82 -5.39 22.17 -40.03
N ALA B 83 -4.78 21.75 -38.92
CA ALA B 83 -3.35 22.01 -38.67
C ALA B 83 -2.49 21.36 -39.76
N ALA B 84 -2.86 20.13 -40.14
CA ALA B 84 -2.17 19.39 -41.20
C ALA B 84 -2.32 19.99 -42.60
N ALA B 85 -3.39 20.77 -42.81
CA ALA B 85 -3.68 21.45 -44.09
C ALA B 85 -3.03 22.82 -44.20
N GLU B 86 -2.44 23.31 -43.11
CA GLU B 86 -1.72 24.57 -43.12
C GLU B 86 -0.49 24.43 -44.04
N PRO B 87 -0.25 25.44 -44.92
CA PRO B 87 0.90 25.46 -45.84
C PRO B 87 2.19 24.94 -45.25
N ARG B 88 2.88 24.11 -46.01
CA ARG B 88 4.05 23.41 -45.54
C ARG B 88 5.07 23.32 -46.66
N GLU B 89 6.11 24.15 -46.56
CA GLU B 89 7.15 24.30 -47.59
C GLU B 89 7.86 22.97 -47.95
N GLU B 90 8.10 22.11 -46.96
CA GLU B 90 8.75 20.79 -47.14
C GLU B 90 8.17 19.94 -48.28
N ILE B 91 6.86 20.03 -48.48
CA ILE B 91 6.16 19.23 -49.49
C ILE B 91 5.69 20.04 -50.70
N ILE B 92 6.12 21.31 -50.79
CA ILE B 92 5.89 22.12 -51.99
C ILE B 92 6.98 21.85 -53.03
N GLU B 93 6.56 21.75 -54.29
CA GLU B 93 7.47 21.63 -55.43
C GLU B 93 7.16 22.70 -56.47
N ARG B 94 8.21 23.33 -56.99
CA ARG B 94 8.06 24.41 -57.97
C ARG B 94 8.55 24.03 -59.37
N GLY B 95 9.48 23.08 -59.45
CA GLY B 95 9.89 22.51 -60.73
C GLY B 95 9.47 21.04 -60.83
N PRO B 96 8.15 20.75 -60.96
CA PRO B 96 7.69 19.37 -60.85
C PRO B 96 7.82 18.57 -62.16
N GLU B 97 8.29 17.33 -62.03
CA GLU B 97 8.46 16.44 -63.17
C GLU B 97 7.43 15.32 -63.14
N GLY B 98 6.57 15.28 -64.15
CA GLY B 98 5.50 14.29 -64.25
C GLY B 98 4.13 14.88 -64.53
N ASP B 99 3.11 14.04 -64.45
CA ASP B 99 1.72 14.45 -64.65
C ASP B 99 1.27 15.55 -63.67
N LYS B 100 0.52 16.50 -64.18
CA LYS B 100 0.00 17.63 -63.41
C LYS B 100 -1.51 17.70 -63.60
N TRP B 101 -2.21 18.17 -62.57
CA TRP B 101 -3.58 18.57 -62.74
C TRP B 101 -3.64 20.09 -62.73
N THR B 102 -3.93 20.67 -63.88
CA THR B 102 -4.16 22.09 -63.99
C THR B 102 -5.66 22.31 -64.21
N PRO B 103 -6.39 22.76 -63.15
CA PRO B 103 -7.83 23.00 -63.27
C PRO B 103 -8.17 24.05 -64.33
N ALA B 104 -9.34 23.91 -64.94
CA ALA B 104 -9.76 24.74 -66.08
C ALA B 104 -9.77 26.24 -65.82
N TRP B 105 -10.07 26.67 -64.61
CA TRP B 105 -10.16 28.09 -64.27
C TRP B 105 -8.84 28.84 -64.23
N TYR B 106 -7.73 28.12 -64.13
CA TYR B 106 -6.41 28.73 -64.16
C TYR B 106 -6.09 29.36 -65.51
N ARG B 107 -6.11 30.70 -65.52
CA ARG B 107 -5.73 31.49 -66.69
C ARG B 107 -4.21 31.44 -66.89
N THR B 108 -3.50 31.35 -65.77
CA THR B 108 -2.05 31.17 -65.77
C THR B 108 -1.65 29.85 -65.08
N GLU B 109 -0.55 29.26 -65.56
CA GLU B 109 0.05 28.06 -64.97
C GLU B 109 0.35 28.26 -63.46
N PRO B 110 -0.12 27.33 -62.60
CA PRO B 110 0.23 27.39 -61.17
C PRO B 110 1.72 27.20 -60.94
N ARG B 111 2.27 27.95 -59.97
CA ARG B 111 3.70 27.91 -59.67
C ARG B 111 4.07 27.02 -58.47
N GLU B 112 3.10 26.71 -57.62
CA GLU B 112 3.33 25.86 -56.46
C GLU B 112 2.48 24.60 -56.52
N TRP B 113 3.13 23.46 -56.31
CA TRP B 113 2.54 22.14 -56.50
C TRP B 113 2.83 21.23 -55.31
N VAL B 114 1.97 20.22 -55.15
CA VAL B 114 2.16 19.16 -54.14
C VAL B 114 1.90 17.82 -54.83
N GLU B 115 2.77 16.84 -54.55
CA GLU B 115 2.68 15.52 -55.13
C GLU B 115 1.54 14.71 -54.51
N GLY B 116 0.64 14.25 -55.38
CA GLY B 116 -0.42 13.32 -55.00
C GLY B 116 -0.28 11.97 -55.67
N VAL B 117 -1.22 11.07 -55.36
CA VAL B 117 -1.32 9.75 -56.01
C VAL B 117 -2.69 9.65 -56.68
N ASP B 118 -2.69 9.26 -57.95
CA ASP B 118 -3.91 8.95 -58.70
C ASP B 118 -4.41 7.62 -58.13
N LEU B 119 -5.59 7.61 -57.50
CA LEU B 119 -6.03 6.39 -56.81
C LEU B 119 -6.50 5.26 -57.75
N THR B 120 -6.67 5.57 -59.02
CA THR B 120 -7.02 4.56 -60.04
C THR B 120 -5.76 3.91 -60.59
N THR B 121 -4.83 4.72 -61.10
CA THR B 121 -3.64 4.21 -61.80
C THR B 121 -2.46 3.92 -60.88
N ARG B 122 -2.51 4.46 -59.65
CA ARG B 122 -1.42 4.38 -58.65
C ARG B 122 -0.17 5.18 -59.06
N GLU B 123 -0.31 6.02 -60.09
CA GLU B 123 0.77 6.88 -60.59
C GLU B 123 0.82 8.22 -59.82
N PRO B 124 2.04 8.82 -59.70
CA PRO B 124 2.16 10.20 -59.17
C PRO B 124 1.43 11.22 -60.05
N VAL B 125 0.83 12.21 -59.42
CA VAL B 125 0.24 13.36 -60.11
C VAL B 125 0.35 14.60 -59.22
N TYR B 126 0.77 15.73 -59.80
CA TYR B 126 0.90 16.98 -59.06
C TYR B 126 -0.39 17.78 -59.06
N VAL B 127 -0.68 18.37 -57.90
CA VAL B 127 -1.89 19.15 -57.66
C VAL B 127 -1.44 20.57 -57.24
N PRO B 128 -2.13 21.64 -57.68
CA PRO B 128 -1.72 22.97 -57.19
C PRO B 128 -1.81 23.05 -55.66
N ALA B 129 -0.89 23.81 -55.07
CA ALA B 129 -0.90 24.03 -53.61
C ALA B 129 -2.24 24.59 -53.13
N ASN B 130 -2.85 25.45 -53.95
CA ASN B 130 -4.15 26.05 -53.63
C ASN B 130 -5.30 25.02 -53.56
N GLU B 131 -5.06 23.84 -54.13
CA GLU B 131 -6.03 22.75 -54.12
C GLU B 131 -5.70 21.73 -53.04
N VAL B 132 -4.69 22.03 -52.22
CA VAL B 132 -4.23 21.14 -51.17
C VAL B 132 -4.38 21.82 -49.81
N PHE B 133 -3.75 22.98 -49.69
CA PHE B 133 -3.56 23.67 -48.43
C PHE B 133 -4.73 24.59 -48.09
N HIS B 134 -4.86 24.91 -46.80
CA HIS B 134 -5.77 25.95 -46.30
C HIS B 134 -5.21 26.55 -45.00
N PRO B 135 -5.12 27.90 -44.91
CA PRO B 135 -5.37 28.88 -45.97
C PRO B 135 -4.16 29.05 -46.91
N TRP B 136 -4.43 29.13 -48.21
CA TRP B 136 -3.41 29.42 -49.18
C TRP B 136 -3.79 30.73 -49.84
N LEU B 137 -2.99 31.75 -49.57
CA LEU B 137 -3.25 33.13 -50.01
C LEU B 137 -3.08 33.34 -51.51
N GLY B 138 -2.18 32.55 -52.12
CA GLY B 138 -1.90 32.65 -53.56
C GLY B 138 -3.01 32.17 -54.47
N ASP B 139 -2.79 32.35 -55.78
CA ASP B 139 -3.73 32.02 -56.86
C ASP B 139 -5.05 32.80 -56.77
N ALA B 140 -5.92 32.63 -57.77
CA ALA B 140 -7.14 33.45 -57.86
C ALA B 140 -8.18 33.04 -56.82
N LEU B 141 -8.56 31.76 -56.84
CA LEU B 141 -9.71 31.27 -56.06
C LEU B 141 -9.38 31.01 -54.59
N PRO B 142 -10.39 31.16 -53.71
CA PRO B 142 -10.15 30.86 -52.29
C PRO B 142 -9.73 29.42 -52.03
N SER B 143 -8.82 29.29 -51.08
CA SER B 143 -8.50 28.04 -50.43
C SER B 143 -9.76 27.47 -49.73
N HIS B 144 -9.87 26.15 -49.66
CA HIS B 144 -10.96 25.53 -48.88
C HIS B 144 -10.60 24.14 -48.33
N THR B 145 -11.57 23.49 -47.69
CA THR B 145 -11.33 22.25 -46.94
C THR B 145 -12.12 21.02 -47.44
N ASN B 146 -12.76 21.13 -48.61
CA ASN B 146 -13.53 20.00 -49.18
C ASN B 146 -12.60 18.84 -49.52
N GLY B 147 -12.93 17.64 -49.02
CA GLY B 147 -12.10 16.45 -49.24
C GLY B 147 -10.94 16.28 -48.26
N LEU B 148 -10.80 17.24 -47.34
CA LEU B 148 -9.79 17.17 -46.30
C LEU B 148 -10.31 16.32 -45.14
N SER B 149 -9.52 15.38 -44.67
CA SER B 149 -10.00 14.46 -43.62
C SER B 149 -8.89 13.76 -42.84
N ALA B 150 -9.17 13.55 -41.56
CA ALA B 150 -8.28 12.85 -40.65
C ALA B 150 -8.85 11.50 -40.25
N GLY B 151 -7.98 10.59 -39.82
CA GLY B 151 -8.38 9.27 -39.30
C GLY B 151 -7.27 8.60 -38.51
N ARG B 152 -7.60 7.47 -37.87
CA ARG B 152 -6.61 6.62 -37.20
C ARG B 152 -5.77 5.87 -38.22
N LEU B 153 -6.33 5.66 -39.42
CA LEU B 153 -5.66 4.99 -40.54
C LEU B 153 -5.92 5.79 -41.81
N ARG B 154 -5.03 5.66 -42.79
CA ARG B 154 -5.16 6.42 -44.04
C ARG B 154 -6.48 6.08 -44.76
N GLU B 155 -6.91 4.82 -44.67
CA GLU B 155 -8.17 4.36 -45.29
C GLU B 155 -9.41 5.03 -44.69
N GLU B 156 -9.40 5.25 -43.38
CA GLU B 156 -10.48 6.01 -42.72
C GLU B 156 -10.59 7.41 -43.34
N ALA B 157 -9.45 8.08 -43.46
CA ALA B 157 -9.34 9.45 -44.01
C ALA B 157 -9.72 9.56 -45.50
N VAL B 158 -9.28 8.59 -46.30
CA VAL B 158 -9.66 8.54 -47.72
C VAL B 158 -11.18 8.35 -47.90
N ILE B 159 -11.75 7.36 -47.23
CA ILE B 159 -13.20 7.12 -47.25
C ILE B 159 -13.99 8.40 -46.90
N GLN B 160 -13.64 8.99 -45.75
CA GLN B 160 -14.29 10.21 -45.29
C GLN B 160 -14.17 11.36 -46.30
N GLY B 161 -12.95 11.60 -46.78
CA GLY B 161 -12.68 12.67 -47.73
C GLY B 161 -13.39 12.49 -49.07
N LEU B 162 -13.44 11.25 -49.54
CA LEU B 162 -14.08 10.93 -50.82
C LEU B 162 -15.60 11.06 -50.73
N LEU B 163 -16.19 10.57 -49.64
CA LEU B 163 -17.62 10.72 -49.39
C LEU B 163 -18.04 12.20 -49.30
N GLU B 164 -17.20 13.01 -48.65
CA GLU B 164 -17.41 14.46 -48.61
C GLU B 164 -17.42 15.11 -49.99
N VAL B 165 -16.50 14.66 -50.85
CA VAL B 165 -16.44 15.17 -52.22
C VAL B 165 -17.74 14.84 -52.96
N VAL B 166 -18.20 13.59 -52.83
CA VAL B 166 -19.46 13.13 -53.43
C VAL B 166 -20.64 13.95 -52.89
N GLU B 167 -20.64 14.15 -51.57
CA GLU B 167 -21.66 14.92 -50.89
C GLU B 167 -21.84 16.32 -51.52
N ARG B 168 -20.73 17.05 -51.67
CA ARG B 168 -20.75 18.42 -52.20
C ARG B 168 -21.02 18.46 -53.70
N ASP B 169 -20.68 17.36 -54.39
CA ASP B 169 -21.01 17.22 -55.82
C ASP B 169 -22.53 17.14 -56.01
N SER B 170 -23.20 16.29 -55.22
CA SER B 170 -24.67 16.19 -55.25
C SER B 170 -25.36 17.50 -54.86
N TRP B 171 -24.86 18.14 -53.81
CA TRP B 171 -25.39 19.42 -53.37
C TRP B 171 -25.17 20.49 -54.46
N SER B 172 -24.00 20.50 -55.08
CA SER B 172 -23.70 21.42 -56.19
C SER B 172 -24.64 21.23 -57.37
N ILE B 173 -24.95 19.98 -57.69
CA ILE B 173 -25.87 19.65 -58.77
C ILE B 173 -27.28 20.19 -58.47
N VAL B 174 -27.71 20.06 -57.23
CA VAL B 174 -29.04 20.54 -56.81
C VAL B 174 -29.10 22.06 -56.93
N GLU B 175 -28.10 22.77 -56.40
CA GLU B 175 -28.05 24.24 -56.47
C GLU B 175 -27.92 24.78 -57.90
N TYR B 176 -27.04 24.17 -58.70
CA TYR B 176 -26.78 24.60 -60.08
C TYR B 176 -28.04 24.58 -60.93
N PHE B 177 -28.80 23.48 -60.85
CA PHE B 177 -30.02 23.30 -61.66
C PHE B 177 -31.31 23.59 -60.90
N ARG B 178 -31.19 24.01 -59.64
CA ARG B 178 -32.36 24.25 -58.77
C ARG B 178 -33.34 23.07 -58.78
N ILE B 179 -32.78 21.86 -58.67
CA ILE B 179 -33.56 20.62 -58.59
C ILE B 179 -34.33 20.62 -57.27
N HIS B 180 -35.52 20.03 -57.30
CA HIS B 180 -36.35 19.82 -56.11
C HIS B 180 -36.18 18.35 -55.71
N PRO B 181 -35.17 18.04 -54.84
CA PRO B 181 -34.99 16.63 -54.46
C PRO B 181 -36.22 16.07 -53.77
N PRO B 182 -36.48 14.75 -53.90
CA PRO B 182 -37.62 14.14 -53.20
C PRO B 182 -37.48 14.17 -51.68
N GLU B 183 -38.60 14.12 -50.96
CA GLU B 183 -38.59 13.88 -49.52
C GLU B 183 -38.08 12.47 -49.24
N LEU B 184 -37.23 12.33 -48.25
CA LEU B 184 -36.81 11.01 -47.78
C LEU B 184 -37.53 10.67 -46.46
N GLU B 185 -38.25 9.56 -46.50
CA GLU B 185 -39.04 9.07 -45.37
C GLU B 185 -38.23 8.08 -44.55
N VAL B 186 -38.12 8.32 -43.25
CA VAL B 186 -37.39 7.42 -42.33
C VAL B 186 -38.28 6.96 -41.16
N HIS B 187 -37.80 5.98 -40.39
CA HIS B 187 -38.55 5.50 -39.23
C HIS B 187 -37.61 5.11 -38.08
N GLY B 188 -38.17 4.48 -37.05
CA GLY B 188 -37.42 4.03 -35.87
C GLY B 188 -36.62 5.16 -35.24
N GLU B 189 -35.34 4.87 -34.97
CA GLU B 189 -34.45 5.81 -34.27
C GLU B 189 -34.11 7.08 -35.06
N LEU B 190 -33.96 6.95 -36.39
CA LEU B 190 -33.68 8.12 -37.23
C LEU B 190 -34.84 9.12 -37.25
N GLU B 191 -36.06 8.59 -37.31
CA GLU B 191 -37.28 9.42 -37.21
C GLU B 191 -37.43 10.08 -35.85
N GLU B 192 -37.09 9.37 -34.79
CA GLU B 192 -37.08 9.95 -33.44
C GLU B 192 -36.05 11.08 -33.30
N LEU B 193 -34.88 10.89 -33.91
CA LEU B 193 -33.86 11.94 -33.93
C LEU B 193 -34.33 13.18 -34.70
N ARG B 194 -34.88 13.02 -35.90
CA ARG B 194 -35.34 14.22 -36.60
C ARG B 194 -36.48 14.95 -35.88
N ARG B 195 -37.41 14.19 -35.29
CA ARG B 195 -38.51 14.75 -34.45
C ARG B 195 -37.95 15.48 -33.23
N SER B 196 -36.97 14.85 -32.58
CA SER B 196 -36.28 15.43 -31.44
C SER B 196 -35.58 16.75 -31.80
N LEU B 197 -34.90 16.80 -32.96
CA LEU B 197 -34.29 18.04 -33.45
C LEU B 197 -35.30 19.08 -33.88
N GLU B 198 -36.43 18.62 -34.38
CA GLU B 198 -37.51 19.48 -34.83
C GLU B 198 -38.11 20.26 -33.66
N ARG B 199 -38.19 19.64 -32.48
CA ARG B 199 -38.56 20.35 -31.24
C ARG B 199 -37.68 21.57 -30.94
N GLU B 200 -36.45 21.60 -31.48
CA GLU B 200 -35.55 22.75 -31.32
C GLU B 200 -35.82 23.92 -32.24
N VAL B 201 -36.36 23.64 -33.43
CA VAL B 201 -36.68 24.67 -34.44
C VAL B 201 -38.16 24.60 -34.83
N GLY B 202 -38.51 25.02 -36.05
CA GLY B 202 -39.87 24.83 -36.55
C GLY B 202 -40.03 23.47 -37.20
N ARG B 203 -39.24 23.23 -38.24
CA ARG B 203 -39.30 21.98 -39.00
C ARG B 203 -37.92 21.43 -39.36
N VAL B 204 -37.80 20.11 -39.42
CA VAL B 204 -36.62 19.43 -39.96
C VAL B 204 -37.05 18.50 -41.10
N GLU B 205 -36.59 18.84 -42.30
CA GLU B 205 -36.98 18.13 -43.52
C GLU B 205 -35.82 17.33 -44.08
N LEU B 206 -36.09 16.07 -44.44
CA LEU B 206 -35.11 15.19 -45.06
C LEU B 206 -35.33 15.07 -46.57
N ARG B 207 -34.23 15.08 -47.31
CA ARG B 207 -34.23 14.94 -48.77
C ARG B 207 -33.19 13.92 -49.20
N LEU B 208 -33.53 13.11 -50.21
CA LEU B 208 -32.54 12.29 -50.91
C LEU B 208 -32.08 13.04 -52.16
N LEU B 209 -30.81 13.43 -52.15
CA LEU B 209 -30.21 14.14 -53.28
C LEU B 209 -29.91 13.16 -54.41
N PRO B 210 -29.93 13.63 -55.68
CA PRO B 210 -29.43 12.79 -56.76
C PRO B 210 -27.92 12.59 -56.60
N SER B 211 -27.48 11.35 -56.61
CA SER B 211 -26.07 11.03 -56.51
C SER B 211 -25.55 10.64 -57.88
N ARG B 212 -24.37 11.18 -58.24
CA ARG B 212 -23.72 10.82 -59.50
C ARG B 212 -22.76 9.62 -59.34
N VAL B 213 -22.62 9.14 -58.11
CA VAL B 213 -21.75 8.00 -57.84
C VAL B 213 -22.62 6.83 -57.41
N GLU B 214 -22.56 5.76 -58.18
CA GLU B 214 -23.37 4.59 -57.89
C GLU B 214 -22.95 3.89 -56.61
N GLY B 215 -23.95 3.56 -55.81
CA GLY B 215 -23.74 2.90 -54.54
C GLY B 215 -23.57 3.88 -53.40
N VAL B 216 -23.47 5.17 -53.71
CA VAL B 216 -23.32 6.20 -52.67
C VAL B 216 -24.59 7.06 -52.57
N TYR B 217 -25.15 7.12 -51.37
CA TYR B 217 -26.35 7.92 -51.12
C TYR B 217 -25.97 9.25 -50.50
N VAL B 218 -26.66 10.31 -50.91
CA VAL B 218 -26.46 11.64 -50.35
C VAL B 218 -27.80 12.15 -49.81
N VAL B 219 -27.81 12.51 -48.53
CA VAL B 219 -29.01 12.98 -47.84
C VAL B 219 -28.80 14.42 -47.39
N GLY B 220 -29.84 15.23 -47.56
CA GLY B 220 -29.87 16.60 -47.06
C GLY B 220 -30.94 16.82 -46.01
N ALA B 221 -30.63 17.67 -45.03
CA ALA B 221 -31.58 18.03 -43.99
C ALA B 221 -31.68 19.54 -43.94
N VAL B 222 -32.92 20.05 -43.97
CA VAL B 222 -33.15 21.49 -44.03
C VAL B 222 -34.10 21.91 -42.90
N THR B 223 -33.86 23.08 -42.31
CA THR B 223 -34.71 23.55 -41.22
C THR B 223 -35.53 24.79 -41.57
N GLU B 224 -36.74 24.81 -41.01
CA GLU B 224 -37.59 25.99 -40.91
C GLU B 224 -37.61 26.45 -39.46
N ALA B 225 -37.42 27.76 -39.22
CA ALA B 225 -37.44 28.34 -37.89
C ALA B 225 -37.98 29.76 -37.90
N GLU B 226 -38.52 30.21 -36.76
CA GLU B 226 -38.97 31.60 -36.62
C GLU B 226 -37.82 32.61 -36.67
N ARG B 227 -36.61 32.16 -36.35
CA ARG B 227 -35.38 32.96 -36.49
C ARG B 227 -34.57 32.49 -37.70
N VAL B 228 -34.15 33.43 -38.54
CA VAL B 228 -33.44 33.13 -39.79
C VAL B 228 -32.08 32.41 -39.56
N GLU B 229 -31.38 32.76 -38.48
CA GLU B 229 -30.09 32.14 -38.08
C GLU B 229 -30.22 30.63 -37.87
N GLU B 230 -31.40 30.20 -37.44
CA GLU B 230 -31.69 28.81 -37.11
C GLU B 230 -32.20 28.01 -38.31
N VAL B 232 -30.93 26.25 -41.08
CA VAL B 232 -29.63 25.71 -41.47
C VAL B 232 -29.82 24.47 -42.34
N GLY B 234 -27.90 20.57 -43.45
CA GLY B 234 -26.91 19.54 -43.14
C GLY B 234 -26.93 18.47 -44.20
N PHE B 235 -25.76 17.86 -44.43
CA PHE B 235 -25.63 16.87 -45.49
C PHE B 235 -24.81 15.69 -45.01
N GLY B 236 -25.07 14.53 -45.61
CA GLY B 236 -24.32 13.32 -45.31
C GLY B 236 -24.28 12.46 -46.55
N ALA B 237 -23.13 11.81 -46.77
CA ALA B 237 -22.97 10.84 -47.85
C ALA B 237 -22.40 9.54 -47.32
N SER B 238 -22.96 8.42 -47.78
CA SER B 238 -22.50 7.08 -47.40
C SER B 238 -23.05 6.02 -48.33
N PRO B 239 -22.30 4.91 -48.54
CA PRO B 239 -22.91 3.71 -49.13
C PRO B 239 -24.06 3.16 -48.25
N ASP B 240 -24.07 3.53 -46.96
CA ASP B 240 -25.13 3.14 -46.05
C ASP B 240 -26.11 4.31 -45.88
N PRO B 241 -27.35 4.19 -46.42
CA PRO B 241 -28.27 5.34 -46.40
C PRO B 241 -28.64 5.82 -44.99
N GLU B 242 -28.63 4.90 -44.01
CA GLU B 242 -28.91 5.25 -42.63
C GLU B 242 -27.84 6.17 -42.04
N ALA B 244 -25.98 8.18 -43.85
CA ALA B 244 -26.13 9.45 -44.58
C ALA B 244 -27.18 10.33 -43.94
N VAL B 245 -28.29 9.73 -43.51
CA VAL B 245 -29.36 10.44 -42.78
C VAL B 245 -28.81 10.95 -41.47
N LEU B 246 -28.19 10.07 -40.69
CA LEU B 246 -27.61 10.46 -39.39
C LEU B 246 -26.63 11.62 -39.53
N ARG B 247 -25.72 11.52 -40.50
CA ARG B 247 -24.75 12.60 -40.76
C ARG B 247 -25.42 13.95 -41.04
N ALA B 248 -26.43 13.94 -41.92
CA ALA B 248 -27.22 15.15 -42.24
C ALA B 248 -27.87 15.78 -40.99
N LEU B 249 -28.47 14.94 -40.14
CA LEU B 249 -29.08 15.41 -38.89
C LEU B 249 -28.06 15.95 -37.88
N LEU B 250 -26.91 15.28 -37.79
CA LEU B 250 -25.82 15.74 -36.93
C LEU B 250 -25.25 17.09 -37.37
N GLU B 251 -25.14 17.29 -38.68
CA GLU B 251 -24.71 18.57 -39.23
C GLU B 251 -25.67 19.71 -38.91
N VAL B 252 -26.97 19.42 -38.96
CA VAL B 252 -28.02 20.38 -38.52
C VAL B 252 -27.79 20.80 -37.07
N ALA B 253 -27.62 19.84 -36.16
CA ALA B 253 -27.37 20.12 -34.75
C ALA B 253 -26.12 20.97 -34.60
N GLN B 254 -25.05 20.58 -35.30
CA GLN B 254 -23.80 21.34 -35.31
C GLN B 254 -24.00 22.79 -35.76
N GLY B 255 -24.71 22.98 -36.88
CA GLY B 255 -25.01 24.30 -37.42
C GLY B 255 -25.84 25.15 -36.47
N LEU B 256 -26.78 24.53 -35.78
CA LEU B 256 -27.59 25.22 -34.77
C LEU B 256 -26.77 25.72 -33.59
N SER B 257 -25.84 24.88 -33.11
CA SER B 257 -24.91 25.26 -32.04
C SER B 257 -24.05 26.46 -32.44
N ALA B 259 -24.64 28.65 -34.91
CA ALA B 259 -25.50 29.83 -35.13
C ALA B 259 -25.90 30.50 -33.81
N ARG B 260 -26.23 29.68 -32.81
CA ARG B 260 -26.57 30.17 -31.46
C ARG B 260 -25.44 30.90 -30.75
N ARG B 261 -24.20 30.59 -31.13
CA ARG B 261 -23.03 31.30 -30.62
C ARG B 261 -22.60 32.45 -31.53
N GLY B 262 -23.33 32.64 -32.63
CA GLY B 262 -23.02 33.65 -33.64
C GLY B 262 -21.72 33.43 -34.39
N ILE B 263 -21.26 32.18 -34.46
CA ILE B 263 -20.05 31.84 -35.22
C ILE B 263 -20.42 31.81 -36.71
N GLU B 264 -19.78 32.67 -37.49
CA GLU B 264 -20.12 32.87 -38.90
C GLU B 264 -19.75 31.67 -39.75
N SER B 265 -20.67 31.23 -40.59
CA SER B 265 -20.42 30.14 -41.54
C SER B 265 -19.94 30.69 -42.90
N PRO B 266 -19.09 29.92 -43.62
CA PRO B 266 -18.68 30.33 -44.97
C PRO B 266 -19.82 30.23 -46.00
N VAL B 267 -20.08 31.34 -46.70
CA VAL B 267 -21.03 31.39 -47.82
C VAL B 267 -20.52 32.30 -48.95
N ARG B 268 -19.89 31.68 -49.96
CA ARG B 268 -19.22 32.41 -51.05
C ARG B 268 -19.76 32.04 -52.44
N LYS B 269 -19.95 33.07 -53.28
CA LYS B 269 -20.49 32.93 -54.63
C LYS B 269 -19.39 32.66 -55.66
N LYS B 279 -30.36 41.57 -43.64
CA LYS B 279 -30.90 40.42 -42.93
C LYS B 279 -32.23 39.95 -43.53
N LEU B 280 -32.25 38.68 -43.93
CA LEU B 280 -33.40 38.03 -44.56
C LEU B 280 -34.47 37.65 -43.53
N THR B 281 -35.72 37.67 -43.96
CA THR B 281 -36.81 37.11 -43.17
C THR B 281 -36.82 35.61 -43.43
N PRO B 282 -37.42 34.82 -42.51
CA PRO B 282 -37.55 33.39 -42.80
C PRO B 282 -38.34 33.11 -44.09
N GLU B 283 -39.39 33.89 -44.32
CA GLU B 283 -40.22 33.79 -45.54
C GLU B 283 -39.43 34.04 -46.81
N ARG B 284 -38.55 35.05 -46.79
CA ARG B 284 -37.67 35.33 -47.93
C ARG B 284 -36.69 34.18 -48.18
N LEU B 285 -36.03 33.71 -47.11
CA LEU B 285 -35.10 32.58 -47.21
C LEU B 285 -35.77 31.33 -47.77
N LYS B 286 -36.99 31.05 -47.28
CA LYS B 286 -37.82 29.93 -47.78
C LYS B 286 -38.12 30.03 -49.27
N ARG B 287 -38.44 31.25 -49.72
CA ARG B 287 -38.72 31.53 -51.13
C ARG B 287 -37.49 31.38 -52.01
N LEU B 288 -36.36 31.96 -51.56
CA LEU B 288 -35.06 31.82 -52.24
C LEU B 288 -34.64 30.36 -52.38
N ASN B 289 -35.04 29.52 -51.43
CA ASN B 289 -34.67 28.11 -51.39
C ASN B 289 -35.88 27.20 -51.53
N ARG B 290 -36.83 27.63 -52.35
CA ARG B 290 -38.10 26.91 -52.56
C ARG B 290 -37.90 25.49 -53.08
N HIS B 291 -36.81 25.29 -53.82
CA HIS B 291 -36.41 23.94 -54.25
C HIS B 291 -36.20 22.93 -53.09
N TRP B 292 -35.71 23.41 -51.94
CA TRP B 292 -35.54 22.57 -50.73
C TRP B 292 -36.83 22.34 -49.95
N PHE B 293 -37.75 23.32 -50.04
CA PHE B 293 -38.97 23.32 -49.26
C PHE B 293 -40.19 22.86 -50.05
N GLU B 294 -40.03 22.62 -51.35
CA GLU B 294 -41.11 22.07 -52.17
C GLU B 294 -40.63 20.77 -52.84
N PRO B 295 -40.56 19.67 -52.07
CA PRO B 295 -39.99 18.43 -52.62
C PRO B 295 -40.79 17.87 -53.80
N GLU B 296 -40.08 17.29 -54.76
CA GLU B 296 -40.70 16.60 -55.87
C GLU B 296 -40.70 15.10 -55.58
N GLY B 297 -41.85 14.59 -55.14
CA GLY B 297 -42.01 13.17 -54.84
C GLY B 297 -41.44 12.77 -53.49
N THR B 298 -41.42 11.45 -53.27
CA THR B 298 -41.03 10.85 -52.00
C THR B 298 -40.25 9.55 -52.21
N VAL B 299 -39.28 9.30 -51.33
CA VAL B 299 -38.57 8.01 -51.29
C VAL B 299 -38.68 7.45 -49.87
N GLU B 300 -38.87 6.14 -49.76
CA GLU B 300 -38.81 5.45 -48.48
C GLU B 300 -37.44 4.79 -48.30
N ILE B 301 -36.86 4.96 -47.12
CA ILE B 301 -35.46 4.54 -46.86
C ILE B 301 -35.19 3.04 -47.08
N ASP B 302 -36.14 2.19 -46.71
CA ASP B 302 -36.02 0.73 -46.89
C ASP B 302 -35.97 0.27 -48.33
N ASP B 303 -36.45 1.10 -49.26
CA ASP B 303 -36.44 0.80 -50.68
C ASP B 303 -35.06 0.94 -51.32
N LEU B 304 -34.13 1.61 -50.62
CA LEU B 304 -32.79 1.83 -51.15
C LEU B 304 -31.90 0.60 -51.00
N ASP B 305 -31.36 0.11 -52.11
CA ASP B 305 -30.45 -1.04 -52.12
C ASP B 305 -29.12 -0.71 -51.45
N ARG B 306 -28.66 -1.62 -50.58
CA ARG B 306 -27.29 -1.56 -50.09
C ARG B 306 -26.37 -2.22 -51.12
N VAL B 307 -25.83 -1.38 -52.02
CA VAL B 307 -24.97 -1.84 -53.12
C VAL B 307 -23.59 -2.20 -52.57
N ILE B 308 -23.02 -1.29 -51.78
CA ILE B 308 -21.70 -1.48 -51.19
C ILE B 308 -21.91 -1.80 -49.71
N THR B 309 -21.39 -2.94 -49.28
CA THR B 309 -21.58 -3.41 -47.91
C THR B 309 -20.33 -3.15 -47.04
N THR B 310 -20.54 -3.12 -45.72
CA THR B 310 -19.48 -2.76 -44.76
C THR B 310 -18.75 -3.99 -44.17
N GLY B 311 -17.66 -4.37 -44.84
CA GLY B 311 -16.79 -5.44 -44.36
C GLY B 311 -15.47 -4.89 -43.84
N SER B 312 -14.46 -4.93 -44.70
CA SER B 312 -13.14 -4.44 -44.34
C SER B 312 -12.93 -3.02 -44.85
N LEU B 313 -12.07 -2.28 -44.14
CA LEU B 313 -11.70 -0.91 -44.47
C LEU B 313 -10.97 -0.78 -45.82
N GLU B 314 -10.07 -1.73 -46.10
CA GLU B 314 -9.33 -1.74 -47.38
C GLU B 314 -10.27 -1.92 -48.57
N LYS B 315 -11.24 -2.83 -48.42
CA LYS B 315 -12.20 -3.18 -49.47
C LYS B 315 -13.19 -2.05 -49.73
N LEU B 316 -13.66 -1.42 -48.65
CA LEU B 316 -14.58 -0.29 -48.76
C LEU B 316 -13.91 0.87 -49.49
N THR B 317 -12.67 1.17 -49.12
CA THR B 317 -11.89 2.21 -49.78
C THR B 317 -11.81 1.92 -51.30
N GLU B 318 -11.42 0.69 -51.63
CA GLU B 318 -11.23 0.24 -53.01
C GLU B 318 -12.50 0.43 -53.83
N GLU B 319 -13.62 -0.07 -53.31
CA GLU B 319 -14.92 -0.01 -54.00
C GLU B 319 -15.43 1.42 -54.17
N LEU B 320 -15.20 2.27 -53.18
CA LEU B 320 -15.60 3.68 -53.27
C LEU B 320 -14.82 4.42 -54.35
N VAL B 321 -13.49 4.28 -54.33
CA VAL B 321 -12.59 4.85 -55.34
C VAL B 321 -13.02 4.40 -56.75
N GLU B 322 -13.23 3.10 -56.91
CA GLU B 322 -13.70 2.51 -58.18
C GLU B 322 -14.98 3.16 -58.70
N ARG B 323 -15.99 3.27 -57.84
CA ARG B 323 -17.28 3.88 -58.18
C ARG B 323 -17.17 5.35 -58.59
N VAL B 324 -16.35 6.11 -57.86
CA VAL B 324 -16.10 7.51 -58.21
C VAL B 324 -15.32 7.60 -59.54
N ALA B 325 -14.38 6.67 -59.75
CA ALA B 325 -13.57 6.65 -60.98
C ALA B 325 -14.39 6.30 -62.22
N GLU B 326 -15.52 5.62 -62.00
CA GLU B 326 -16.44 5.22 -63.08
C GLU B 326 -17.47 6.29 -63.42
N ALA B 327 -17.58 7.30 -62.54
CA ALA B 327 -18.70 8.25 -62.56
C ALA B 327 -18.68 9.35 -63.64
N GLY B 328 -17.57 9.48 -64.37
CA GLY B 328 -17.43 10.56 -65.34
C GLY B 328 -17.09 11.88 -64.67
N LEU B 329 -16.41 11.79 -63.53
CA LEU B 329 -16.05 12.97 -62.72
C LEU B 329 -14.53 13.18 -62.63
N GLY B 330 -13.80 12.74 -63.66
CA GLY B 330 -12.35 12.91 -63.72
C GLY B 330 -11.57 11.99 -62.80
N LYS B 331 -10.41 12.47 -62.34
CA LYS B 331 -9.45 11.64 -61.60
C LYS B 331 -9.68 11.71 -60.10
N VAL B 332 -9.41 10.59 -59.41
CA VAL B 332 -9.46 10.52 -57.97
C VAL B 332 -8.03 10.62 -57.45
N ILE B 333 -7.70 11.75 -56.82
CA ILE B 333 -6.35 12.03 -56.32
C ILE B 333 -6.30 12.17 -54.79
N GLU B 334 -5.35 11.45 -54.18
CA GLU B 334 -5.01 11.56 -52.75
C GLU B 334 -3.69 12.29 -52.54
N VAL B 335 -3.72 13.29 -51.67
CA VAL B 335 -2.50 13.95 -51.19
C VAL B 335 -2.35 13.62 -49.70
N ASP B 336 -1.19 13.04 -49.35
CA ASP B 336 -0.83 12.73 -47.98
C ASP B 336 -0.42 13.99 -47.23
N LEU B 337 -1.19 14.33 -46.20
CA LEU B 337 -0.90 15.50 -45.37
C LEU B 337 -0.52 15.16 -43.93
N THR B 338 -0.26 13.87 -43.65
CA THR B 338 0.22 13.43 -42.34
C THR B 338 1.42 14.28 -41.92
N LEU B 339 1.31 14.91 -40.76
CA LEU B 339 2.40 15.68 -40.16
C LEU B 339 3.47 14.74 -39.63
N GLU B 340 4.73 15.14 -39.74
CA GLU B 340 5.84 14.33 -39.21
C GLU B 340 5.81 14.21 -37.68
N ASN B 341 5.52 15.31 -36.99
CA ASN B 341 5.49 15.38 -35.52
C ASN B 341 4.34 14.55 -34.91
N LEU B 342 3.10 14.81 -35.33
CA LEU B 342 1.95 13.98 -34.92
C LEU B 342 1.83 12.84 -35.90
N ASP B 343 1.79 11.61 -35.40
CA ASP B 343 1.63 10.48 -36.31
C ASP B 343 0.14 10.18 -36.57
N VAL B 344 -0.54 11.15 -37.19
CA VAL B 344 -1.99 11.04 -37.47
C VAL B 344 -2.26 11.17 -38.98
N PRO B 345 -2.75 10.09 -39.61
CA PRO B 345 -3.12 10.13 -41.03
C PRO B 345 -4.13 11.24 -41.34
N VAL B 346 -3.71 12.13 -42.23
CA VAL B 346 -4.56 13.19 -42.79
C VAL B 346 -4.32 13.18 -44.30
N VAL B 347 -5.40 13.28 -45.06
CA VAL B 347 -5.34 13.33 -46.53
C VAL B 347 -6.19 14.47 -47.06
N ARG B 348 -5.84 14.94 -48.25
CA ARG B 348 -6.74 15.74 -49.05
C ARG B 348 -7.15 14.91 -50.27
N VAL B 349 -8.45 14.65 -50.40
CA VAL B 349 -8.98 13.96 -51.57
C VAL B 349 -9.49 15.00 -52.56
N ARG B 350 -9.03 14.91 -53.80
CA ARG B 350 -9.52 15.75 -54.90
C ARG B 350 -10.07 14.84 -56.00
N VAL B 351 -11.27 15.17 -56.45
CA VAL B 351 -11.87 14.50 -57.61
C VAL B 351 -11.98 15.61 -58.66
N THR B 352 -11.20 15.48 -59.74
CA THR B 352 -10.91 16.62 -60.65
C THR B 352 -12.10 17.20 -61.41
N GLY B 353 -13.10 16.37 -61.69
CA GLY B 353 -14.33 16.81 -62.37
C GLY B 353 -15.58 16.86 -61.48
N ALA B 354 -15.41 16.61 -60.18
CA ALA B 354 -16.50 16.73 -59.22
C ALA B 354 -16.82 18.21 -59.05
N SER B 355 -18.10 18.54 -58.93
CA SER B 355 -18.52 19.93 -58.78
C SER B 355 -18.30 20.41 -57.35
N GLU B 356 -17.76 21.63 -57.22
CA GLU B 356 -17.64 22.34 -55.93
C GLU B 356 -18.30 23.73 -56.04
N TYR B 357 -19.37 23.76 -56.86
CA TYR B 357 -20.16 24.94 -57.12
C TYR B 357 -20.71 25.60 -55.84
N VAL B 358 -21.11 24.79 -54.87
CA VAL B 358 -21.59 25.29 -53.56
C VAL B 358 -20.52 26.03 -52.76
N ILE B 359 -19.26 25.67 -52.97
CA ILE B 359 -18.13 26.34 -52.32
C ILE B 359 -17.76 27.61 -53.11
N ASP B 360 -17.63 27.46 -54.42
CA ASP B 360 -17.28 28.55 -55.31
C ASP B 360 -17.93 28.34 -56.67
N GLU B 361 -18.64 29.37 -57.14
CA GLU B 361 -19.31 29.35 -58.45
C GLU B 361 -18.39 29.05 -59.64
N ALA B 362 -17.10 29.39 -59.51
CA ALA B 362 -16.10 29.07 -60.55
C ALA B 362 -15.76 27.58 -60.63
N ARG B 363 -15.95 26.87 -59.51
CA ARG B 363 -15.60 25.44 -59.42
C ARG B 363 -16.75 24.55 -59.92
N VAL B 364 -17.14 24.73 -61.18
CA VAL B 364 -18.30 24.08 -61.81
C VAL B 364 -18.12 22.55 -61.91
N GLY B 365 -16.92 22.10 -62.28
CA GLY B 365 -16.66 20.68 -62.58
C GLY B 365 -17.36 20.20 -63.85
N ASN B 366 -17.42 18.89 -64.03
CA ASN B 366 -18.12 18.27 -65.17
C ASN B 366 -19.61 18.39 -64.96
N PRO B 368 -23.41 18.40 -66.99
CA PRO B 368 -24.23 18.24 -68.21
C PRO B 368 -25.12 19.47 -68.47
N GLU B 369 -25.70 19.58 -69.67
CA GLU B 369 -26.58 20.73 -69.98
C GLU B 369 -27.97 20.65 -69.35
N LYS B 370 -28.39 19.43 -69.01
CA LYS B 370 -29.67 19.18 -68.36
C LYS B 370 -29.48 18.35 -67.08
N PRO B 371 -30.34 18.56 -66.05
CA PRO B 371 -30.28 17.81 -64.79
C PRO B 371 -30.51 16.28 -64.97
N PRO B 372 -29.96 15.44 -64.05
CA PRO B 372 -30.16 13.97 -64.13
C PRO B 372 -31.61 13.51 -63.93
N GLY B 373 -31.96 12.39 -64.56
CA GLY B 373 -33.30 11.78 -64.45
C GLY B 373 -33.22 10.26 -64.54
N THR C 2 -50.59 -50.68 0.12
CA THR C 2 -50.17 -50.76 -1.30
C THR C 2 -48.70 -51.10 -1.38
N ASP C 3 -48.42 -52.29 -1.91
CA ASP C 3 -47.04 -52.78 -1.99
C ASP C 3 -46.23 -51.95 -2.96
N ILE C 4 -44.97 -51.71 -2.59
CA ILE C 4 -43.99 -51.12 -3.48
C ILE C 4 -43.43 -52.30 -4.26
N VAL C 5 -43.73 -52.35 -5.56
CA VAL C 5 -43.31 -53.46 -6.42
C VAL C 5 -42.04 -53.14 -7.21
N TYR C 6 -41.66 -51.87 -7.23
CA TYR C 6 -40.53 -51.38 -8.01
C TYR C 6 -39.85 -50.25 -7.24
N ASP C 7 -38.53 -50.36 -7.09
CA ASP C 7 -37.76 -49.37 -6.33
C ASP C 7 -36.40 -49.09 -6.96
N VAL C 8 -36.36 -48.95 -8.29
CA VAL C 8 -35.10 -48.70 -8.96
C VAL C 8 -34.82 -47.19 -8.97
N GLU C 9 -35.54 -46.44 -9.80
CA GLU C 9 -35.37 -44.99 -9.90
C GLU C 9 -36.24 -44.27 -8.87
N GLY C 10 -37.23 -44.98 -8.35
CA GLY C 10 -38.22 -44.43 -7.43
C GLY C 10 -39.13 -45.51 -6.90
N PHE C 11 -39.87 -45.17 -5.84
CA PHE C 11 -40.76 -46.12 -5.17
C PHE C 11 -42.12 -46.13 -5.87
N ARG C 12 -42.42 -47.24 -6.55
CA ARG C 12 -43.64 -47.33 -7.39
C ARG C 12 -44.52 -48.54 -7.09
N ALA C 13 -45.82 -48.31 -7.20
CA ALA C 13 -46.85 -49.34 -6.97
C ALA C 13 -47.10 -50.20 -8.22
N PHE C 14 -46.53 -49.77 -9.36
CA PHE C 14 -46.65 -50.49 -10.63
C PHE C 14 -45.28 -50.58 -11.29
N LEU C 15 -45.10 -51.65 -12.05
CA LEU C 15 -43.92 -51.83 -12.89
C LEU C 15 -44.00 -50.81 -14.05
N PRO C 16 -42.85 -50.24 -14.47
CA PRO C 16 -42.83 -49.25 -15.56
C PRO C 16 -43.52 -49.70 -16.85
N LYS C 17 -43.41 -50.99 -17.18
CA LYS C 17 -44.10 -51.54 -18.37
C LYS C 17 -45.63 -51.45 -18.29
N GLU C 18 -46.16 -51.66 -17.08
CA GLU C 18 -47.59 -51.48 -16.81
C GLU C 18 -47.99 -50.00 -16.94
N THR C 19 -47.15 -49.12 -16.39
CA THR C 19 -47.39 -47.68 -16.43
C THR C 19 -47.33 -47.12 -17.86
N LEU C 20 -46.36 -47.58 -18.66
CA LEU C 20 -46.23 -47.13 -20.05
C LEU C 20 -47.45 -47.51 -20.90
N ARG C 21 -47.98 -48.72 -20.69
CA ARG C 21 -49.24 -49.19 -21.30
C ARG C 21 -50.39 -48.27 -20.94
N TRP C 22 -50.44 -47.90 -19.66
CA TRP C 22 -51.48 -47.05 -19.09
C TRP C 22 -51.40 -45.62 -19.64
N ILE C 23 -50.17 -45.10 -19.78
CA ILE C 23 -49.94 -43.77 -20.37
C ILE C 23 -50.40 -43.77 -21.84
N ARG C 24 -50.07 -44.83 -22.56
CA ARG C 24 -50.41 -44.98 -23.98
C ARG C 24 -51.89 -45.20 -24.23
N HIS C 25 -52.54 -45.98 -23.36
CA HIS C 25 -53.99 -46.21 -23.43
C HIS C 25 -54.79 -44.94 -23.17
N ARG C 26 -54.31 -44.13 -22.23
CA ARG C 26 -54.96 -42.88 -21.86
C ARG C 26 -54.54 -41.70 -22.74
N GLU C 27 -53.62 -41.94 -23.69
CA GLU C 27 -53.10 -40.95 -24.64
C GLU C 27 -52.68 -39.62 -23.97
N LEU C 28 -51.96 -39.75 -22.87
CA LEU C 28 -51.66 -38.63 -21.97
C LEU C 28 -50.73 -37.61 -22.61
N GLU C 29 -49.73 -38.09 -23.33
CA GLU C 29 -48.74 -37.21 -23.98
C GLU C 29 -49.39 -36.27 -24.99
N ARG C 30 -50.28 -36.80 -25.83
CA ARG C 30 -51.04 -35.98 -26.78
C ARG C 30 -51.89 -34.93 -26.06
N LYS C 31 -52.70 -35.38 -25.09
CA LYS C 31 -53.61 -34.55 -24.33
C LYS C 31 -52.91 -33.42 -23.57
N VAL C 32 -51.62 -33.62 -23.29
CA VAL C 32 -50.79 -32.70 -22.54
C VAL C 32 -49.96 -31.77 -23.47
N GLY C 33 -50.07 -32.00 -24.77
CA GLY C 33 -49.51 -31.09 -25.77
C GLY C 33 -48.13 -31.43 -26.31
N VAL C 34 -47.72 -32.68 -26.14
CA VAL C 34 -46.48 -33.21 -26.72
C VAL C 34 -46.67 -33.25 -28.24
N VAL C 35 -45.70 -32.67 -28.96
CA VAL C 35 -45.74 -32.60 -30.43
C VAL C 35 -44.59 -33.36 -31.05
N GLU C 36 -43.45 -33.40 -30.35
CA GLU C 36 -42.26 -34.09 -30.86
C GLU C 36 -41.54 -34.88 -29.77
N LYS C 37 -40.96 -36.01 -30.19
CA LYS C 37 -40.27 -36.91 -29.29
C LYS C 37 -38.89 -37.22 -29.84
N PHE C 38 -37.91 -37.28 -28.93
CA PHE C 38 -36.54 -37.66 -29.29
C PHE C 38 -36.04 -38.74 -28.33
N SER C 39 -35.28 -39.68 -28.84
CA SER C 39 -34.63 -40.68 -28.00
C SER C 39 -33.12 -40.55 -28.10
N ASP C 40 -32.49 -40.39 -26.93
CA ASP C 40 -31.05 -40.30 -26.82
C ASP C 40 -30.55 -41.46 -25.98
N ARG C 41 -29.23 -41.66 -26.02
CA ARG C 41 -28.56 -42.61 -25.17
C ARG C 41 -27.21 -42.03 -24.79
N VAL C 42 -27.01 -41.82 -23.49
CA VAL C 42 -25.77 -41.27 -22.94
C VAL C 42 -25.07 -42.39 -22.18
N GLY C 43 -23.97 -42.88 -22.73
CA GLY C 43 -23.36 -44.13 -22.26
C GLY C 43 -24.42 -45.21 -22.36
N PRO C 44 -24.63 -45.99 -21.27
CA PRO C 44 -25.69 -47.00 -21.27
C PRO C 44 -27.08 -46.46 -20.92
N ILE C 45 -27.18 -45.17 -20.64
CA ILE C 45 -28.42 -44.57 -20.13
C ILE C 45 -29.33 -44.01 -21.21
N PRO C 46 -30.56 -44.56 -21.30
CA PRO C 46 -31.59 -43.96 -22.16
C PRO C 46 -32.12 -42.62 -21.63
N VAL C 47 -32.12 -41.61 -22.48
CA VAL C 47 -32.69 -40.30 -22.18
C VAL C 47 -33.78 -40.02 -23.22
N GLU C 48 -34.90 -39.47 -22.77
CA GLU C 48 -36.01 -39.10 -23.64
C GLU C 48 -36.25 -37.60 -23.61
N ILE C 49 -36.54 -37.01 -24.77
CA ILE C 49 -36.79 -35.57 -24.85
C ILE C 49 -38.12 -35.31 -25.54
N ARG C 50 -38.88 -34.41 -24.93
CA ARG C 50 -40.20 -34.06 -25.39
C ARG C 50 -40.29 -32.58 -25.72
N ARG C 51 -40.86 -32.29 -26.88
CA ARG C 51 -41.24 -30.93 -27.21
C ARG C 51 -42.73 -30.81 -26.93
N ARG C 52 -43.06 -29.89 -26.03
CA ARG C 52 -44.43 -29.74 -25.55
C ARG C 52 -44.91 -28.32 -25.82
N ARG C 53 -46.16 -28.21 -26.27
CA ARG C 53 -46.74 -26.91 -26.56
C ARG C 53 -48.00 -26.70 -25.74
N SER C 54 -48.14 -25.49 -25.19
CA SER C 54 -49.35 -25.05 -24.50
C SER C 54 -49.51 -23.55 -24.66
N GLN C 55 -50.58 -23.00 -24.09
CA GLN C 55 -50.87 -21.56 -24.13
C GLN C 55 -49.79 -20.68 -23.48
N TYR C 56 -48.87 -21.32 -22.73
CA TYR C 56 -47.72 -20.62 -22.14
C TYR C 56 -46.48 -20.69 -23.02
N GLY C 57 -46.56 -21.47 -24.10
CA GLY C 57 -45.51 -21.52 -25.11
C GLY C 57 -45.01 -22.92 -25.41
N GLU C 58 -43.79 -22.98 -25.95
CA GLU C 58 -43.12 -24.23 -26.25
C GLU C 58 -42.07 -24.56 -25.18
N PHE C 59 -42.07 -25.82 -24.73
CA PHE C 59 -41.13 -26.29 -23.71
C PHE C 59 -40.43 -27.57 -24.13
N TYR C 60 -39.20 -27.74 -23.64
CA TYR C 60 -38.50 -29.02 -23.71
C TYR C 60 -38.45 -29.65 -22.33
N HIS C 61 -38.98 -30.86 -22.24
CA HIS C 61 -38.92 -31.68 -21.04
C HIS C 61 -38.08 -32.92 -21.32
N ALA C 62 -37.47 -33.47 -20.29
CA ALA C 62 -36.66 -34.67 -20.42
C ALA C 62 -37.10 -35.76 -19.45
N GLY C 63 -36.86 -37.00 -19.87
CA GLY C 63 -37.00 -38.18 -19.04
C GLY C 63 -35.75 -39.02 -19.15
N LYS C 64 -35.57 -39.94 -18.21
CA LYS C 64 -34.44 -40.85 -18.19
C LYS C 64 -34.73 -42.06 -17.30
N GLY C 65 -33.87 -43.07 -17.40
CA GLY C 65 -34.02 -44.31 -16.63
C GLY C 65 -32.90 -45.28 -16.92
N THR C 66 -32.91 -46.40 -16.21
CA THR C 66 -32.00 -47.51 -16.49
C THR C 66 -32.43 -48.25 -17.76
N THR C 67 -33.73 -48.22 -18.07
CA THR C 67 -34.31 -48.91 -19.23
C THR C 67 -35.06 -47.90 -20.12
N ARG C 68 -35.22 -48.24 -21.40
CA ARG C 68 -35.97 -47.43 -22.35
C ARG C 68 -37.41 -47.16 -21.90
N ILE C 69 -38.07 -48.20 -21.37
CA ILE C 69 -39.43 -48.08 -20.86
C ILE C 69 -39.56 -47.03 -19.76
N GLN C 70 -38.62 -47.05 -18.80
CA GLN C 70 -38.64 -46.11 -17.67
C GLN C 70 -38.34 -44.70 -18.15
N ALA C 71 -37.37 -44.58 -19.07
CA ALA C 71 -37.09 -43.30 -19.75
C ALA C 71 -38.32 -42.68 -20.40
N ARG C 72 -39.13 -43.54 -21.04
CA ARG C 72 -40.36 -43.11 -21.70
C ARG C 72 -41.52 -42.82 -20.75
N VAL C 73 -41.62 -43.53 -19.62
CA VAL C 73 -42.63 -43.13 -18.61
C VAL C 73 -42.23 -41.85 -17.88
N SER C 74 -40.95 -41.74 -17.55
CA SER C 74 -40.33 -40.55 -16.94
C SER C 74 -40.61 -39.28 -17.76
N ALA C 75 -40.35 -39.34 -19.07
CA ALA C 75 -40.56 -38.21 -19.96
C ALA C 75 -42.04 -37.84 -20.02
N ALA C 76 -42.91 -38.85 -20.16
CA ALA C 76 -44.36 -38.65 -20.28
C ALA C 76 -44.93 -38.00 -19.01
N GLU C 78 -43.29 -36.36 -16.70
CA GLU C 78 -42.71 -35.01 -16.61
C GLU C 78 -43.55 -33.99 -17.37
N CYS C 79 -44.05 -34.38 -18.55
CA CYS C 79 -44.96 -33.54 -19.32
C CYS C 79 -46.27 -33.33 -18.58
N VAL C 80 -46.79 -34.39 -17.94
CA VAL C 80 -48.06 -34.36 -17.21
C VAL C 80 -47.99 -33.42 -15.99
N GLU C 81 -46.90 -33.52 -15.21
CA GLU C 81 -46.73 -32.67 -14.03
C GLU C 81 -46.63 -31.18 -14.42
N ARG C 82 -45.92 -30.90 -15.50
CA ARG C 82 -45.74 -29.53 -15.98
C ARG C 82 -47.03 -28.91 -16.50
N ALA C 83 -47.85 -29.70 -17.20
CA ALA C 83 -49.19 -29.27 -17.61
C ALA C 83 -50.09 -28.99 -16.39
N ALA C 84 -50.02 -29.88 -15.39
CA ALA C 84 -50.78 -29.72 -14.16
C ALA C 84 -50.39 -28.47 -13.33
N ALA C 85 -49.14 -28.04 -13.48
CA ALA C 85 -48.58 -26.89 -12.75
C ALA C 85 -48.92 -25.53 -13.35
N GLU C 86 -49.38 -25.51 -14.61
CA GLU C 86 -49.79 -24.25 -15.26
C GLU C 86 -50.97 -23.63 -14.49
N PRO C 87 -50.94 -22.29 -14.28
CA PRO C 87 -52.00 -21.57 -13.55
C PRO C 87 -53.41 -22.01 -13.91
N ARG C 88 -54.22 -22.21 -12.86
CA ARG C 88 -55.62 -22.58 -12.99
C ARG C 88 -56.44 -21.72 -12.03
N GLU C 89 -57.31 -20.89 -12.60
CA GLU C 89 -58.19 -19.99 -11.85
C GLU C 89 -59.19 -20.76 -10.99
N GLU C 90 -59.60 -21.94 -11.46
CA GLU C 90 -60.57 -22.82 -10.77
C GLU C 90 -60.20 -23.17 -9.32
N ILE C 91 -58.90 -23.25 -9.04
CA ILE C 91 -58.39 -23.58 -7.70
C ILE C 91 -57.69 -22.41 -6.98
N ILE C 92 -57.83 -21.20 -7.55
CA ILE C 92 -57.34 -19.98 -6.91
C ILE C 92 -58.40 -19.41 -5.95
N GLU C 93 -57.94 -18.94 -4.80
CA GLU C 93 -58.76 -18.15 -3.88
C GLU C 93 -58.06 -16.84 -3.51
N ARG C 94 -58.85 -15.78 -3.35
CA ARG C 94 -58.31 -14.44 -3.10
C ARG C 94 -58.55 -13.91 -1.69
N GLY C 95 -59.69 -14.29 -1.09
CA GLY C 95 -59.98 -13.95 0.29
C GLY C 95 -60.08 -15.21 1.11
N PRO C 96 -58.93 -15.83 1.46
CA PRO C 96 -59.00 -17.13 2.10
C PRO C 96 -59.30 -17.04 3.61
N GLU C 97 -60.21 -17.90 4.07
CA GLU C 97 -60.49 -18.08 5.48
C GLU C 97 -59.66 -19.28 5.98
N GLY C 98 -58.77 -19.01 6.93
CA GLY C 98 -57.92 -20.07 7.51
C GLY C 98 -56.44 -19.72 7.54
N ASP C 99 -55.62 -20.68 7.95
CA ASP C 99 -54.18 -20.49 8.08
C ASP C 99 -53.52 -20.25 6.72
N LYS C 100 -52.50 -19.38 6.71
CA LYS C 100 -51.77 -19.02 5.50
C LYS C 100 -50.28 -19.19 5.74
N TRP C 101 -49.56 -19.64 4.72
CA TRP C 101 -48.11 -19.53 4.73
C TRP C 101 -47.72 -18.32 3.89
N THR C 102 -47.11 -17.35 4.56
CA THR C 102 -46.61 -16.14 3.90
C THR C 102 -45.08 -16.15 4.02
N PRO C 103 -44.37 -16.53 2.93
CA PRO C 103 -42.91 -16.60 2.92
C PRO C 103 -42.22 -15.31 3.36
N ALA C 104 -41.03 -15.47 3.96
CA ALA C 104 -40.26 -14.38 4.57
C ALA C 104 -39.99 -13.19 3.64
N TRP C 105 -39.71 -13.48 2.37
CA TRP C 105 -39.33 -12.46 1.37
C TRP C 105 -40.47 -11.53 0.91
N TYR C 106 -41.72 -11.94 1.13
CA TYR C 106 -42.89 -11.11 0.84
C TYR C 106 -42.94 -9.91 1.80
N ARG C 107 -42.69 -8.72 1.25
CA ARG C 107 -42.91 -7.46 1.97
C ARG C 107 -44.39 -7.08 1.90
N THR C 108 -45.03 -7.49 0.80
CA THR C 108 -46.45 -7.28 0.58
C THR C 108 -47.26 -8.55 0.88
N GLU C 109 -48.52 -8.36 1.26
CA GLU C 109 -49.50 -9.45 1.40
C GLU C 109 -49.79 -10.06 0.02
N PRO C 110 -49.63 -11.40 -0.12
CA PRO C 110 -49.98 -12.08 -1.37
C PRO C 110 -51.47 -12.02 -1.68
N ARG C 111 -51.81 -11.98 -2.97
CA ARG C 111 -53.18 -11.76 -3.41
C ARG C 111 -53.90 -13.06 -3.79
N GLU C 112 -53.23 -13.91 -4.58
CA GLU C 112 -53.76 -15.21 -5.01
C GLU C 112 -53.23 -16.37 -4.15
N TRP C 113 -54.14 -17.23 -3.70
CA TRP C 113 -53.82 -18.35 -2.82
C TRP C 113 -54.36 -19.67 -3.38
N VAL C 114 -53.72 -20.78 -3.00
CA VAL C 114 -54.23 -22.12 -3.27
C VAL C 114 -54.29 -22.90 -1.95
N GLU C 115 -55.36 -23.67 -1.77
CA GLU C 115 -55.53 -24.49 -0.57
C GLU C 115 -54.65 -25.73 -0.61
N GLY C 116 -53.89 -25.92 0.47
CA GLY C 116 -53.13 -27.14 0.70
C GLY C 116 -53.52 -27.82 2.00
N VAL C 117 -52.77 -28.86 2.35
CA VAL C 117 -52.96 -29.62 3.58
C VAL C 117 -51.62 -29.69 4.30
N ASP C 118 -51.62 -29.36 5.59
CA ASP C 118 -50.44 -29.57 6.45
C ASP C 118 -50.36 -31.07 6.70
N LEU C 119 -49.31 -31.72 6.21
CA LEU C 119 -49.20 -33.18 6.33
C LEU C 119 -48.95 -33.69 7.75
N THR C 120 -48.55 -32.79 8.65
CA THR C 120 -48.36 -33.12 10.07
C THR C 120 -49.69 -33.05 10.82
N THR C 121 -50.37 -31.91 10.76
CA THR C 121 -51.58 -31.67 11.53
C THR C 121 -52.86 -32.09 10.80
N ARG C 122 -52.73 -32.34 9.49
CA ARG C 122 -53.88 -32.61 8.60
C ARG C 122 -54.90 -31.46 8.49
N GLU C 123 -54.53 -30.27 8.98
CA GLU C 123 -55.33 -29.06 8.87
C GLU C 123 -55.12 -28.41 7.49
N PRO C 124 -56.17 -27.74 6.94
CA PRO C 124 -56.01 -26.92 5.73
C PRO C 124 -55.03 -25.76 5.96
N VAL C 125 -54.26 -25.43 4.93
CA VAL C 125 -53.33 -24.28 4.97
C VAL C 125 -53.16 -23.69 3.54
N TYR C 126 -53.31 -22.38 3.43
CA TYR C 126 -53.24 -21.70 2.14
C TYR C 126 -51.81 -21.34 1.79
N VAL C 127 -51.47 -21.56 0.53
CA VAL C 127 -50.15 -21.31 -0.03
C VAL C 127 -50.29 -20.27 -1.15
N PRO C 128 -49.34 -19.32 -1.27
CA PRO C 128 -49.40 -18.38 -2.40
C PRO C 128 -49.33 -19.12 -3.75
N ALA C 129 -50.16 -18.67 -4.70
CA ALA C 129 -50.16 -19.22 -6.06
C ALA C 129 -48.76 -19.28 -6.70
N ASN C 130 -47.91 -18.28 -6.43
CA ASN C 130 -46.51 -18.25 -6.92
C ASN C 130 -45.63 -19.41 -6.38
N GLU C 131 -46.06 -20.00 -5.27
CA GLU C 131 -45.41 -21.15 -4.68
C GLU C 131 -46.08 -22.48 -5.07
N VAL C 132 -47.07 -22.41 -5.96
CA VAL C 132 -47.76 -23.60 -6.45
C VAL C 132 -47.54 -23.75 -7.95
N PHE C 133 -47.93 -22.74 -8.70
CA PHE C 133 -47.96 -22.83 -10.16
C PHE C 133 -46.62 -22.53 -10.82
N HIS C 134 -46.49 -22.97 -12.08
CA HIS C 134 -45.38 -22.60 -12.95
C HIS C 134 -45.83 -22.66 -14.42
N PRO C 135 -45.54 -21.60 -15.21
CA PRO C 135 -44.97 -20.32 -14.76
C PRO C 135 -46.01 -19.39 -14.14
N TRP C 136 -45.57 -18.62 -13.14
CA TRP C 136 -46.37 -17.58 -12.51
C TRP C 136 -45.54 -16.31 -12.51
N LEU C 137 -46.06 -15.25 -13.10
CA LEU C 137 -45.25 -14.07 -13.45
C LEU C 137 -45.36 -12.87 -12.50
N GLY C 138 -46.47 -12.79 -11.76
CA GLY C 138 -46.77 -11.64 -10.90
C GLY C 138 -45.79 -11.28 -9.79
N ASP C 139 -45.45 -12.25 -8.95
CA ASP C 139 -44.94 -12.00 -7.58
C ASP C 139 -43.47 -11.62 -7.40
N ALA C 140 -43.07 -11.52 -6.13
CA ALA C 140 -41.75 -11.09 -5.68
C ALA C 140 -40.57 -11.90 -6.21
N LEU C 141 -40.78 -13.21 -6.40
CA LEU C 141 -39.74 -14.12 -6.89
C LEU C 141 -40.20 -15.00 -8.07
N PRO C 142 -39.25 -15.44 -8.94
CA PRO C 142 -39.60 -16.38 -10.00
C PRO C 142 -40.25 -17.69 -9.51
N SER C 143 -41.19 -18.16 -10.33
CA SER C 143 -41.83 -19.46 -10.24
C SER C 143 -40.79 -20.58 -10.41
N HIS C 144 -41.09 -21.78 -9.88
CA HIS C 144 -40.26 -22.99 -10.13
C HIS C 144 -41.00 -24.30 -9.87
N THR C 145 -40.31 -25.42 -10.07
CA THR C 145 -40.92 -26.75 -10.03
C THR C 145 -40.35 -27.68 -8.94
N ASN C 146 -39.65 -27.11 -7.94
CA ASN C 146 -39.16 -27.89 -6.79
C ASN C 146 -40.32 -28.44 -5.97
N GLY C 147 -40.36 -29.76 -5.83
CA GLY C 147 -41.43 -30.44 -5.08
C GLY C 147 -42.66 -30.76 -5.91
N LEU C 148 -42.60 -30.46 -7.21
CA LEU C 148 -43.67 -30.79 -8.13
C LEU C 148 -43.45 -32.20 -8.63
N SER C 149 -44.48 -33.04 -8.49
CA SER C 149 -44.33 -34.44 -8.85
C SER C 149 -45.62 -35.15 -9.25
N ALA C 150 -45.48 -36.06 -10.21
CA ALA C 150 -46.58 -36.85 -10.72
C ALA C 150 -46.38 -38.31 -10.35
N GLY C 151 -47.48 -39.03 -10.17
CA GLY C 151 -47.44 -40.45 -9.94
C GLY C 151 -48.72 -41.14 -10.34
N ARG C 152 -48.70 -42.46 -10.26
CA ARG C 152 -49.91 -43.23 -10.48
C ARG C 152 -50.81 -43.26 -9.25
N LEU C 153 -50.22 -42.98 -8.09
CA LEU C 153 -50.95 -42.75 -6.85
C LEU C 153 -50.42 -41.49 -6.19
N ARG C 154 -51.25 -40.82 -5.40
CA ARG C 154 -50.82 -39.59 -4.74
C ARG C 154 -49.62 -39.79 -3.83
N GLU C 155 -49.54 -40.96 -3.16
CA GLU C 155 -48.40 -41.33 -2.32
C GLU C 155 -47.10 -41.33 -3.10
N GLU C 156 -47.13 -41.86 -4.33
CA GLU C 156 -45.96 -41.90 -5.21
C GLU C 156 -45.46 -40.48 -5.46
N ALA C 157 -46.39 -39.58 -5.71
CA ALA C 157 -46.08 -38.19 -6.03
C ALA C 157 -45.56 -37.44 -4.80
N VAL C 158 -46.22 -37.61 -3.66
CA VAL C 158 -45.79 -37.00 -2.39
C VAL C 158 -44.37 -37.45 -2.03
N ILE C 159 -44.09 -38.75 -2.15
CA ILE C 159 -42.77 -39.32 -1.87
C ILE C 159 -41.70 -38.67 -2.76
N GLN C 160 -41.92 -38.69 -4.07
CA GLN C 160 -41.01 -38.10 -5.05
C GLN C 160 -40.79 -36.61 -4.78
N GLY C 161 -41.89 -35.89 -4.55
CA GLY C 161 -41.85 -34.44 -4.33
C GLY C 161 -41.08 -34.08 -3.07
N LEU C 162 -41.35 -34.85 -2.01
CA LEU C 162 -40.72 -34.64 -0.70
C LEU C 162 -39.22 -34.92 -0.76
N LEU C 163 -38.84 -36.01 -1.43
CA LEU C 163 -37.42 -36.33 -1.63
C LEU C 163 -36.68 -35.26 -2.44
N GLU C 164 -37.35 -34.70 -3.44
CA GLU C 164 -36.80 -33.59 -4.23
C GLU C 164 -36.50 -32.35 -3.34
N VAL C 165 -37.43 -32.03 -2.44
CA VAL C 165 -37.23 -30.92 -1.49
C VAL C 165 -36.00 -31.15 -0.59
N VAL C 166 -35.85 -32.37 -0.07
CA VAL C 166 -34.68 -32.73 0.77
C VAL C 166 -33.38 -32.63 -0.02
N GLU C 167 -33.41 -33.17 -1.24
CA GLU C 167 -32.30 -33.07 -2.19
C GLU C 167 -31.80 -31.63 -2.36
N ARG C 168 -32.71 -30.71 -2.64
CA ARG C 168 -32.35 -29.31 -2.90
C ARG C 168 -32.01 -28.56 -1.63
N ASP C 169 -32.59 -28.98 -0.51
CA ASP C 169 -32.16 -28.48 0.80
C ASP C 169 -30.68 -28.80 1.08
N SER C 170 -30.28 -30.04 0.80
CA SER C 170 -28.89 -30.48 1.04
C SER C 170 -27.90 -29.77 0.12
N TRP C 171 -28.25 -29.66 -1.16
CA TRP C 171 -27.45 -28.96 -2.14
C TRP C 171 -27.32 -27.48 -1.74
N SER C 172 -28.43 -26.88 -1.32
CA SER C 172 -28.47 -25.50 -0.81
C SER C 172 -27.53 -25.23 0.37
N ILE C 173 -27.55 -26.14 1.35
CA ILE C 173 -26.68 -26.05 2.52
C ILE C 173 -25.18 -26.11 2.14
N VAL C 174 -24.84 -27.00 1.21
CA VAL C 174 -23.49 -27.12 0.66
C VAL C 174 -23.02 -25.83 0.00
N GLU C 175 -23.87 -25.23 -0.84
CA GLU C 175 -23.52 -23.99 -1.55
C GLU C 175 -23.44 -22.76 -0.63
N TYR C 176 -24.39 -22.64 0.29
CA TYR C 176 -24.43 -21.54 1.25
C TYR C 176 -23.17 -21.50 2.12
N PHE C 177 -22.73 -22.66 2.61
CA PHE C 177 -21.60 -22.78 3.53
C PHE C 177 -20.27 -23.10 2.85
N ARG C 178 -20.30 -23.38 1.55
CA ARG C 178 -19.14 -23.89 0.80
C ARG C 178 -18.53 -25.12 1.48
N ILE C 179 -19.42 -26.05 1.88
CA ILE C 179 -19.02 -27.33 2.46
C ILE C 179 -18.33 -28.16 1.37
N HIS C 180 -17.21 -28.76 1.72
CA HIS C 180 -16.53 -29.76 0.89
C HIS C 180 -17.08 -31.15 1.28
N PRO C 181 -18.17 -31.64 0.61
CA PRO C 181 -18.73 -32.94 1.02
C PRO C 181 -17.77 -34.09 0.76
N PRO C 182 -17.85 -35.18 1.56
CA PRO C 182 -16.98 -36.34 1.35
C PRO C 182 -17.24 -37.05 0.02
N GLU C 183 -16.19 -37.69 -0.53
CA GLU C 183 -16.34 -38.62 -1.65
C GLU C 183 -17.12 -39.85 -1.17
N LEU C 184 -18.08 -40.28 -1.98
CA LEU C 184 -18.80 -41.52 -1.72
C LEU C 184 -18.30 -42.67 -2.60
N GLU C 185 -17.77 -43.70 -1.96
CA GLU C 185 -17.25 -44.87 -2.65
C GLU C 185 -18.35 -45.91 -2.86
N VAL C 186 -18.52 -46.33 -4.11
CA VAL C 186 -19.53 -47.35 -4.47
C VAL C 186 -18.89 -48.54 -5.20
N HIS C 187 -19.66 -49.63 -5.33
CA HIS C 187 -19.19 -50.91 -5.86
C HIS C 187 -20.19 -51.48 -6.86
N GLY C 188 -19.84 -52.64 -7.45
CA GLY C 188 -20.72 -53.40 -8.33
C GLY C 188 -21.27 -52.59 -9.49
N GLU C 189 -22.58 -52.68 -9.69
CA GLU C 189 -23.27 -52.09 -10.83
C GLU C 189 -23.23 -50.56 -10.86
N LEU C 190 -23.30 -49.94 -9.68
CA LEU C 190 -23.27 -48.48 -9.57
C LEU C 190 -21.91 -47.94 -9.97
N GLU C 191 -20.85 -48.60 -9.51
CA GLU C 191 -19.47 -48.24 -9.87
C GLU C 191 -19.19 -48.40 -11.37
N GLU C 192 -19.72 -49.46 -11.96
CA GLU C 192 -19.64 -49.68 -13.40
C GLU C 192 -20.39 -48.61 -14.18
N LEU C 193 -21.53 -48.18 -13.64
CA LEU C 193 -22.33 -47.11 -14.24
C LEU C 193 -21.61 -45.76 -14.26
N ARG C 194 -20.97 -45.38 -13.16
CA ARG C 194 -20.21 -44.13 -13.14
C ARG C 194 -18.95 -44.22 -13.98
N ARG C 195 -18.35 -45.41 -14.07
CA ARG C 195 -17.25 -45.67 -14.99
C ARG C 195 -17.67 -45.51 -16.46
N SER C 196 -18.84 -46.06 -16.79
CA SER C 196 -19.41 -45.94 -18.15
C SER C 196 -19.76 -44.51 -18.50
N LEU C 197 -20.29 -43.76 -17.53
CA LEU C 197 -20.62 -42.35 -17.76
C LEU C 197 -19.39 -41.48 -17.84
N GLU C 198 -18.37 -41.85 -17.08
CA GLU C 198 -17.05 -41.20 -17.11
C GLU C 198 -16.39 -41.28 -18.49
N ARG C 199 -16.58 -42.41 -19.18
CA ARG C 199 -16.15 -42.58 -20.57
C ARG C 199 -16.76 -41.56 -21.53
N GLU C 200 -17.97 -41.08 -21.20
CA GLU C 200 -18.64 -40.05 -22.00
C GLU C 200 -18.10 -38.63 -21.77
N VAL C 201 -17.40 -38.43 -20.66
CA VAL C 201 -16.81 -37.13 -20.29
C VAL C 201 -15.34 -37.28 -19.88
N GLY C 202 -14.86 -36.44 -18.98
CA GLY C 202 -13.50 -36.56 -18.44
C GLY C 202 -13.48 -37.29 -17.12
N ARG C 203 -14.27 -36.80 -16.17
CA ARG C 203 -14.40 -37.41 -14.84
C ARG C 203 -15.86 -37.40 -14.38
N VAL C 204 -16.27 -38.43 -13.65
CA VAL C 204 -17.55 -38.43 -12.91
C VAL C 204 -17.25 -38.83 -11.46
N GLU C 205 -17.58 -37.93 -10.53
CA GLU C 205 -17.30 -38.14 -9.12
C GLU C 205 -18.56 -38.08 -8.26
N LEU C 206 -18.57 -38.88 -7.19
CA LEU C 206 -19.71 -38.95 -6.28
C LEU C 206 -19.42 -38.34 -4.91
N ARG C 207 -20.45 -37.75 -4.32
CA ARG C 207 -20.34 -37.09 -3.01
C ARG C 207 -21.56 -37.44 -2.15
N LEU C 208 -21.32 -37.64 -0.85
CA LEU C 208 -22.42 -37.77 0.09
C LEU C 208 -22.66 -36.41 0.73
N LEU C 209 -23.78 -35.80 0.39
CA LEU C 209 -24.13 -34.49 0.91
C LEU C 209 -24.63 -34.62 2.34
N PRO C 210 -24.40 -33.57 3.18
CA PRO C 210 -25.02 -33.58 4.50
C PRO C 210 -26.54 -33.52 4.32
N SER C 211 -27.25 -34.38 5.02
CA SER C 211 -28.69 -34.39 5.00
C SER C 211 -29.21 -33.87 6.33
N ARG C 212 -30.26 -33.07 6.27
CA ARG C 212 -30.88 -32.49 7.46
C ARG C 212 -32.05 -33.33 7.92
N VAL C 213 -32.40 -34.35 7.13
CA VAL C 213 -33.53 -35.23 7.39
C VAL C 213 -32.98 -36.63 7.66
N GLU C 214 -33.12 -37.07 8.91
CA GLU C 214 -32.60 -38.38 9.31
C GLU C 214 -33.31 -39.50 8.56
N GLY C 215 -32.53 -40.48 8.12
CA GLY C 215 -33.05 -41.59 7.34
C GLY C 215 -33.12 -41.32 5.84
N VAL C 216 -32.80 -40.10 5.42
CA VAL C 216 -32.76 -39.74 3.99
C VAL C 216 -31.34 -39.36 3.60
N TYR C 217 -30.84 -40.01 2.54
CA TYR C 217 -29.50 -39.77 2.01
C TYR C 217 -29.57 -38.93 0.74
N VAL C 218 -28.59 -38.02 0.60
CA VAL C 218 -28.49 -37.17 -0.59
C VAL C 218 -27.12 -37.34 -1.22
N VAL C 219 -27.13 -37.69 -2.52
CA VAL C 219 -25.89 -37.92 -3.27
C VAL C 219 -25.76 -36.88 -4.37
N GLY C 220 -24.53 -36.39 -4.56
CA GLY C 220 -24.21 -35.54 -5.69
C GLY C 220 -23.26 -36.22 -6.65
N ALA C 221 -23.46 -35.97 -7.94
CA ALA C 221 -22.57 -36.46 -8.99
C ALA C 221 -22.04 -35.26 -9.75
N VAL C 222 -20.72 -35.10 -9.72
CA VAL C 222 -20.07 -33.94 -10.35
C VAL C 222 -19.15 -34.36 -11.50
N THR C 223 -19.20 -33.59 -12.58
CA THR C 223 -18.51 -33.91 -13.82
C THR C 223 -17.34 -32.95 -14.09
N GLU C 224 -16.23 -33.51 -14.56
CA GLU C 224 -15.17 -32.74 -15.21
C GLU C 224 -15.08 -33.13 -16.69
N ALA C 225 -15.01 -32.12 -17.56
CA ALA C 225 -14.99 -32.31 -19.01
C ALA C 225 -14.12 -31.26 -19.69
N GLU C 226 -13.76 -31.50 -20.95
CA GLU C 226 -13.04 -30.52 -21.77
C GLU C 226 -13.96 -29.42 -22.30
N ARG C 227 -15.21 -29.76 -22.58
CA ARG C 227 -16.25 -28.80 -22.94
C ARG C 227 -17.00 -28.39 -21.69
N VAL C 228 -17.18 -27.08 -21.52
CA VAL C 228 -17.69 -26.50 -20.28
C VAL C 228 -19.20 -26.75 -20.05
N GLU C 229 -19.98 -26.82 -21.13
CA GLU C 229 -21.43 -27.08 -21.04
C GLU C 229 -21.73 -28.54 -20.69
N GLU C 230 -20.72 -29.39 -20.79
CA GLU C 230 -20.80 -30.79 -20.39
C GLU C 230 -20.35 -31.04 -18.95
N VAL C 232 -21.55 -30.92 -15.89
CA VAL C 232 -22.88 -30.89 -15.26
C VAL C 232 -22.82 -31.47 -13.85
N GLY C 234 -25.44 -33.66 -10.96
CA GLY C 234 -26.69 -34.39 -10.75
C GLY C 234 -26.88 -34.77 -9.30
N PHE C 235 -28.12 -34.86 -8.86
CA PHE C 235 -28.43 -35.14 -7.46
C PHE C 235 -29.55 -36.14 -7.30
N GLY C 236 -29.48 -36.92 -6.22
CA GLY C 236 -30.59 -37.80 -5.86
C GLY C 236 -30.75 -37.89 -4.36
N ALA C 237 -31.99 -38.12 -3.94
CA ALA C 237 -32.31 -38.32 -2.53
C ALA C 237 -33.22 -39.52 -2.38
N SER C 238 -32.97 -40.32 -1.36
CA SER C 238 -33.77 -41.51 -1.02
C SER C 238 -33.38 -42.07 0.34
N PRO C 239 -34.32 -42.76 1.04
CA PRO C 239 -33.93 -43.56 2.21
C PRO C 239 -33.00 -44.73 1.85
N ASP C 240 -33.00 -45.09 0.58
CA ASP C 240 -32.12 -46.12 0.03
C ASP C 240 -30.92 -45.43 -0.64
N PRO C 241 -29.73 -45.48 0.00
CA PRO C 241 -28.56 -44.79 -0.54
C PRO C 241 -28.20 -45.18 -1.98
N GLU C 242 -28.47 -46.44 -2.36
CA GLU C 242 -28.23 -46.92 -3.72
C GLU C 242 -29.10 -46.20 -4.74
N ALA C 244 -30.27 -43.19 -4.31
CA ALA C 244 -29.74 -41.83 -4.36
C ALA C 244 -28.54 -41.71 -5.32
N VAL C 245 -27.62 -42.66 -5.25
CA VAL C 245 -26.50 -42.75 -6.21
C VAL C 245 -27.05 -42.84 -7.64
N LEU C 246 -27.95 -43.80 -7.87
CA LEU C 246 -28.53 -44.00 -9.20
C LEU C 246 -29.18 -42.72 -9.75
N ARG C 247 -30.01 -42.09 -8.93
CA ARG C 247 -30.68 -40.83 -9.33
C ARG C 247 -29.69 -39.75 -9.75
N ALA C 248 -28.63 -39.59 -8.96
CA ALA C 248 -27.58 -38.60 -9.24
C ALA C 248 -26.89 -38.88 -10.57
N LEU C 249 -26.57 -40.14 -10.82
CA LEU C 249 -25.96 -40.56 -12.09
C LEU C 249 -26.88 -40.36 -13.30
N LEU C 250 -28.17 -40.65 -13.13
CA LEU C 250 -29.17 -40.44 -14.18
C LEU C 250 -29.36 -38.97 -14.53
N GLU C 251 -29.31 -38.10 -13.52
CA GLU C 251 -29.36 -36.65 -13.74
C GLU C 251 -28.18 -36.14 -14.59
N VAL C 252 -27.00 -36.68 -14.35
CA VAL C 252 -25.80 -36.37 -15.16
C VAL C 252 -26.02 -36.72 -16.64
N ALA C 253 -26.51 -37.94 -16.89
CA ALA C 253 -26.83 -38.42 -18.23
C ALA C 253 -27.84 -37.52 -18.91
N GLN C 254 -28.93 -37.23 -18.21
CA GLN C 254 -29.98 -36.32 -18.70
C GLN C 254 -29.38 -34.95 -19.02
N GLY C 255 -28.54 -34.44 -18.12
CA GLY C 255 -27.84 -33.17 -18.30
C GLY C 255 -26.94 -33.14 -19.52
N LEU C 256 -26.22 -34.23 -19.76
CA LEU C 256 -25.35 -34.33 -20.93
C LEU C 256 -26.15 -34.34 -22.23
N SER C 257 -27.24 -35.10 -22.25
CA SER C 257 -28.14 -35.17 -23.40
C SER C 257 -28.67 -33.78 -23.77
N ALA C 259 -27.49 -30.76 -22.84
CA ALA C 259 -26.38 -29.88 -23.22
C ALA C 259 -25.90 -30.14 -24.66
N ARG C 260 -25.88 -31.41 -25.05
CA ARG C 260 -25.53 -31.81 -26.42
C ARG C 260 -26.57 -31.37 -27.46
N ARG C 261 -27.79 -31.10 -27.02
CA ARG C 261 -28.83 -30.53 -27.88
C ARG C 261 -28.93 -29.00 -27.75
N GLY C 262 -28.25 -28.43 -26.77
CA GLY C 262 -28.31 -27.00 -26.47
C GLY C 262 -29.63 -26.53 -25.88
N ILE C 263 -30.21 -27.32 -24.99
CA ILE C 263 -31.46 -26.97 -24.30
C ILE C 263 -31.16 -26.26 -22.96
N GLU C 264 -32.07 -25.35 -22.58
CA GLU C 264 -31.97 -24.45 -21.40
C GLU C 264 -31.00 -23.29 -21.63
N GLY C 278 -18.24 -19.30 -23.51
CA GLY C 278 -18.01 -17.89 -23.75
C GLY C 278 -17.05 -17.29 -22.74
N LYS C 279 -17.60 -16.86 -21.61
CA LYS C 279 -16.82 -16.28 -20.51
C LYS C 279 -16.15 -17.33 -19.62
N LEU C 280 -16.78 -18.51 -19.51
CA LEU C 280 -16.36 -19.55 -18.58
C LEU C 280 -15.53 -20.67 -19.20
N THR C 281 -14.35 -20.87 -18.62
CA THR C 281 -13.45 -21.99 -18.94
C THR C 281 -13.65 -23.13 -17.93
N PRO C 282 -13.37 -24.40 -18.34
CA PRO C 282 -13.35 -25.52 -17.38
C PRO C 282 -12.41 -25.29 -16.17
N GLU C 283 -11.29 -24.62 -16.41
CA GLU C 283 -10.35 -24.24 -15.35
C GLU C 283 -11.01 -23.27 -14.35
N ARG C 284 -11.72 -22.28 -14.88
CA ARG C 284 -12.42 -21.28 -14.06
C ARG C 284 -13.58 -21.90 -13.26
N LEU C 285 -14.34 -22.78 -13.92
CA LEU C 285 -15.49 -23.45 -13.30
C LEU C 285 -15.08 -24.33 -12.12
N LYS C 286 -13.98 -25.06 -12.30
CA LYS C 286 -13.38 -25.91 -11.27
C LYS C 286 -12.92 -25.11 -10.04
N ARG C 287 -12.33 -23.94 -10.29
CA ARG C 287 -11.85 -23.03 -9.24
C ARG C 287 -13.01 -22.41 -8.45
N LEU C 288 -14.08 -22.04 -9.15
CA LEU C 288 -15.30 -21.50 -8.53
C LEU C 288 -16.09 -22.58 -7.77
N ASN C 289 -15.82 -23.85 -8.09
CA ASN C 289 -16.48 -24.98 -7.46
C ASN C 289 -15.48 -25.90 -6.77
N ARG C 290 -14.46 -25.29 -6.15
CA ARG C 290 -13.43 -25.97 -5.34
C ARG C 290 -14.01 -26.97 -4.34
N HIS C 291 -15.07 -26.53 -3.64
CA HIS C 291 -15.75 -27.35 -2.63
C HIS C 291 -16.27 -28.69 -3.16
N TRP C 292 -16.65 -28.72 -4.43
CA TRP C 292 -17.07 -29.96 -5.10
C TRP C 292 -15.93 -30.89 -5.56
N PHE C 293 -14.84 -30.30 -6.04
CA PHE C 293 -13.71 -31.05 -6.59
C PHE C 293 -12.61 -31.40 -5.58
N GLU C 294 -12.73 -30.91 -4.35
CA GLU C 294 -11.79 -31.21 -3.28
C GLU C 294 -12.53 -31.78 -2.07
N PRO C 295 -12.95 -33.06 -2.15
CA PRO C 295 -13.75 -33.66 -1.07
C PRO C 295 -13.00 -33.78 0.25
N GLU C 296 -13.69 -33.54 1.36
CA GLU C 296 -13.14 -33.71 2.69
C GLU C 296 -13.51 -35.10 3.19
N GLY C 297 -12.55 -36.02 3.14
CA GLY C 297 -12.74 -37.39 3.59
C GLY C 297 -13.50 -38.27 2.63
N THR C 298 -13.84 -39.46 3.10
CA THR C 298 -14.50 -40.48 2.29
C THR C 298 -15.53 -41.29 3.09
N VAL C 299 -16.56 -41.76 2.39
CA VAL C 299 -17.58 -42.62 2.96
C VAL C 299 -17.79 -43.82 2.03
N GLU C 300 -17.81 -45.02 2.60
CA GLU C 300 -18.15 -46.24 1.87
C GLU C 300 -19.65 -46.49 1.97
N ILE C 301 -20.30 -46.73 0.82
CA ILE C 301 -21.77 -46.87 0.74
C ILE C 301 -22.38 -47.95 1.66
N ASP C 302 -21.62 -49.02 1.93
CA ASP C 302 -22.10 -50.12 2.78
C ASP C 302 -22.14 -49.77 4.26
N ASP C 303 -21.38 -48.75 4.66
CA ASP C 303 -21.38 -48.25 6.04
C ASP C 303 -22.64 -47.46 6.40
N LEU C 304 -23.50 -47.22 5.41
CA LEU C 304 -24.72 -46.42 5.58
C LEU C 304 -25.93 -47.26 5.97
N ASP C 305 -26.46 -47.00 7.16
CA ASP C 305 -27.61 -47.72 7.71
C ASP C 305 -28.90 -47.40 6.96
N ARG C 306 -29.67 -48.43 6.63
CA ARG C 306 -31.02 -48.20 6.13
C ARG C 306 -31.98 -48.01 7.30
N VAL C 307 -32.20 -46.74 7.64
CA VAL C 307 -33.04 -46.33 8.76
C VAL C 307 -34.51 -46.56 8.41
N ILE C 308 -34.89 -46.20 7.18
CA ILE C 308 -36.24 -46.36 6.70
C ILE C 308 -36.23 -47.49 5.67
N THR C 309 -37.09 -48.49 5.89
CA THR C 309 -37.22 -49.66 5.02
C THR C 309 -38.33 -49.49 3.99
N THR C 310 -38.09 -50.03 2.80
CA THR C 310 -39.05 -50.03 1.69
C THR C 310 -40.09 -51.16 1.85
N GLY C 311 -41.28 -50.82 2.35
CA GLY C 311 -42.37 -51.77 2.53
C GLY C 311 -43.60 -51.39 1.72
N SER C 312 -44.58 -50.78 2.39
CA SER C 312 -45.78 -50.27 1.73
C SER C 312 -45.65 -48.77 1.45
N LEU C 313 -46.36 -48.32 0.42
CA LEU C 313 -46.33 -46.95 -0.05
C LEU C 313 -46.86 -45.96 0.99
N GLU C 314 -47.94 -46.35 1.69
CA GLU C 314 -48.57 -45.54 2.75
C GLU C 314 -47.61 -45.33 3.93
N LYS C 315 -46.92 -46.40 4.32
CA LYS C 315 -46.00 -46.37 5.45
C LYS C 315 -44.77 -45.53 5.12
N LEU C 316 -44.25 -45.70 3.90
CA LEU C 316 -43.11 -44.89 3.43
C LEU C 316 -43.44 -43.40 3.41
N THR C 317 -44.62 -43.05 2.91
CA THR C 317 -45.10 -41.66 2.89
C THR C 317 -45.16 -41.10 4.31
N GLU C 318 -45.77 -41.85 5.23
CA GLU C 318 -45.90 -41.46 6.64
C GLU C 318 -44.53 -41.20 7.29
N GLU C 319 -43.57 -42.10 7.07
CA GLU C 319 -42.27 -42.01 7.73
C GLU C 319 -41.40 -40.85 7.21
N LEU C 320 -41.41 -40.64 5.90
CA LEU C 320 -40.70 -39.51 5.29
C LEU C 320 -41.27 -38.16 5.75
N VAL C 321 -42.60 -38.03 5.76
CA VAL C 321 -43.30 -36.83 6.26
C VAL C 321 -42.90 -36.54 7.71
N GLU C 322 -42.94 -37.59 8.55
CA GLU C 322 -42.52 -37.50 9.96
C GLU C 322 -41.12 -36.99 10.13
N ARG C 323 -40.18 -37.58 9.38
CA ARG C 323 -38.77 -37.20 9.45
C ARG C 323 -38.51 -35.80 8.94
N VAL C 324 -39.22 -35.39 7.89
CA VAL C 324 -39.10 -34.02 7.39
C VAL C 324 -39.65 -33.02 8.43
N ALA C 325 -40.83 -33.33 8.99
CA ALA C 325 -41.46 -32.54 10.07
C ALA C 325 -40.61 -32.38 11.32
N GLU C 326 -39.77 -33.37 11.60
CA GLU C 326 -38.86 -33.35 12.76
C GLU C 326 -37.61 -32.52 12.52
N ALA C 327 -37.33 -32.22 11.25
CA ALA C 327 -36.02 -31.71 10.85
C ALA C 327 -35.76 -30.20 11.08
N GLY C 328 -36.73 -29.49 11.63
CA GLY C 328 -36.59 -28.05 11.84
C GLY C 328 -36.66 -27.27 10.55
N LEU C 329 -37.43 -27.78 9.59
CA LEU C 329 -37.52 -27.18 8.26
C LEU C 329 -38.90 -26.58 8.02
N GLY C 330 -39.61 -26.24 9.10
CA GLY C 330 -40.95 -25.71 8.99
C GLY C 330 -41.99 -26.77 8.67
N LYS C 331 -43.07 -26.33 8.04
CA LYS C 331 -44.24 -27.15 7.78
C LYS C 331 -44.15 -27.90 6.47
N VAL C 332 -44.68 -29.12 6.45
CA VAL C 332 -44.77 -29.94 5.23
C VAL C 332 -46.18 -29.77 4.68
N ILE C 333 -46.27 -29.13 3.50
CA ILE C 333 -47.55 -28.84 2.87
C ILE C 333 -47.69 -29.55 1.50
N GLU C 334 -48.83 -30.22 1.31
CA GLU C 334 -49.18 -30.83 0.03
C GLU C 334 -50.30 -30.02 -0.62
N VAL C 335 -50.09 -29.64 -1.88
CA VAL C 335 -51.14 -29.03 -2.69
C VAL C 335 -51.48 -30.00 -3.83
N ASP C 336 -52.76 -30.39 -3.90
CA ASP C 336 -53.22 -31.31 -4.94
C ASP C 336 -53.35 -30.59 -6.27
N LEU C 337 -52.60 -31.06 -7.27
CA LEU C 337 -52.66 -30.46 -8.61
C LEU C 337 -53.21 -31.39 -9.70
N THR C 338 -53.90 -32.46 -9.29
CA THR C 338 -54.55 -33.40 -10.20
C THR C 338 -55.51 -32.67 -11.15
N LEU C 339 -55.31 -32.84 -12.46
CA LEU C 339 -56.20 -32.23 -13.46
C LEU C 339 -57.53 -32.98 -13.52
N GLU C 340 -58.61 -32.26 -13.82
CA GLU C 340 -59.95 -32.82 -13.96
C GLU C 340 -60.03 -33.85 -15.10
N ASN C 341 -59.60 -33.44 -16.29
CA ASN C 341 -59.69 -34.26 -17.52
C ASN C 341 -58.84 -35.54 -17.50
N LEU C 342 -57.59 -35.43 -17.05
CA LEU C 342 -56.72 -36.59 -16.85
C LEU C 342 -56.83 -37.06 -15.42
N ASP C 343 -56.92 -38.36 -15.21
CA ASP C 343 -57.00 -38.91 -13.85
C ASP C 343 -55.59 -39.30 -13.36
N VAL C 344 -54.69 -38.32 -13.37
CA VAL C 344 -53.28 -38.54 -12.98
C VAL C 344 -52.96 -37.71 -11.73
N PRO C 345 -52.70 -38.40 -10.60
CA PRO C 345 -52.25 -37.71 -9.38
C PRO C 345 -51.01 -36.83 -9.61
N VAL C 346 -51.15 -35.53 -9.33
CA VAL C 346 -50.01 -34.59 -9.32
C VAL C 346 -50.08 -33.79 -8.02
N VAL C 347 -48.94 -33.59 -7.39
CA VAL C 347 -48.85 -32.72 -6.21
C VAL C 347 -47.71 -31.71 -6.30
N ARG C 348 -47.88 -30.63 -5.55
CA ARG C 348 -46.78 -29.75 -5.22
C ARG C 348 -46.58 -29.89 -3.72
N VAL C 349 -45.38 -30.35 -3.36
CA VAL C 349 -44.91 -30.37 -1.98
C VAL C 349 -44.09 -29.11 -1.71
N ARG C 350 -44.47 -28.37 -0.68
CA ARG C 350 -43.68 -27.26 -0.17
C ARG C 350 -43.32 -27.53 1.28
N VAL C 351 -42.03 -27.34 1.60
CA VAL C 351 -41.55 -27.43 2.97
C VAL C 351 -41.06 -26.03 3.34
N THR C 352 -41.80 -25.38 4.23
CA THR C 352 -41.75 -23.90 4.37
C THR C 352 -40.42 -23.32 4.80
N GLY C 353 -39.61 -24.10 5.54
CA GLY C 353 -38.28 -23.67 5.94
C GLY C 353 -37.15 -24.49 5.34
N ALA C 354 -37.45 -25.34 4.36
CA ALA C 354 -36.40 -26.02 3.58
C ALA C 354 -35.77 -25.01 2.64
N SER C 355 -34.46 -25.12 2.46
CA SER C 355 -33.71 -24.14 1.68
C SER C 355 -33.83 -24.41 0.19
N GLU C 356 -34.08 -23.33 -0.56
CA GLU C 356 -34.03 -23.38 -2.02
C GLU C 356 -33.05 -22.33 -2.53
N TYR C 357 -31.98 -22.14 -1.77
CA TYR C 357 -30.89 -21.22 -2.10
C TYR C 357 -30.29 -21.47 -3.48
N VAL C 358 -30.20 -22.74 -3.89
CA VAL C 358 -29.68 -23.12 -5.21
C VAL C 358 -30.61 -22.71 -6.37
N ILE C 359 -31.88 -22.51 -6.05
CA ILE C 359 -32.87 -22.07 -7.03
C ILE C 359 -32.92 -20.53 -7.07
N ASP C 360 -32.97 -19.91 -5.89
CA ASP C 360 -33.00 -18.46 -5.77
C ASP C 360 -32.38 -18.05 -4.44
N GLU C 361 -31.40 -17.17 -4.48
CA GLU C 361 -30.67 -16.71 -3.29
C GLU C 361 -31.55 -16.17 -2.18
N ALA C 362 -32.69 -15.58 -2.54
CA ALA C 362 -33.67 -15.09 -1.54
C ALA C 362 -34.37 -16.23 -0.78
N ARG C 363 -34.40 -17.43 -1.36
CA ARG C 363 -35.04 -18.61 -0.75
C ARG C 363 -34.10 -19.36 0.20
N VAL C 364 -33.55 -18.63 1.18
CA VAL C 364 -32.57 -19.15 2.14
C VAL C 364 -33.14 -20.29 3.01
N GLY C 365 -34.37 -20.13 3.46
CA GLY C 365 -35.01 -21.07 4.37
C GLY C 365 -34.46 -20.98 5.78
N ASN C 366 -34.78 -21.96 6.62
CA ASN C 366 -34.22 -22.07 7.97
C ASN C 366 -32.77 -22.51 7.82
N PRO C 368 -28.92 -22.83 9.55
CA PRO C 368 -28.23 -22.77 10.85
C PRO C 368 -27.10 -21.73 10.90
N GLU C 369 -26.59 -21.45 12.10
CA GLU C 369 -25.47 -20.51 12.29
C GLU C 369 -24.15 -21.08 11.78
N LYS C 370 -24.00 -22.41 11.86
CA LYS C 370 -22.80 -23.13 11.48
C LYS C 370 -23.21 -24.35 10.63
N PRO C 371 -22.30 -24.82 9.74
CA PRO C 371 -22.61 -26.05 8.98
C PRO C 371 -22.72 -27.28 9.90
N PRO C 372 -23.59 -28.26 9.55
CA PRO C 372 -23.77 -29.50 10.34
C PRO C 372 -22.49 -30.35 10.48
N GLY C 373 -22.16 -30.74 11.71
CA GLY C 373 -20.97 -31.54 12.00
C GLY C 373 -21.20 -33.02 11.69
N THR D 2 -16.51 26.37 36.10
CA THR D 2 -15.77 27.01 37.18
C THR D 2 -15.02 28.24 36.67
N ASP D 3 -15.35 29.39 37.27
CA ASP D 3 -14.78 30.67 36.91
C ASP D 3 -13.30 30.75 37.24
N ILE D 4 -12.52 31.33 36.33
CA ILE D 4 -11.12 31.67 36.63
C ILE D 4 -11.13 33.04 37.31
N VAL D 5 -10.90 33.05 38.62
CA VAL D 5 -10.92 34.31 39.40
C VAL D 5 -9.53 34.94 39.53
N TYR D 6 -8.49 34.17 39.24
CA TYR D 6 -7.12 34.63 39.41
C TYR D 6 -6.29 34.15 38.23
N ASP D 7 -5.54 35.07 37.62
CA ASP D 7 -4.71 34.72 36.46
C ASP D 7 -3.39 35.50 36.41
N VAL D 8 -2.72 35.61 37.56
CA VAL D 8 -1.44 36.31 37.63
C VAL D 8 -0.30 35.33 37.31
N GLU D 9 0.04 34.46 38.27
CA GLU D 9 1.11 33.46 38.07
C GLU D 9 0.60 32.19 37.39
N GLY D 10 -0.73 32.01 37.37
CA GLY D 10 -1.38 30.81 36.87
C GLY D 10 -2.89 30.95 36.99
N PHE D 11 -3.62 30.03 36.35
CA PHE D 11 -5.08 30.10 36.27
C PHE D 11 -5.71 29.35 37.44
N ARG D 12 -6.37 30.10 38.32
CA ARG D 12 -6.86 29.56 39.59
C ARG D 12 -8.34 29.88 39.82
N ALA D 13 -9.03 28.93 40.46
CA ALA D 13 -10.45 29.07 40.82
C ALA D 13 -10.67 29.81 42.14
N PHE D 14 -9.59 30.05 42.88
CA PHE D 14 -9.63 30.72 44.18
C PHE D 14 -8.51 31.77 44.23
N LEU D 15 -8.72 32.81 45.02
CA LEU D 15 -7.66 33.79 45.30
C LEU D 15 -6.58 33.14 46.18
N PRO D 16 -5.30 33.51 46.01
CA PRO D 16 -4.23 32.93 46.84
C PRO D 16 -4.44 33.08 48.36
N LYS D 17 -5.04 34.18 48.81
CA LYS D 17 -5.38 34.37 50.24
C LYS D 17 -6.37 33.32 50.75
N GLU D 18 -7.33 32.94 49.91
CA GLU D 18 -8.31 31.88 50.23
C GLU D 18 -7.61 30.51 50.33
N THR D 19 -6.80 30.20 49.32
CA THR D 19 -6.01 28.96 49.26
C THR D 19 -5.02 28.85 50.43
N LEU D 20 -4.41 29.96 50.83
CA LEU D 20 -3.45 29.94 51.95
C LEU D 20 -4.13 29.59 53.28
N ARG D 21 -5.32 30.16 53.52
CA ARG D 21 -6.17 29.79 54.67
C ARG D 21 -6.49 28.31 54.66
N TRP D 22 -6.86 27.83 53.47
CA TRP D 22 -7.19 26.43 53.22
C TRP D 22 -6.00 25.50 53.52
N ILE D 23 -4.80 25.88 53.06
CA ILE D 23 -3.56 25.13 53.33
C ILE D 23 -3.27 25.05 54.84
N ARG D 24 -3.41 26.19 55.52
CA ARG D 24 -3.19 26.30 56.96
C ARG D 24 -4.22 25.54 57.78
N HIS D 25 -5.50 25.65 57.41
CA HIS D 25 -6.60 24.91 58.06
C HIS D 25 -6.40 23.40 57.95
N ARG D 26 -5.97 22.94 56.78
CA ARG D 26 -5.77 21.52 56.51
C ARG D 26 -4.44 20.99 57.01
N GLU D 27 -3.59 21.90 57.52
CA GLU D 27 -2.26 21.59 58.08
C GLU D 27 -1.41 20.78 57.10
N LEU D 28 -1.42 21.22 55.84
CA LEU D 28 -0.81 20.47 54.73
C LEU D 28 0.71 20.38 54.80
N GLU D 29 1.35 21.47 55.21
CA GLU D 29 2.81 21.52 55.29
C GLU D 29 3.39 20.56 56.34
N ARG D 30 2.82 20.58 57.55
CA ARG D 30 3.16 19.59 58.59
C ARG D 30 2.98 18.17 58.06
N LYS D 31 1.78 17.87 57.57
CA LYS D 31 1.38 16.52 57.13
C LYS D 31 2.23 15.96 55.98
N VAL D 32 2.92 16.86 55.28
CA VAL D 32 3.74 16.52 54.12
C VAL D 32 5.25 16.48 54.47
N GLY D 33 5.57 16.83 55.72
CA GLY D 33 6.93 16.69 56.25
C GLY D 33 7.80 17.93 56.25
N VAL D 34 7.19 19.10 56.12
CA VAL D 34 7.91 20.38 56.18
C VAL D 34 8.41 20.55 57.62
N VAL D 35 9.71 20.76 57.77
CA VAL D 35 10.34 20.92 59.09
C VAL D 35 10.97 22.30 59.27
N GLU D 36 11.16 23.02 58.16
CA GLU D 36 11.76 24.36 58.20
C GLU D 36 11.32 25.22 57.02
N LYS D 37 11.05 26.49 57.34
CA LYS D 37 10.63 27.49 56.37
C LYS D 37 11.61 28.65 56.37
N PHE D 38 11.78 29.27 55.20
CA PHE D 38 12.60 30.46 55.06
C PHE D 38 11.87 31.41 54.11
N SER D 39 12.08 32.71 54.31
CA SER D 39 11.54 33.72 53.42
C SER D 39 12.64 34.61 52.89
N ASP D 40 12.70 34.71 51.57
CA ASP D 40 13.66 35.54 50.87
C ASP D 40 12.92 36.61 50.06
N ARG D 41 13.66 37.61 49.62
CA ARG D 41 13.14 38.62 48.73
C ARG D 41 14.26 38.90 47.75
N VAL D 42 13.99 38.67 46.47
CA VAL D 42 14.97 38.88 45.41
C VAL D 42 14.47 40.04 44.56
N GLY D 43 15.12 41.20 44.74
CA GLY D 43 14.55 42.47 44.30
C GLY D 43 13.18 42.62 44.96
N PRO D 44 12.14 42.90 44.15
CA PRO D 44 10.77 43.00 44.69
C PRO D 44 10.07 41.65 44.92
N ILE D 45 10.69 40.55 44.48
CA ILE D 45 10.01 39.25 44.45
C ILE D 45 10.19 38.39 45.71
N PRO D 46 9.08 38.05 46.41
CA PRO D 46 9.14 37.10 47.51
C PRO D 46 9.38 35.68 47.02
N VAL D 47 10.35 35.01 47.66
CA VAL D 47 10.66 33.60 47.42
C VAL D 47 10.54 32.90 48.77
N GLU D 48 10.02 31.68 48.75
CA GLU D 48 9.86 30.87 49.95
C GLU D 48 10.62 29.58 49.81
N ILE D 49 11.36 29.22 50.86
CA ILE D 49 12.16 28.00 50.85
C ILE D 49 11.70 27.07 51.96
N ARG D 50 11.56 25.79 51.61
CA ARG D 50 11.07 24.77 52.53
C ARG D 50 12.04 23.61 52.63
N ARG D 51 12.30 23.18 53.88
CA ARG D 51 13.04 21.95 54.13
C ARG D 51 12.03 20.88 54.51
N ARG D 52 12.04 19.79 53.74
CA ARG D 52 11.05 18.73 53.86
C ARG D 52 11.74 17.40 54.10
N ARG D 53 11.15 16.57 54.96
CA ARG D 53 11.67 15.23 55.25
C ARG D 53 10.65 14.13 55.04
N SER D 54 11.06 13.07 54.33
CA SER D 54 10.27 11.86 54.15
C SER D 54 11.19 10.65 54.20
N GLN D 55 10.63 9.45 54.01
CA GLN D 55 11.41 8.22 53.93
C GLN D 55 12.47 8.18 52.81
N TYR D 56 12.36 9.11 51.85
CA TYR D 56 13.31 9.23 50.74
C TYR D 56 14.42 10.24 50.99
N GLY D 57 14.42 10.85 52.19
CA GLY D 57 15.48 11.78 52.59
C GLY D 57 15.00 13.19 52.91
N GLU D 58 15.95 14.13 52.86
CA GLU D 58 15.68 15.53 53.13
C GLU D 58 15.86 16.37 51.86
N PHE D 59 14.81 17.12 51.52
CA PHE D 59 14.77 17.92 50.30
C PHE D 59 14.59 19.42 50.57
N TYR D 60 15.11 20.24 49.67
CA TYR D 60 14.76 21.67 49.64
C TYR D 60 13.80 21.95 48.49
N HIS D 61 12.63 22.48 48.84
CA HIS D 61 11.64 22.93 47.85
C HIS D 61 11.49 24.45 47.92
N ALA D 62 11.12 25.04 46.80
CA ALA D 62 10.96 26.48 46.72
C ALA D 62 9.60 26.87 46.14
N GLY D 63 9.14 28.05 46.53
CA GLY D 63 7.98 28.72 45.94
C GLY D 63 8.27 30.18 45.69
N LYS D 64 7.42 30.85 44.94
CA LYS D 64 7.61 32.26 44.59
C LYS D 64 6.31 32.87 44.06
N GLY D 65 6.31 34.19 43.93
CA GLY D 65 5.13 34.90 43.48
C GLY D 65 5.34 36.40 43.49
N THR D 66 4.30 37.10 43.05
CA THR D 66 4.32 38.57 43.06
C THR D 66 3.97 39.09 44.44
N THR D 67 3.34 38.25 45.25
CA THR D 67 2.95 38.61 46.62
C THR D 67 3.48 37.54 47.57
N ARG D 68 3.67 37.92 48.83
CA ARG D 68 4.13 36.98 49.86
C ARG D 68 3.16 35.81 50.04
N ILE D 69 1.86 36.09 49.99
CA ILE D 69 0.80 35.08 50.07
C ILE D 69 0.96 33.99 48.99
N GLN D 70 1.10 34.41 47.74
CA GLN D 70 1.23 33.47 46.61
C GLN D 70 2.53 32.68 46.70
N ALA D 71 3.59 33.36 47.12
CA ALA D 71 4.88 32.69 47.38
C ALA D 71 4.72 31.58 48.42
N ARG D 72 3.91 31.85 49.46
CA ARG D 72 3.65 30.88 50.50
C ARG D 72 2.74 29.73 50.07
N VAL D 73 1.72 30.01 49.24
CA VAL D 73 0.97 28.88 48.61
C VAL D 73 1.80 28.07 47.62
N SER D 74 2.54 28.74 46.73
CA SER D 74 3.48 28.11 45.78
C SER D 74 4.40 27.10 46.46
N ALA D 75 5.07 27.53 47.54
CA ALA D 75 5.97 26.67 48.33
C ALA D 75 5.26 25.47 48.97
N ALA D 76 4.11 25.72 49.60
CA ALA D 76 3.33 24.67 50.25
C ALA D 76 2.86 23.62 49.23
N GLU D 78 4.08 23.05 46.28
CA GLU D 78 5.29 22.38 45.77
C GLU D 78 5.67 21.18 46.66
N CYS D 79 5.62 21.39 47.99
CA CYS D 79 5.81 20.29 48.95
C CYS D 79 4.75 19.20 48.79
N VAL D 80 3.50 19.59 48.64
CA VAL D 80 2.38 18.63 48.43
C VAL D 80 2.59 17.76 47.17
N GLU D 81 2.90 18.40 46.05
CA GLU D 81 3.11 17.65 44.79
C GLU D 81 4.26 16.64 44.90
N ARG D 82 5.33 17.04 45.59
CA ARG D 82 6.47 16.14 45.79
C ARG D 82 6.17 14.93 46.67
N ALA D 83 5.39 15.12 47.75
CA ALA D 83 4.92 13.99 48.58
C ALA D 83 4.01 13.03 47.81
N ALA D 84 3.14 13.60 46.97
CA ALA D 84 2.23 12.82 46.13
C ALA D 84 2.96 12.02 45.04
N ALA D 85 4.11 12.52 44.59
CA ALA D 85 4.91 11.89 43.55
C ALA D 85 5.79 10.74 44.04
N GLU D 86 5.97 10.63 45.36
CA GLU D 86 6.74 9.52 45.93
C GLU D 86 6.04 8.19 45.64
N PRO D 87 6.82 7.14 45.29
CA PRO D 87 6.24 5.82 44.91
C PRO D 87 5.18 5.32 45.90
N ARG D 88 4.03 4.92 45.38
CA ARG D 88 2.95 4.32 46.17
C ARG D 88 2.56 3.00 45.53
N GLU D 89 2.76 1.92 46.30
CA GLU D 89 2.45 0.56 45.85
C GLU D 89 0.95 0.39 45.57
N GLU D 90 0.13 1.08 46.36
CA GLU D 90 -1.34 1.09 46.28
C GLU D 90 -1.91 1.33 44.88
N ILE D 91 -1.19 2.10 44.05
CA ILE D 91 -1.64 2.43 42.69
C ILE D 91 -0.77 1.80 41.59
N ILE D 92 0.21 1.00 42.00
CA ILE D 92 1.06 0.28 41.06
C ILE D 92 0.31 -0.95 40.54
N GLU D 93 0.52 -1.25 39.26
CA GLU D 93 -0.06 -2.42 38.60
C GLU D 93 1.05 -3.15 37.85
N ARG D 94 1.09 -4.48 38.01
CA ARG D 94 2.08 -5.33 37.36
C ARG D 94 1.50 -6.19 36.24
N GLY D 95 0.23 -6.55 36.35
CA GLY D 95 -0.50 -7.26 35.31
C GLY D 95 -1.54 -6.33 34.71
N PRO D 96 -1.14 -5.56 33.67
CA PRO D 96 -2.03 -4.54 33.12
C PRO D 96 -2.81 -4.96 31.86
N GLU D 97 -4.14 -4.89 31.97
CA GLU D 97 -5.04 -5.21 30.86
C GLU D 97 -5.49 -3.92 30.16
N GLY D 98 -5.08 -3.78 28.90
CA GLY D 98 -5.45 -2.62 28.08
C GLY D 98 -4.27 -1.87 27.50
N ASP D 99 -4.54 -0.68 26.96
CA ASP D 99 -3.52 0.17 26.32
C ASP D 99 -2.39 0.59 27.25
N LYS D 100 -1.18 0.58 26.70
CA LYS D 100 0.02 0.97 27.42
C LYS D 100 0.80 1.98 26.61
N TRP D 101 1.54 2.84 27.29
CA TRP D 101 2.60 3.61 26.65
C TRP D 101 3.96 3.02 27.05
N THR D 102 4.67 2.50 26.06
CA THR D 102 6.01 1.98 26.26
C THR D 102 6.97 2.90 25.51
N PRO D 103 7.72 3.75 26.27
CA PRO D 103 8.68 4.67 25.66
C PRO D 103 9.71 3.95 24.79
N ALA D 104 10.20 4.65 23.76
CA ALA D 104 11.14 4.08 22.77
C ALA D 104 12.40 3.48 23.39
N TRP D 105 12.89 4.11 24.46
CA TRP D 105 14.15 3.72 25.12
C TRP D 105 14.08 2.46 26.00
N TYR D 106 12.90 1.89 26.17
CA TYR D 106 12.76 0.63 26.91
C TYR D 106 13.27 -0.55 26.06
N ARG D 107 14.31 -1.20 26.55
CA ARG D 107 14.89 -2.38 25.92
C ARG D 107 13.97 -3.58 26.17
N THR D 108 13.49 -3.69 27.40
CA THR D 108 12.52 -4.71 27.80
C THR D 108 11.19 -4.08 28.23
N GLU D 109 10.14 -4.91 28.30
CA GLU D 109 8.84 -4.57 28.88
C GLU D 109 9.01 -3.94 30.28
N PRO D 110 8.40 -2.75 30.52
CA PRO D 110 8.38 -2.18 31.88
C PRO D 110 7.71 -3.11 32.88
N ARG D 111 8.18 -3.07 34.11
CA ARG D 111 7.73 -3.97 35.17
C ARG D 111 6.47 -3.43 35.87
N GLU D 112 6.53 -2.17 36.28
CA GLU D 112 5.49 -1.53 37.08
C GLU D 112 4.77 -0.44 36.28
N TRP D 113 3.45 -0.38 36.43
CA TRP D 113 2.58 0.54 35.69
C TRP D 113 1.63 1.29 36.62
N VAL D 114 1.20 2.47 36.17
CA VAL D 114 0.11 3.20 36.84
C VAL D 114 -0.95 3.54 35.78
N GLU D 115 -2.21 3.37 36.16
CA GLU D 115 -3.34 3.70 35.29
C GLU D 115 -3.51 5.22 35.11
N GLY D 116 -3.48 5.66 33.86
CA GLY D 116 -3.79 7.03 33.51
C GLY D 116 -5.02 7.12 32.63
N VAL D 117 -5.27 8.32 32.11
CA VAL D 117 -6.37 8.58 31.17
C VAL D 117 -5.79 9.38 30.00
N ASP D 118 -6.11 8.93 28.78
CA ASP D 118 -5.80 9.65 27.55
C ASP D 118 -6.76 10.84 27.50
N LEU D 119 -6.22 12.05 27.56
CA LEU D 119 -7.07 13.24 27.63
C LEU D 119 -7.82 13.57 26.33
N THR D 120 -7.43 12.93 25.23
CA THR D 120 -8.12 13.09 23.96
C THR D 120 -9.31 12.13 23.86
N THR D 121 -9.05 10.84 24.02
CA THR D 121 -10.05 9.79 23.81
C THR D 121 -10.87 9.49 25.06
N ARG D 122 -10.36 9.92 26.22
CA ARG D 122 -10.95 9.64 27.54
C ARG D 122 -10.93 8.15 27.93
N GLU D 123 -10.11 7.37 27.22
CA GLU D 123 -9.88 5.96 27.50
C GLU D 123 -8.70 5.77 28.47
N PRO D 124 -8.72 4.68 29.29
CA PRO D 124 -7.55 4.34 30.11
C PRO D 124 -6.32 4.03 29.26
N VAL D 125 -5.15 4.38 29.78
CA VAL D 125 -3.85 4.04 29.20
C VAL D 125 -2.85 3.91 30.37
N TYR D 126 -2.02 2.88 30.31
CA TYR D 126 -1.04 2.61 31.35
C TYR D 126 0.29 3.26 31.05
N VAL D 127 0.86 3.86 32.08
CA VAL D 127 2.13 4.58 32.02
C VAL D 127 3.11 3.82 32.93
N PRO D 128 4.40 3.65 32.51
CA PRO D 128 5.37 3.04 33.44
C PRO D 128 5.54 3.86 34.72
N ALA D 129 5.74 3.17 35.84
CA ALA D 129 5.92 3.84 37.14
C ALA D 129 7.07 4.86 37.12
N ASN D 130 8.10 4.58 36.32
CA ASN D 130 9.25 5.50 36.16
C ASN D 130 8.87 6.83 35.49
N GLU D 131 7.74 6.82 34.77
CA GLU D 131 7.20 8.01 34.12
C GLU D 131 6.10 8.71 34.94
N VAL D 132 5.89 8.24 36.17
CA VAL D 132 4.85 8.77 37.07
C VAL D 132 5.51 9.29 38.36
N PHE D 133 6.22 8.40 39.06
CA PHE D 133 6.75 8.67 40.40
C PHE D 133 8.10 9.37 40.39
N HIS D 134 8.43 9.97 41.53
CA HIS D 134 9.77 10.50 41.81
C HIS D 134 10.00 10.54 43.33
N PRO D 135 11.14 10.00 43.81
CA PRO D 135 12.18 9.31 43.04
C PRO D 135 11.80 7.86 42.69
N TRP D 136 12.19 7.42 41.50
CA TRP D 136 12.03 6.03 41.11
C TRP D 136 13.36 5.54 40.55
N LEU D 137 13.87 4.46 41.12
CA LEU D 137 15.26 4.04 40.91
C LEU D 137 15.48 2.84 39.97
N GLY D 138 14.47 1.98 39.85
CA GLY D 138 14.54 0.76 39.04
C GLY D 138 15.03 0.86 37.60
N ASP D 139 14.25 1.53 36.75
CA ASP D 139 14.33 1.36 35.28
C ASP D 139 15.46 2.12 34.56
N ALA D 140 15.35 2.19 33.22
CA ALA D 140 16.42 2.64 32.32
C ALA D 140 16.88 4.09 32.49
N LEU D 141 15.93 5.01 32.60
CA LEU D 141 16.24 6.43 32.74
C LEU D 141 15.93 6.99 34.14
N PRO D 142 16.64 8.06 34.57
CA PRO D 142 16.30 8.73 35.81
C PRO D 142 14.86 9.28 35.81
N SER D 143 14.23 9.20 36.98
CA SER D 143 12.92 9.77 37.24
C SER D 143 12.99 11.31 37.24
N HIS D 144 11.87 11.97 36.96
CA HIS D 144 11.80 13.45 37.07
C HIS D 144 10.42 14.02 37.41
N THR D 145 10.32 15.33 37.39
CA THR D 145 9.15 16.08 37.90
C THR D 145 8.42 16.90 36.81
N ASN D 146 8.84 16.76 35.55
CA ASN D 146 8.20 17.48 34.44
C ASN D 146 6.76 17.01 34.27
N GLY D 147 5.82 17.96 34.36
CA GLY D 147 4.39 17.66 34.20
C GLY D 147 3.64 17.38 35.49
N LEU D 148 4.40 17.32 36.60
CA LEU D 148 3.85 17.10 37.92
C LEU D 148 3.34 18.41 38.49
N SER D 149 2.13 18.39 39.02
CA SER D 149 1.47 19.63 39.40
C SER D 149 0.31 19.40 40.37
N ALA D 150 0.18 20.35 41.29
CA ALA D 150 -0.89 20.34 42.29
C ALA D 150 -1.83 21.52 42.05
N GLY D 151 -3.06 21.41 42.55
CA GLY D 151 -4.01 22.53 42.52
C GLY D 151 -5.14 22.36 43.52
N ARG D 152 -6.02 23.35 43.62
CA ARG D 152 -7.27 23.20 44.38
C ARG D 152 -8.27 22.31 43.65
N LEU D 153 -8.14 22.23 42.31
CA LEU D 153 -8.99 21.41 41.45
C LEU D 153 -8.11 20.72 40.43
N ARG D 154 -8.53 19.56 39.94
CA ARG D 154 -7.73 18.80 38.99
C ARG D 154 -7.44 19.60 37.71
N GLU D 155 -8.40 20.43 37.29
CA GLU D 155 -8.24 21.30 36.11
C GLU D 155 -7.06 22.27 36.26
N GLU D 156 -6.96 22.92 37.42
CA GLU D 156 -5.82 23.78 37.75
C GLU D 156 -4.50 23.03 37.56
N ALA D 157 -4.48 21.81 38.09
CA ALA D 157 -3.29 20.96 38.05
C ALA D 157 -2.97 20.43 36.63
N VAL D 158 -3.98 20.05 35.87
CA VAL D 158 -3.76 19.63 34.46
C VAL D 158 -3.22 20.79 33.60
N ILE D 159 -3.83 21.96 33.74
CA ILE D 159 -3.39 23.17 33.02
C ILE D 159 -1.90 23.46 33.30
N GLN D 160 -1.53 23.51 34.57
CA GLN D 160 -0.17 23.82 35.00
C GLN D 160 0.84 22.77 34.51
N GLY D 161 0.47 21.50 34.63
CA GLY D 161 1.32 20.39 34.21
C GLY D 161 1.54 20.35 32.71
N LEU D 162 0.46 20.55 31.95
CA LEU D 162 0.49 20.58 30.50
C LEU D 162 1.32 21.74 29.99
N LEU D 163 1.10 22.92 30.59
CA LEU D 163 1.89 24.10 30.25
C LEU D 163 3.40 23.92 30.49
N GLU D 164 3.75 23.26 31.60
CA GLU D 164 5.15 22.96 31.93
C GLU D 164 5.76 22.02 30.87
N VAL D 165 5.00 21.03 30.41
CA VAL D 165 5.46 20.14 29.34
C VAL D 165 5.75 20.95 28.06
N VAL D 166 4.86 21.87 27.71
CA VAL D 166 5.04 22.70 26.50
C VAL D 166 6.29 23.57 26.62
N GLU D 167 6.44 24.17 27.80
CA GLU D 167 7.59 24.97 28.18
C GLU D 167 8.90 24.21 27.93
N ARG D 168 9.02 23.01 28.51
CA ARG D 168 10.25 22.23 28.40
C ARG D 168 10.46 21.65 27.01
N ASP D 169 9.38 21.44 26.27
CA ASP D 169 9.45 21.08 24.85
C ASP D 169 10.09 22.22 24.04
N SER D 170 9.66 23.45 24.31
CA SER D 170 10.20 24.61 23.61
C SER D 170 11.66 24.85 23.94
N TRP D 171 12.01 24.70 25.22
CA TRP D 171 13.39 24.83 25.68
C TRP D 171 14.27 23.75 25.05
N SER D 172 13.77 22.52 25.06
CA SER D 172 14.44 21.39 24.41
C SER D 172 14.77 21.66 22.94
N ILE D 173 13.78 22.16 22.20
CA ILE D 173 13.92 22.52 20.79
C ILE D 173 15.05 23.55 20.57
N VAL D 174 15.06 24.61 21.39
CA VAL D 174 16.11 25.64 21.37
C VAL D 174 17.50 25.02 21.60
N GLU D 175 17.62 24.17 22.62
CA GLU D 175 18.92 23.54 22.96
C GLU D 175 19.38 22.48 21.96
N TYR D 176 18.44 21.69 21.44
CA TYR D 176 18.73 20.63 20.46
C TYR D 176 19.30 21.16 19.14
N PHE D 177 18.66 22.20 18.59
CA PHE D 177 19.05 22.79 17.31
C PHE D 177 19.94 24.04 17.47
N ARG D 178 20.16 24.46 18.71
CA ARG D 178 20.93 25.68 19.07
C ARG D 178 20.41 26.95 18.39
N ILE D 179 19.09 27.12 18.50
CA ILE D 179 18.35 28.26 17.96
C ILE D 179 18.71 29.51 18.78
N HIS D 180 18.78 30.65 18.09
CA HIS D 180 18.90 31.97 18.71
C HIS D 180 17.50 32.62 18.69
N PRO D 181 16.71 32.46 19.78
CA PRO D 181 15.34 32.99 19.75
C PRO D 181 15.32 34.52 19.76
N PRO D 182 14.30 35.15 19.16
CA PRO D 182 14.25 36.62 19.17
C PRO D 182 14.10 37.18 20.59
N GLU D 183 14.49 38.45 20.77
CA GLU D 183 14.30 39.16 22.02
C GLU D 183 12.82 39.52 22.13
N LEU D 184 12.26 39.44 23.34
CA LEU D 184 10.90 39.90 23.57
C LEU D 184 10.88 41.23 24.33
N GLU D 185 10.27 42.24 23.71
CA GLU D 185 10.19 43.58 24.27
C GLU D 185 8.86 43.77 25.02
N VAL D 186 8.96 44.21 26.27
CA VAL D 186 7.82 44.39 27.18
C VAL D 186 7.79 45.82 27.76
N HIS D 187 6.64 46.23 28.31
CA HIS D 187 6.48 47.57 28.93
C HIS D 187 5.78 47.46 30.27
N GLY D 188 5.50 48.63 30.86
CA GLY D 188 4.71 48.75 32.09
C GLY D 188 5.32 48.00 33.26
N GLU D 189 4.45 47.31 33.99
CA GLU D 189 4.83 46.51 35.16
C GLU D 189 5.86 45.41 34.85
N LEU D 190 5.71 44.78 33.68
CA LEU D 190 6.63 43.70 33.27
C LEU D 190 8.03 44.22 32.94
N GLU D 191 8.10 45.36 32.23
CA GLU D 191 9.39 46.04 32.03
C GLU D 191 9.98 46.49 33.37
N GLU D 192 9.13 47.07 34.22
CA GLU D 192 9.52 47.49 35.57
C GLU D 192 10.10 46.33 36.38
N LEU D 193 9.46 45.16 36.32
CA LEU D 193 9.97 43.97 37.00
C LEU D 193 11.32 43.47 36.46
N ARG D 194 11.50 43.38 35.15
CA ARG D 194 12.80 42.94 34.63
C ARG D 194 13.94 43.93 34.92
N ARG D 195 13.66 45.23 34.86
CA ARG D 195 14.62 46.28 35.30
C ARG D 195 14.93 46.12 36.78
N SER D 196 13.91 45.87 37.57
CA SER D 196 14.05 45.69 39.01
C SER D 196 14.89 44.46 39.34
N LEU D 197 14.68 43.37 38.62
CA LEU D 197 15.47 42.16 38.80
C LEU D 197 16.88 42.28 38.22
N GLU D 198 17.01 43.10 37.16
CA GLU D 198 18.31 43.43 36.57
C GLU D 198 19.25 44.07 37.58
N ARG D 199 18.73 44.97 38.40
CA ARG D 199 19.48 45.58 39.51
C ARG D 199 20.09 44.58 40.53
N GLU D 200 19.57 43.35 40.54
CA GLU D 200 20.11 42.26 41.38
C GLU D 200 21.33 41.56 40.78
N VAL D 201 21.46 41.60 39.46
CA VAL D 201 22.55 40.93 38.71
C VAL D 201 23.21 41.90 37.71
N GLY D 202 23.79 41.37 36.63
CA GLY D 202 24.31 42.21 35.54
C GLY D 202 23.20 42.58 34.58
N ARG D 203 22.68 41.59 33.87
CA ARG D 203 21.56 41.79 32.94
C ARG D 203 20.47 40.73 33.08
N VAL D 204 19.24 41.14 32.81
CA VAL D 204 18.10 40.22 32.68
C VAL D 204 17.47 40.46 31.31
N GLU D 205 17.54 39.45 30.46
CA GLU D 205 17.02 39.53 29.09
C GLU D 205 15.92 38.51 28.80
N LEU D 206 14.97 38.91 27.95
CA LEU D 206 13.79 38.11 27.64
C LEU D 206 13.78 37.61 26.21
N ARG D 207 13.28 36.39 26.03
CA ARG D 207 13.18 35.75 24.72
C ARG D 207 11.81 35.11 24.48
N LEU D 208 11.34 35.20 23.24
CA LEU D 208 10.21 34.40 22.81
C LEU D 208 10.72 33.14 22.13
N LEU D 209 10.58 32.01 22.82
CA LEU D 209 10.95 30.69 22.30
C LEU D 209 9.99 30.22 21.22
N PRO D 210 10.45 29.37 20.28
CA PRO D 210 9.49 28.78 19.34
C PRO D 210 8.58 27.81 20.10
N SER D 211 7.28 27.93 19.88
CA SER D 211 6.30 27.02 20.46
C SER D 211 5.77 26.09 19.38
N ARG D 212 5.74 24.79 19.70
CA ARG D 212 5.15 23.78 18.82
C ARG D 212 3.66 23.57 19.08
N VAL D 213 3.10 24.33 20.02
CA VAL D 213 1.68 24.22 20.37
C VAL D 213 1.01 25.55 20.09
N GLU D 214 0.04 25.54 19.19
CA GLU D 214 -0.61 26.79 18.80
C GLU D 214 -1.47 27.41 19.91
N GLY D 215 -1.34 28.73 20.04
CA GLY D 215 -2.03 29.48 21.08
C GLY D 215 -1.30 29.48 22.41
N VAL D 216 -0.17 28.78 22.49
CA VAL D 216 0.68 28.78 23.70
C VAL D 216 2.01 29.48 23.44
N TYR D 217 2.32 30.47 24.28
CA TYR D 217 3.59 31.18 24.21
C TYR D 217 4.53 30.70 25.28
N VAL D 218 5.81 30.55 24.90
CA VAL D 218 6.86 30.19 25.81
C VAL D 218 7.91 31.31 25.81
N VAL D 219 8.22 31.79 27.01
CA VAL D 219 9.15 32.89 27.23
C VAL D 219 10.31 32.37 28.06
N GLY D 220 11.51 32.84 27.71
CA GLY D 220 12.71 32.54 28.47
C GLY D 220 13.30 33.82 29.02
N ALA D 221 13.95 33.70 30.17
CA ALA D 221 14.63 34.82 30.81
C ALA D 221 16.05 34.40 31.18
N VAL D 222 17.02 35.13 30.62
CA VAL D 222 18.45 34.80 30.78
C VAL D 222 19.21 35.92 31.48
N THR D 223 20.15 35.54 32.33
CA THR D 223 20.89 36.51 33.13
C THR D 223 22.39 36.52 32.86
N GLU D 224 22.96 37.72 32.90
CA GLU D 224 24.41 37.91 33.05
C GLU D 224 24.66 38.36 34.48
N ALA D 225 25.68 37.78 35.12
CA ALA D 225 26.08 38.15 36.47
C ALA D 225 27.60 38.07 36.65
N GLU D 226 28.13 38.82 37.62
CA GLU D 226 29.55 38.80 37.97
C GLU D 226 29.98 37.42 38.51
N ARG D 227 29.06 36.73 39.19
CA ARG D 227 29.30 35.41 39.73
C ARG D 227 28.48 34.39 38.93
N VAL D 228 29.08 33.24 38.68
CA VAL D 228 28.58 32.29 37.67
C VAL D 228 27.26 31.56 38.05
N GLU D 229 27.12 31.18 39.31
CA GLU D 229 25.93 30.46 39.79
C GLU D 229 24.67 31.34 39.87
N GLU D 230 24.88 32.66 39.78
CA GLU D 230 23.81 33.64 39.67
C GLU D 230 23.45 33.96 38.20
N VAL D 232 21.44 32.45 35.92
CA VAL D 232 20.36 31.46 35.90
C VAL D 232 19.44 31.70 34.69
N GLY D 234 15.21 31.25 33.49
CA GLY D 234 13.83 31.03 33.88
C GLY D 234 12.94 30.93 32.67
N PHE D 235 11.86 30.16 32.80
CA PHE D 235 10.94 29.91 31.69
C PHE D 235 9.50 29.95 32.16
N GLY D 236 8.60 30.24 31.23
CA GLY D 236 7.18 30.21 31.49
C GLY D 236 6.40 29.96 30.21
N ALA D 237 5.28 29.28 30.34
CA ALA D 237 4.36 29.06 29.22
C ALA D 237 2.92 29.37 29.62
N SER D 238 2.19 29.98 28.69
CA SER D 238 0.79 30.35 28.88
C SER D 238 0.18 30.70 27.53
N PRO D 239 -1.16 30.53 27.38
CA PRO D 239 -1.86 31.23 26.30
C PRO D 239 -1.82 32.75 26.46
N ASP D 240 -1.55 33.23 27.67
CA ASP D 240 -1.38 34.66 27.97
C ASP D 240 0.10 35.03 27.97
N PRO D 241 0.55 35.78 26.94
CA PRO D 241 1.98 36.07 26.81
C PRO D 241 2.57 36.81 28.02
N GLU D 242 1.75 37.65 28.66
CA GLU D 242 2.15 38.40 29.87
C GLU D 242 2.39 37.46 31.05
N ALA D 244 3.29 34.27 30.72
CA ALA D 244 4.54 33.60 30.34
C ALA D 244 5.79 34.41 30.71
N VAL D 245 5.78 35.71 30.42
CA VAL D 245 6.84 36.65 30.82
C VAL D 245 7.03 36.64 32.34
N LEU D 246 5.93 36.84 33.07
CA LEU D 246 5.97 36.86 34.54
C LEU D 246 6.57 35.58 35.12
N ARG D 247 6.14 34.42 34.63
CA ARG D 247 6.66 33.14 35.12
C ARG D 247 8.17 33.01 34.95
N ALA D 248 8.67 33.36 33.75
CA ALA D 248 10.11 33.32 33.45
C ALA D 248 10.91 34.20 34.42
N LEU D 249 10.41 35.40 34.70
CA LEU D 249 11.03 36.36 35.63
C LEU D 249 11.00 35.85 37.08
N LEU D 250 9.85 35.30 37.48
CA LEU D 250 9.70 34.72 38.81
C LEU D 250 10.65 33.56 39.03
N GLU D 251 10.83 32.73 38.00
CA GLU D 251 11.77 31.61 38.05
C GLU D 251 13.22 32.05 38.19
N VAL D 252 13.61 33.13 37.52
CA VAL D 252 14.92 33.81 37.72
C VAL D 252 15.10 34.21 39.19
N ALA D 253 14.11 34.89 39.76
CA ALA D 253 14.15 35.29 41.15
C ALA D 253 14.31 34.08 42.07
N GLN D 254 13.53 33.03 41.82
CA GLN D 254 13.66 31.76 42.54
C GLN D 254 15.09 31.15 42.46
N GLY D 255 15.64 31.11 41.25
CA GLY D 255 17.01 30.59 41.01
C GLY D 255 18.09 31.36 41.75
N LEU D 256 18.00 32.69 41.72
CA LEU D 256 18.89 33.58 42.46
C LEU D 256 18.87 33.33 43.97
N SER D 257 17.67 33.16 44.53
CA SER D 257 17.49 32.82 45.95
C SER D 257 18.16 31.49 46.31
N ALA D 259 20.49 29.87 44.55
CA ALA D 259 21.93 30.01 44.32
C ALA D 259 22.64 30.65 45.51
N ARG D 260 22.06 31.74 46.03
CA ARG D 260 22.59 32.48 47.18
C ARG D 260 22.58 31.69 48.50
N ARG D 261 21.81 30.60 48.53
CA ARG D 261 21.79 29.67 49.67
C ARG D 261 22.57 28.39 49.39
N GLY D 262 23.11 28.26 48.17
CA GLY D 262 23.86 27.07 47.77
C GLY D 262 23.06 25.78 47.63
N ILE D 263 21.84 25.90 47.11
CA ILE D 263 21.03 24.72 46.73
C ILE D 263 20.65 24.86 45.26
N GLU D 264 20.99 23.87 44.43
CA GLU D 264 20.63 23.87 43.00
C GLU D 264 21.00 22.59 42.24
N SER D 265 20.17 22.24 41.25
CA SER D 265 20.48 21.25 40.21
C SER D 265 19.69 21.51 38.90
N PRO D 266 19.81 22.73 38.32
CA PRO D 266 18.98 23.06 37.15
C PRO D 266 19.64 22.67 35.82
N LEU D 280 33.31 27.06 35.62
CA LEU D 280 33.31 27.99 34.49
C LEU D 280 33.20 29.45 34.94
N THR D 281 33.82 30.35 34.17
CA THR D 281 33.70 31.79 34.39
C THR D 281 32.44 32.31 33.67
N PRO D 282 31.94 33.51 34.08
CA PRO D 282 30.84 34.17 33.36
C PRO D 282 31.03 34.35 31.85
N GLU D 283 32.26 34.70 31.42
CA GLU D 283 32.55 34.88 29.99
C GLU D 283 32.63 33.54 29.23
N ARG D 284 33.13 32.49 29.91
CA ARG D 284 33.13 31.14 29.37
C ARG D 284 31.70 30.64 29.12
N LEU D 285 30.85 30.79 30.12
CA LEU D 285 29.44 30.38 30.05
C LEU D 285 28.69 31.14 28.95
N LYS D 286 28.89 32.46 28.90
CA LYS D 286 28.30 33.33 27.86
C LYS D 286 28.54 32.84 26.44
N ARG D 287 29.79 32.50 26.12
CA ARG D 287 30.15 32.07 24.76
C ARG D 287 29.60 30.66 24.47
N LEU D 288 29.59 29.80 25.49
CA LEU D 288 28.98 28.46 25.38
C LEU D 288 27.47 28.51 25.10
N ASN D 289 26.79 29.42 25.80
CA ASN D 289 25.35 29.66 25.60
C ASN D 289 25.11 30.91 24.74
N ARG D 290 25.91 31.04 23.67
CA ARG D 290 25.88 32.15 22.71
C ARG D 290 24.49 32.42 22.13
N HIS D 291 23.73 31.34 21.90
CA HIS D 291 22.37 31.40 21.35
C HIS D 291 21.35 32.11 22.27
N TRP D 292 21.63 32.15 23.57
CA TRP D 292 20.80 32.88 24.54
C TRP D 292 21.11 34.39 24.61
N PHE D 293 22.37 34.75 24.38
CA PHE D 293 22.81 36.14 24.53
C PHE D 293 22.93 36.91 23.22
N GLU D 294 22.69 36.23 22.10
CA GLU D 294 22.71 36.87 20.79
C GLU D 294 21.37 36.64 20.05
N PRO D 295 20.32 37.38 20.45
CA PRO D 295 18.99 37.15 19.87
C PRO D 295 18.88 37.52 18.39
N GLU D 296 18.11 36.74 17.64
CA GLU D 296 17.90 37.00 16.22
C GLU D 296 16.48 37.48 15.99
N GLY D 297 16.36 38.80 15.78
CA GLY D 297 15.09 39.47 15.60
C GLY D 297 14.53 40.02 16.90
N THR D 298 13.36 40.63 16.80
CA THR D 298 12.71 41.23 17.94
C THR D 298 11.19 41.10 17.83
N VAL D 299 10.54 40.82 18.96
CA VAL D 299 9.08 40.71 19.03
C VAL D 299 8.55 41.69 20.08
N GLU D 300 7.52 42.45 19.68
CA GLU D 300 6.78 43.31 20.58
C GLU D 300 5.61 42.51 21.17
N ILE D 301 5.56 42.44 22.50
CA ILE D 301 4.55 41.63 23.21
C ILE D 301 3.10 41.96 22.80
N ASP D 302 2.83 43.23 22.50
CA ASP D 302 1.51 43.70 22.06
C ASP D 302 1.06 43.11 20.72
N ASP D 303 2.02 42.68 19.90
CA ASP D 303 1.74 42.09 18.59
C ASP D 303 1.28 40.64 18.64
N LEU D 304 1.44 39.99 19.80
CA LEU D 304 1.07 38.58 19.97
C LEU D 304 -0.44 38.41 20.14
N ASP D 305 -1.05 37.64 19.23
CA ASP D 305 -2.49 37.31 19.29
C ASP D 305 -2.82 36.49 20.53
N ARG D 306 -3.88 36.86 21.23
CA ARG D 306 -4.45 36.00 22.25
C ARG D 306 -5.43 35.04 21.58
N VAL D 307 -4.91 33.88 21.18
CA VAL D 307 -5.71 32.86 20.47
C VAL D 307 -6.66 32.19 21.46
N ILE D 308 -6.12 31.73 22.58
CA ILE D 308 -6.89 31.06 23.62
C ILE D 308 -7.20 32.09 24.70
N THR D 309 -8.47 32.49 24.77
CA THR D 309 -8.93 33.50 25.72
C THR D 309 -9.55 32.77 26.89
N THR D 310 -9.33 33.31 28.08
CA THR D 310 -9.55 32.53 29.28
C THR D 310 -10.84 32.89 30.02
N GLY D 311 -11.79 31.97 29.95
CA GLY D 311 -13.05 32.08 30.65
C GLY D 311 -13.10 31.12 31.81
N SER D 312 -13.59 29.91 31.53
CA SER D 312 -13.67 28.88 32.57
C SER D 312 -12.49 27.93 32.53
N LEU D 313 -12.22 27.36 33.69
CA LEU D 313 -11.18 26.36 33.89
C LEU D 313 -11.39 25.11 33.03
N GLU D 314 -12.64 24.67 32.92
CA GLU D 314 -13.01 23.50 32.09
C GLU D 314 -12.71 23.75 30.61
N LYS D 315 -13.12 24.91 30.11
CA LYS D 315 -12.91 25.30 28.71
C LYS D 315 -11.41 25.45 28.41
N LEU D 316 -10.71 26.13 29.31
CA LEU D 316 -9.27 26.30 29.18
C LEU D 316 -8.53 24.96 29.17
N THR D 317 -8.89 24.04 30.06
CA THR D 317 -8.26 22.72 30.10
C THR D 317 -8.46 22.02 28.75
N GLU D 318 -9.71 22.04 28.26
CA GLU D 318 -10.10 21.36 27.03
C GLU D 318 -9.36 21.90 25.81
N GLU D 319 -9.25 23.23 25.72
CA GLU D 319 -8.63 23.89 24.58
C GLU D 319 -7.12 23.67 24.54
N LEU D 320 -6.47 23.65 25.70
CA LEU D 320 -5.03 23.37 25.77
C LEU D 320 -4.75 21.92 25.41
N VAL D 321 -5.53 20.99 25.95
CA VAL D 321 -5.42 19.57 25.57
C VAL D 321 -5.62 19.38 24.05
N GLU D 322 -6.65 20.01 23.50
CA GLU D 322 -6.89 19.98 22.04
C GLU D 322 -5.67 20.43 21.24
N ARG D 323 -5.08 21.57 21.61
CA ARG D 323 -3.92 22.11 20.88
C ARG D 323 -2.67 21.24 20.99
N VAL D 324 -2.41 20.72 22.20
CA VAL D 324 -1.29 19.78 22.38
C VAL D 324 -1.50 18.48 21.58
N ALA D 325 -2.73 17.95 21.58
CA ALA D 325 -3.07 16.73 20.84
C ALA D 325 -2.96 16.88 19.32
N GLU D 326 -3.01 18.13 18.84
CA GLU D 326 -2.91 18.43 17.40
C GLU D 326 -1.48 18.64 16.95
N ALA D 327 -0.58 18.81 17.92
CA ALA D 327 0.76 19.33 17.65
C ALA D 327 1.77 18.31 17.10
N GLY D 328 1.38 17.05 16.96
CA GLY D 328 2.29 16.00 16.50
C GLY D 328 3.26 15.54 17.58
N LEU D 329 2.84 15.67 18.83
CA LEU D 329 3.67 15.34 19.98
C LEU D 329 3.13 14.12 20.74
N GLY D 330 2.41 13.25 20.04
CA GLY D 330 1.88 12.04 20.65
C GLY D 330 0.67 12.29 21.54
N LYS D 331 0.50 11.40 22.53
CA LYS D 331 -0.69 11.33 23.37
C LYS D 331 -0.56 12.20 24.60
N VAL D 332 -1.68 12.79 25.01
CA VAL D 332 -1.74 13.61 26.23
C VAL D 332 -2.36 12.74 27.32
N ILE D 333 -1.57 12.44 28.35
CA ILE D 333 -1.96 11.51 29.40
C ILE D 333 -1.92 12.17 30.78
N GLU D 334 -2.98 11.98 31.54
CA GLU D 334 -3.04 12.44 32.93
C GLU D 334 -3.02 11.21 33.84
N VAL D 335 -2.16 11.25 34.85
CA VAL D 335 -2.16 10.26 35.93
C VAL D 335 -2.57 10.98 37.23
N ASP D 336 -3.58 10.44 37.90
CA ASP D 336 -4.08 11.01 39.16
C ASP D 336 -3.18 10.59 40.31
N LEU D 337 -2.61 11.58 41.00
CA LEU D 337 -1.69 11.35 42.12
C LEU D 337 -2.20 11.92 43.44
N THR D 338 -3.51 12.19 43.53
CA THR D 338 -4.15 12.69 44.75
C THR D 338 -3.93 11.67 45.89
N LEU D 339 -3.32 12.11 46.98
CA LEU D 339 -3.16 11.28 48.18
C LEU D 339 -4.50 11.17 48.90
N GLU D 340 -4.79 9.99 49.47
CA GLU D 340 -6.05 9.76 50.17
C GLU D 340 -6.21 10.57 51.46
N ASN D 341 -5.14 10.65 52.25
CA ASN D 341 -5.14 11.41 53.52
C ASN D 341 -5.27 12.93 53.34
N LEU D 342 -4.67 13.47 52.27
CA LEU D 342 -4.81 14.89 51.91
C LEU D 342 -5.69 14.97 50.68
N ASP D 343 -6.84 15.62 50.78
CA ASP D 343 -7.71 15.72 49.61
C ASP D 343 -7.27 16.88 48.70
N VAL D 344 -6.05 16.79 48.18
CA VAL D 344 -5.43 17.82 47.33
C VAL D 344 -5.17 17.25 45.94
N PRO D 345 -5.88 17.76 44.91
CA PRO D 345 -5.62 17.31 43.54
C PRO D 345 -4.15 17.46 43.12
N VAL D 346 -3.55 16.34 42.73
CA VAL D 346 -2.20 16.30 42.17
C VAL D 346 -2.27 15.38 40.95
N VAL D 347 -1.67 15.83 39.86
CA VAL D 347 -1.61 15.05 38.62
C VAL D 347 -0.17 15.00 38.12
N ARG D 348 0.11 13.96 37.33
CA ARG D 348 1.25 13.92 36.47
C ARG D 348 0.75 13.91 35.02
N VAL D 349 1.13 14.96 34.28
CA VAL D 349 0.85 15.04 32.85
C VAL D 349 2.06 14.53 32.06
N ARG D 350 1.81 13.58 31.15
CA ARG D 350 2.81 13.08 30.18
C ARG D 350 2.30 13.27 28.76
N VAL D 351 3.14 13.87 27.93
CA VAL D 351 2.86 14.05 26.51
C VAL D 351 3.92 13.21 25.81
N THR D 352 3.49 12.09 25.22
CA THR D 352 4.40 10.99 24.84
C THR D 352 5.49 11.33 23.81
N GLY D 353 5.23 12.31 22.95
CA GLY D 353 6.21 12.74 21.96
C GLY D 353 6.76 14.14 22.16
N ALA D 354 6.41 14.78 23.29
CA ALA D 354 7.02 16.05 23.68
C ALA D 354 8.47 15.80 24.06
N SER D 355 9.33 16.74 23.71
CA SER D 355 10.75 16.61 23.99
C SER D 355 11.05 16.98 25.43
N GLU D 356 11.82 16.13 26.10
CA GLU D 356 12.36 16.41 27.43
C GLU D 356 13.89 16.38 27.42
N TYR D 357 14.44 16.88 26.31
CA TYR D 357 15.89 16.88 26.03
C TYR D 357 16.72 17.62 27.08
N VAL D 358 16.16 18.70 27.62
CA VAL D 358 16.81 19.50 28.67
C VAL D 358 16.91 18.77 30.02
N ILE D 359 16.05 17.79 30.24
CA ILE D 359 16.09 16.97 31.46
C ILE D 359 17.06 15.80 31.27
N ASP D 360 16.94 15.15 30.11
CA ASP D 360 17.74 14.00 29.78
C ASP D 360 17.90 13.98 28.27
N GLU D 361 19.15 13.92 27.82
CA GLU D 361 19.50 13.84 26.39
C GLU D 361 18.80 12.71 25.65
N ALA D 362 18.53 11.60 26.35
CA ALA D 362 17.85 10.44 25.78
C ALA D 362 16.35 10.69 25.50
N ARG D 363 15.75 11.63 26.23
CA ARG D 363 14.32 11.94 26.11
C ARG D 363 14.05 12.93 24.97
N VAL D 364 14.49 12.56 23.77
CA VAL D 364 14.48 13.45 22.58
C VAL D 364 13.06 13.80 22.14
N GLY D 365 12.15 12.82 22.21
CA GLY D 365 10.78 12.99 21.72
C GLY D 365 10.70 13.08 20.20
N ASN D 366 9.56 13.54 19.69
CA ASN D 366 9.37 13.75 18.25
C ASN D 366 10.08 15.02 17.81
N PRO D 368 11.55 17.28 14.39
CA PRO D 368 11.63 17.48 12.93
C PRO D 368 13.09 17.43 12.47
N GLU D 369 13.33 17.22 11.17
CA GLU D 369 14.72 17.29 10.67
C GLU D 369 15.18 18.73 10.43
N LYS D 370 14.21 19.63 10.20
CA LYS D 370 14.47 21.06 10.06
C LYS D 370 14.03 21.82 11.33
N PRO D 371 14.89 22.73 11.87
CA PRO D 371 14.53 23.58 13.01
C PRO D 371 13.42 24.58 12.65
N PRO D 372 12.47 24.85 13.60
CA PRO D 372 11.28 25.68 13.34
C PRO D 372 11.57 27.01 12.61
N GLY D 373 11.28 27.03 11.31
CA GLY D 373 11.65 28.13 10.39
C GLY D 373 10.94 29.46 10.69
N THR E 2 -5.25 27.58 -9.47
CA THR E 2 -5.09 27.36 -8.03
C THR E 2 -4.37 26.05 -7.77
N ASP E 3 -3.22 26.14 -7.11
CA ASP E 3 -2.42 24.98 -6.75
C ASP E 3 -3.08 24.06 -5.73
N ILE E 4 -2.99 22.77 -6.01
CA ILE E 4 -3.32 21.75 -5.04
C ILE E 4 -2.07 21.62 -4.17
N VAL E 5 -2.18 22.02 -2.91
CA VAL E 5 -1.04 21.96 -1.98
C VAL E 5 -1.11 20.75 -1.06
N TYR E 6 -2.28 20.09 -1.06
CA TYR E 6 -2.53 18.98 -0.16
C TYR E 6 -3.40 17.96 -0.88
N ASP E 7 -2.94 16.72 -0.87
CA ASP E 7 -3.61 15.65 -1.61
C ASP E 7 -3.56 14.30 -0.86
N VAL E 8 -3.76 14.33 0.45
CA VAL E 8 -3.77 13.12 1.27
C VAL E 8 -5.18 12.51 1.27
N GLU E 9 -6.11 13.07 2.06
CA GLU E 9 -7.50 12.57 2.11
C GLU E 9 -8.35 13.15 0.97
N GLY E 10 -7.88 14.23 0.36
CA GLY E 10 -8.61 14.94 -0.69
C GLY E 10 -7.75 16.03 -1.31
N PHE E 11 -8.25 16.65 -2.37
CA PHE E 11 -7.50 17.67 -3.10
C PHE E 11 -7.82 19.05 -2.55
N ARG E 12 -6.85 19.66 -1.86
CA ARG E 12 -7.06 20.94 -1.17
C ARG E 12 -6.06 22.02 -1.58
N ALA E 13 -6.59 23.25 -1.63
CA ALA E 13 -5.82 24.47 -1.93
C ALA E 13 -5.12 25.05 -0.69
N PHE E 14 -5.46 24.51 0.48
CA PHE E 14 -4.87 24.93 1.76
C PHE E 14 -4.45 23.72 2.59
N LEU E 15 -3.48 23.94 3.45
CA LEU E 15 -3.07 22.93 4.42
C LEU E 15 -4.12 22.81 5.51
N PRO E 16 -4.39 21.57 6.00
CA PRO E 16 -5.42 21.39 7.02
C PRO E 16 -5.20 22.28 8.25
N LYS E 17 -3.96 22.41 8.73
CA LYS E 17 -3.65 23.32 9.86
C LYS E 17 -4.14 24.76 9.63
N GLU E 18 -3.95 25.25 8.41
CA GLU E 18 -4.43 26.58 7.99
C GLU E 18 -5.96 26.65 8.02
N THR E 19 -6.60 25.60 7.48
CA THR E 19 -8.07 25.53 7.44
C THR E 19 -8.71 25.42 8.83
N LEU E 20 -8.10 24.65 9.72
CA LEU E 20 -8.58 24.57 11.10
C LEU E 20 -8.48 25.93 11.82
N ARG E 21 -7.40 26.68 11.58
CA ARG E 21 -7.26 28.06 12.11
C ARG E 21 -8.43 28.92 11.63
N TRP E 22 -8.70 28.81 10.33
CA TRP E 22 -9.74 29.54 9.64
C TRP E 22 -11.14 29.17 10.16
N ILE E 23 -11.40 27.87 10.35
CA ILE E 23 -12.68 27.36 10.91
C ILE E 23 -12.90 27.92 12.33
N ARG E 24 -11.85 27.90 13.13
CA ARG E 24 -11.91 28.37 14.51
C ARG E 24 -12.13 29.89 14.60
N HIS E 25 -11.37 30.65 13.82
CA HIS E 25 -11.47 32.11 13.80
C HIS E 25 -12.88 32.56 13.43
N ARG E 26 -13.43 31.92 12.40
CA ARG E 26 -14.78 32.19 11.91
C ARG E 26 -15.89 31.58 12.76
N GLU E 27 -15.51 30.79 13.78
CA GLU E 27 -16.44 30.17 14.73
C GLU E 27 -17.56 29.40 14.01
N LEU E 28 -17.15 28.62 13.01
CA LEU E 28 -18.09 27.93 12.13
C LEU E 28 -18.94 26.89 12.84
N GLU E 29 -18.33 26.12 13.75
CA GLU E 29 -19.03 25.04 14.44
C GLU E 29 -20.14 25.57 15.37
N ARG E 30 -19.82 26.63 16.12
CA ARG E 30 -20.82 27.33 16.92
C ARG E 30 -21.98 27.82 16.03
N LYS E 31 -21.64 28.55 14.97
CA LYS E 31 -22.62 29.14 14.05
C LYS E 31 -23.51 28.13 13.33
N VAL E 32 -23.08 26.87 13.32
CA VAL E 32 -23.74 25.81 12.61
C VAL E 32 -24.58 24.89 13.53
N GLY E 33 -24.50 25.16 14.83
CA GLY E 33 -25.31 24.44 15.81
C GLY E 33 -24.66 23.25 16.49
N VAL E 34 -23.32 23.16 16.46
CA VAL E 34 -22.58 22.10 17.16
C VAL E 34 -22.71 22.34 18.66
N VAL E 35 -23.16 21.31 19.38
CA VAL E 35 -23.45 21.41 20.81
C VAL E 35 -22.61 20.42 21.62
N GLU E 36 -21.96 19.48 20.93
CA GLU E 36 -21.11 18.48 21.59
C GLU E 36 -20.07 17.90 20.63
N LYS E 37 -18.85 17.71 21.14
CA LYS E 37 -17.71 17.13 20.40
C LYS E 37 -17.11 15.94 21.15
N PHE E 38 -16.71 14.91 20.39
CA PHE E 38 -16.01 13.75 20.92
C PHE E 38 -14.80 13.45 20.04
N SER E 39 -13.72 12.98 20.68
CA SER E 39 -12.53 12.54 19.97
C SER E 39 -12.25 11.09 20.24
N ASP E 40 -12.19 10.32 19.16
CA ASP E 40 -11.92 8.89 19.23
C ASP E 40 -10.64 8.62 18.47
N ARG E 41 -10.11 7.42 18.65
CA ARG E 41 -9.00 6.94 17.85
C ARG E 41 -9.22 5.46 17.63
N VAL E 42 -9.36 5.07 16.37
CA VAL E 42 -9.57 3.67 15.99
C VAL E 42 -8.24 3.16 15.43
N GLY E 43 -7.57 2.31 16.21
CA GLY E 43 -6.16 1.99 15.98
C GLY E 43 -5.38 3.30 15.97
N PRO E 44 -4.67 3.57 14.87
CA PRO E 44 -3.94 4.82 14.77
C PRO E 44 -4.78 6.01 14.27
N ILE E 45 -6.02 5.75 13.84
CA ILE E 45 -6.79 6.75 13.10
C ILE E 45 -7.66 7.64 13.99
N PRO E 46 -7.38 8.95 14.00
CA PRO E 46 -8.25 9.88 14.71
C PRO E 46 -9.61 10.06 14.02
N VAL E 47 -10.66 9.96 14.83
CA VAL E 47 -12.05 10.15 14.38
C VAL E 47 -12.68 11.19 15.31
N GLU E 48 -13.49 12.06 14.73
CA GLU E 48 -14.18 13.10 15.47
C GLU E 48 -15.69 12.93 15.32
N ILE E 49 -16.42 13.05 16.44
CA ILE E 49 -17.88 12.97 16.43
C ILE E 49 -18.45 14.30 16.89
N ARG E 50 -19.50 14.77 16.21
CA ARG E 50 -20.20 16.01 16.54
C ARG E 50 -21.69 15.75 16.71
N ARG E 51 -22.24 16.28 17.80
CA ARG E 51 -23.69 16.34 17.95
C ARG E 51 -24.09 17.75 17.55
N ARG E 52 -24.99 17.84 16.59
CA ARG E 52 -25.38 19.12 16.00
C ARG E 52 -26.89 19.32 16.16
N ARG E 53 -27.27 20.51 16.61
CA ARG E 53 -28.68 20.83 16.82
C ARG E 53 -29.10 21.96 15.90
N SER E 54 -30.25 21.77 15.24
CA SER E 54 -30.87 22.83 14.46
C SER E 54 -32.39 22.71 14.55
N GLN E 55 -33.08 23.69 13.97
CA GLN E 55 -34.54 23.65 13.85
C GLN E 55 -35.06 22.46 13.02
N TYR E 56 -34.15 21.78 12.31
CA TYR E 56 -34.48 20.56 11.56
C TYR E 56 -34.14 19.28 12.33
N GLY E 57 -33.75 19.44 13.60
CA GLY E 57 -33.49 18.31 14.49
C GLY E 57 -32.08 18.24 15.07
N GLU E 58 -31.78 17.08 15.65
CA GLU E 58 -30.47 16.79 16.22
C GLU E 58 -29.78 15.72 15.36
N PHE E 59 -28.49 15.90 15.09
CA PHE E 59 -27.75 15.02 14.19
C PHE E 59 -26.38 14.65 14.78
N TYR E 60 -25.90 13.46 14.42
CA TYR E 60 -24.51 13.07 14.63
C TYR E 60 -23.75 13.13 13.32
N HIS E 61 -22.70 13.94 13.30
CA HIS E 61 -21.80 14.02 12.15
C HIS E 61 -20.41 13.51 12.59
N ALA E 62 -19.62 13.09 11.60
CA ALA E 62 -18.31 12.53 11.88
C ALA E 62 -17.24 13.13 10.98
N GLY E 63 -16.02 13.12 11.49
CA GLY E 63 -14.85 13.48 10.71
C GLY E 63 -13.78 12.43 10.97
N LYS E 64 -12.77 12.42 10.11
CA LYS E 64 -11.63 11.53 10.26
C LYS E 64 -10.48 12.02 9.40
N GLY E 65 -9.30 11.49 9.65
CA GLY E 65 -8.14 11.79 8.83
C GLY E 65 -6.93 11.04 9.32
N THR E 66 -5.81 11.26 8.63
CA THR E 66 -4.53 10.69 9.03
C THR E 66 -3.96 11.43 10.25
N THR E 67 -4.39 12.67 10.46
CA THR E 67 -3.95 13.50 11.60
C THR E 67 -5.19 14.01 12.36
N ARG E 68 -4.99 14.28 13.65
CA ARG E 68 -6.03 14.90 14.48
C ARG E 68 -6.55 16.22 13.91
N ILE E 69 -5.64 17.02 13.34
CA ILE E 69 -6.02 18.29 12.69
C ILE E 69 -7.00 18.03 11.54
N GLN E 70 -6.63 17.13 10.63
CA GLN E 70 -7.53 16.84 9.50
C GLN E 70 -8.86 16.24 9.97
N ALA E 71 -8.82 15.39 11.00
CA ALA E 71 -10.08 14.86 11.58
C ALA E 71 -11.03 15.96 12.10
N ARG E 72 -10.46 16.97 12.75
CA ARG E 72 -11.24 18.11 13.24
C ARG E 72 -11.75 19.05 12.14
N VAL E 73 -10.96 19.26 11.09
CA VAL E 73 -11.47 20.01 9.92
C VAL E 73 -12.56 19.24 9.18
N SER E 74 -12.33 17.94 8.96
CA SER E 74 -13.32 17.03 8.38
C SER E 74 -14.68 17.10 9.12
N ALA E 75 -14.65 16.95 10.45
CA ALA E 75 -15.84 17.03 11.29
C ALA E 75 -16.57 18.37 11.19
N ALA E 76 -15.80 19.46 11.25
CA ALA E 76 -16.37 20.82 11.20
C ALA E 76 -17.07 21.08 9.87
N GLU E 78 -18.09 18.92 7.64
CA GLU E 78 -19.28 18.09 7.51
C GLU E 78 -20.48 18.70 8.23
N CYS E 79 -20.26 19.29 9.40
CA CYS E 79 -21.33 20.01 10.09
C CYS E 79 -21.83 21.17 9.24
N VAL E 80 -20.88 21.85 8.57
CA VAL E 80 -21.17 22.98 7.69
C VAL E 80 -22.00 22.56 6.48
N GLU E 81 -21.57 21.52 5.77
CA GLU E 81 -22.30 21.03 4.58
C GLU E 81 -23.76 20.66 4.92
N ARG E 82 -23.97 20.07 6.10
CA ARG E 82 -25.30 19.64 6.52
C ARG E 82 -26.21 20.81 6.91
N ALA E 83 -25.66 21.82 7.58
CA ALA E 83 -26.39 23.08 7.83
C ALA E 83 -26.79 23.75 6.52
N ALA E 84 -25.85 23.81 5.57
CA ALA E 84 -26.09 24.38 4.24
C ALA E 84 -27.11 23.61 3.41
N ALA E 85 -27.25 22.30 3.67
CA ALA E 85 -28.22 21.47 2.97
C ALA E 85 -29.64 21.49 3.54
N GLU E 86 -29.83 22.16 4.68
CA GLU E 86 -31.17 22.30 5.26
C GLU E 86 -32.05 23.18 4.35
N PRO E 87 -33.32 22.76 4.12
CA PRO E 87 -34.33 23.49 3.34
C PRO E 87 -34.23 25.01 3.48
N ARG E 88 -34.16 25.69 2.35
CA ARG E 88 -33.97 27.13 2.34
C ARG E 88 -34.92 27.76 1.33
N GLU E 89 -35.99 28.35 1.86
CA GLU E 89 -37.07 28.96 1.06
C GLU E 89 -36.58 29.95 0.01
N GLU E 90 -35.55 30.71 0.38
CA GLU E 90 -34.90 31.73 -0.44
C GLU E 90 -34.48 31.28 -1.85
N ILE E 91 -34.17 29.99 -2.00
CA ILE E 91 -33.67 29.45 -3.29
C ILE E 91 -34.64 28.42 -3.88
N ILE E 92 -35.83 28.30 -3.30
CA ILE E 92 -36.88 27.45 -3.85
C ILE E 92 -37.68 28.20 -4.92
N GLU E 93 -37.94 27.51 -6.03
CA GLU E 93 -38.78 28.00 -7.11
C GLU E 93 -39.93 27.04 -7.37
N ARG E 94 -41.13 27.60 -7.54
CA ARG E 94 -42.33 26.79 -7.78
C ARG E 94 -42.84 26.89 -9.23
N GLY E 95 -42.53 27.99 -9.91
CA GLY E 95 -42.84 28.12 -11.33
C GLY E 95 -41.58 28.35 -12.13
N PRO E 96 -40.71 27.33 -12.27
CA PRO E 96 -39.46 27.58 -12.97
C PRO E 96 -39.62 27.58 -14.49
N GLU E 97 -38.98 28.55 -15.13
CA GLU E 97 -38.92 28.60 -16.58
C GLU E 97 -37.49 28.26 -17.01
N GLY E 98 -37.37 27.22 -17.83
CA GLY E 98 -36.09 26.68 -18.25
C GLY E 98 -36.08 25.17 -18.18
N ASP E 99 -34.93 24.57 -18.45
CA ASP E 99 -34.76 23.12 -18.40
C ASP E 99 -34.90 22.60 -16.96
N LYS E 100 -35.50 21.42 -16.85
CA LYS E 100 -35.73 20.76 -15.58
C LYS E 100 -35.22 19.34 -15.70
N TRP E 101 -34.69 18.80 -14.62
CA TRP E 101 -34.49 17.36 -14.53
C TRP E 101 -35.59 16.76 -13.66
N THR E 102 -36.39 15.90 -14.28
CA THR E 102 -37.42 15.15 -13.59
C THR E 102 -37.01 13.68 -13.56
N PRO E 103 -36.56 13.20 -12.39
CA PRO E 103 -36.09 11.82 -12.24
C PRO E 103 -37.19 10.82 -12.57
N ALA E 104 -36.77 9.68 -13.14
CA ALA E 104 -37.66 8.66 -13.71
C ALA E 104 -38.73 8.10 -12.77
N TRP E 105 -38.42 8.01 -11.47
CA TRP E 105 -39.35 7.41 -10.50
C TRP E 105 -40.57 8.26 -10.15
N TYR E 106 -40.55 9.55 -10.49
CA TYR E 106 -41.69 10.44 -10.27
C TYR E 106 -42.88 10.07 -11.15
N ARG E 107 -44.06 10.04 -10.54
CA ARG E 107 -45.32 9.89 -11.28
C ARG E 107 -46.02 11.24 -11.41
N THR E 108 -45.96 12.05 -10.35
CA THR E 108 -46.36 13.46 -10.40
C THR E 108 -45.15 14.36 -10.62
N GLU E 109 -45.35 15.45 -11.36
CA GLU E 109 -44.33 16.48 -11.54
C GLU E 109 -43.95 17.06 -10.16
N PRO E 110 -42.63 17.20 -9.89
CA PRO E 110 -42.21 17.87 -8.65
C PRO E 110 -42.71 19.30 -8.61
N ARG E 111 -42.97 19.81 -7.40
CA ARG E 111 -43.54 21.16 -7.24
C ARG E 111 -42.52 22.19 -6.74
N GLU E 112 -41.49 21.74 -6.02
CA GLU E 112 -40.44 22.63 -5.53
C GLU E 112 -39.12 22.31 -6.22
N TRP E 113 -38.46 23.37 -6.69
CA TRP E 113 -37.26 23.24 -7.50
C TRP E 113 -36.18 24.17 -7.00
N VAL E 114 -34.93 23.83 -7.35
CA VAL E 114 -33.77 24.67 -7.06
C VAL E 114 -32.95 24.77 -8.36
N GLU E 115 -32.50 25.98 -8.68
CA GLU E 115 -31.73 26.19 -9.88
C GLU E 115 -30.30 25.69 -9.71
N GLY E 116 -29.91 24.78 -10.61
CA GLY E 116 -28.52 24.35 -10.72
C GLY E 116 -27.94 24.75 -12.06
N VAL E 117 -26.71 24.31 -12.31
CA VAL E 117 -26.00 24.56 -13.56
C VAL E 117 -25.52 23.20 -14.09
N ASP E 118 -25.78 22.96 -15.38
CA ASP E 118 -25.25 21.80 -16.11
C ASP E 118 -23.75 22.07 -16.31
N LEU E 119 -22.89 21.26 -15.71
CA LEU E 119 -21.45 21.48 -15.79
C LEU E 119 -20.80 21.17 -17.17
N THR E 120 -21.57 20.53 -18.05
CA THR E 120 -21.13 20.31 -19.42
C THR E 120 -21.49 21.55 -20.27
N THR E 121 -22.77 21.89 -20.32
CA THR E 121 -23.22 22.96 -21.23
C THR E 121 -23.10 24.35 -20.61
N ARG E 122 -22.92 24.40 -19.28
CA ARG E 122 -22.97 25.66 -18.50
C ARG E 122 -24.32 26.40 -18.58
N GLU E 123 -25.35 25.67 -18.98
CA GLU E 123 -26.72 26.19 -19.02
C GLU E 123 -27.41 25.92 -17.68
N PRO E 124 -28.35 26.82 -17.27
CA PRO E 124 -29.15 26.54 -16.07
C PRO E 124 -30.04 25.31 -16.24
N VAL E 125 -30.32 24.64 -15.12
CA VAL E 125 -31.20 23.47 -15.11
C VAL E 125 -31.79 23.32 -13.70
N TYR E 126 -33.10 23.08 -13.63
CA TYR E 126 -33.77 22.95 -12.35
C TYR E 126 -33.79 21.52 -11.87
N VAL E 127 -33.59 21.38 -10.56
CA VAL E 127 -33.51 20.10 -9.89
C VAL E 127 -34.57 20.11 -8.78
N PRO E 128 -35.31 18.98 -8.58
CA PRO E 128 -36.28 18.92 -7.47
C PRO E 128 -35.60 19.23 -6.14
N ALA E 129 -36.30 19.98 -5.27
CA ALA E 129 -35.78 20.33 -3.94
C ALA E 129 -35.41 19.09 -3.13
N ASN E 130 -36.15 17.99 -3.34
CA ASN E 130 -35.88 16.70 -2.71
C ASN E 130 -34.55 16.06 -3.13
N GLU E 131 -33.99 16.55 -4.22
CA GLU E 131 -32.71 16.09 -4.76
C GLU E 131 -31.59 17.06 -4.40
N VAL E 132 -31.92 18.08 -3.60
CA VAL E 132 -30.95 19.09 -3.19
C VAL E 132 -30.79 19.12 -1.67
N PHE E 133 -31.92 19.34 -0.98
CA PHE E 133 -31.92 19.58 0.45
C PHE E 133 -31.95 18.29 1.26
N HIS E 134 -31.59 18.40 2.53
CA HIS E 134 -31.76 17.32 3.51
C HIS E 134 -31.88 17.91 4.92
N PRO E 135 -32.91 17.47 5.70
CA PRO E 135 -33.99 16.58 5.26
C PRO E 135 -35.11 17.34 4.52
N TRP E 136 -35.60 16.75 3.43
CA TRP E 136 -36.78 17.24 2.72
C TRP E 136 -37.89 16.23 2.96
N LEU E 137 -38.94 16.69 3.64
CA LEU E 137 -40.05 15.81 4.05
C LEU E 137 -40.98 15.41 2.90
N GLY E 138 -41.10 16.29 1.90
CA GLY E 138 -41.95 16.03 0.74
C GLY E 138 -41.41 15.01 -0.26
N ASP E 139 -42.23 14.73 -1.29
CA ASP E 139 -42.00 13.75 -2.36
C ASP E 139 -41.92 12.30 -1.85
N ALA E 140 -41.91 11.35 -2.78
CA ALA E 140 -41.94 9.91 -2.44
C ALA E 140 -40.68 9.45 -1.69
N LEU E 141 -39.50 9.73 -2.28
CA LEU E 141 -38.25 9.18 -1.77
C LEU E 141 -37.61 10.00 -0.64
N PRO E 142 -36.96 9.31 0.32
CA PRO E 142 -36.17 10.03 1.34
C PRO E 142 -35.12 10.96 0.72
N SER E 143 -34.94 12.13 1.31
CA SER E 143 -33.80 12.98 0.94
C SER E 143 -32.50 12.30 1.43
N HIS E 144 -31.38 12.60 0.76
CA HIS E 144 -30.07 12.09 1.20
C HIS E 144 -28.96 13.12 0.99
N THR E 145 -27.72 12.71 1.23
CA THR E 145 -26.57 13.61 1.19
C THR E 145 -25.48 13.20 0.19
N ASN E 146 -25.79 12.24 -0.67
CA ASN E 146 -24.86 11.80 -1.72
C ASN E 146 -24.61 12.94 -2.73
N GLY E 147 -23.34 13.29 -2.92
CA GLY E 147 -22.94 14.42 -3.76
C GLY E 147 -22.84 15.76 -3.04
N LEU E 148 -23.21 15.77 -1.75
CA LEU E 148 -23.17 16.99 -0.96
C LEU E 148 -21.79 17.15 -0.34
N SER E 149 -21.21 18.34 -0.48
CA SER E 149 -19.82 18.55 -0.10
C SER E 149 -19.46 20.01 0.15
N ALA E 150 -18.63 20.23 1.16
CA ALA E 150 -18.10 21.54 1.50
C ALA E 150 -16.61 21.64 1.14
N GLY E 151 -16.13 22.87 0.95
CA GLY E 151 -14.71 23.12 0.75
C GLY E 151 -14.37 24.58 1.00
N ARG E 152 -13.07 24.89 0.99
CA ARG E 152 -12.64 26.30 1.05
C ARG E 152 -12.79 27.04 -0.27
N LEU E 153 -12.85 26.27 -1.36
CA LEU E 153 -13.15 26.78 -2.68
C LEU E 153 -14.23 25.91 -3.29
N ARG E 154 -14.99 26.47 -4.22
CA ARG E 154 -16.08 25.73 -4.84
C ARG E 154 -15.56 24.49 -5.62
N GLU E 155 -14.37 24.60 -6.22
CA GLU E 155 -13.74 23.49 -6.94
C GLU E 155 -13.44 22.31 -6.02
N GLU E 156 -12.98 22.60 -4.80
CA GLU E 156 -12.73 21.55 -3.79
C GLU E 156 -14.01 20.75 -3.56
N ALA E 157 -15.12 21.47 -3.39
CA ALA E 157 -16.44 20.86 -3.11
C ALA E 157 -17.01 20.06 -4.27
N VAL E 158 -16.89 20.60 -5.50
CA VAL E 158 -17.35 19.92 -6.73
C VAL E 158 -16.59 18.59 -6.91
N ILE E 159 -15.26 18.63 -6.75
CA ILE E 159 -14.40 17.43 -6.86
C ILE E 159 -14.82 16.37 -5.84
N GLN E 160 -14.88 16.76 -4.56
CA GLN E 160 -15.33 15.88 -3.48
C GLN E 160 -16.72 15.32 -3.75
N GLY E 161 -17.67 16.20 -4.09
CA GLY E 161 -19.04 15.79 -4.36
C GLY E 161 -19.15 14.82 -5.52
N LEU E 162 -18.46 15.13 -6.61
CA LEU E 162 -18.51 14.33 -7.83
C LEU E 162 -17.86 12.95 -7.63
N LEU E 163 -16.74 12.92 -6.92
CA LEU E 163 -16.07 11.65 -6.63
C LEU E 163 -16.93 10.75 -5.76
N GLU E 164 -17.66 11.36 -4.81
CA GLU E 164 -18.59 10.61 -3.96
C GLU E 164 -19.72 9.95 -4.78
N VAL E 165 -20.21 10.67 -5.79
CA VAL E 165 -21.24 10.16 -6.68
C VAL E 165 -20.73 8.94 -7.47
N VAL E 166 -19.51 9.06 -8.02
CA VAL E 166 -18.86 7.93 -8.73
C VAL E 166 -18.69 6.72 -7.80
N GLU E 167 -18.24 7.01 -6.58
CA GLU E 167 -18.05 5.98 -5.55
C GLU E 167 -19.34 5.17 -5.31
N ARG E 168 -20.44 5.86 -5.03
CA ARG E 168 -21.73 5.20 -4.81
C ARG E 168 -22.33 4.56 -6.07
N ASP E 169 -21.99 5.10 -7.25
CA ASP E 169 -22.34 4.45 -8.52
C ASP E 169 -21.66 3.09 -8.64
N SER E 170 -20.35 3.01 -8.37
CA SER E 170 -19.59 1.76 -8.39
C SER E 170 -20.09 0.76 -7.37
N TRP E 171 -20.30 1.21 -6.13
CA TRP E 171 -20.89 0.38 -5.07
C TRP E 171 -22.28 -0.14 -5.47
N SER E 172 -23.12 0.74 -6.03
CA SER E 172 -24.45 0.36 -6.55
C SER E 172 -24.38 -0.75 -7.59
N ILE E 173 -23.47 -0.62 -8.55
CA ILE E 173 -23.26 -1.62 -9.62
C ILE E 173 -22.90 -3.00 -9.05
N VAL E 174 -22.04 -2.98 -8.02
CA VAL E 174 -21.59 -4.18 -7.34
C VAL E 174 -22.75 -4.86 -6.61
N GLU E 175 -23.56 -4.09 -5.88
CA GLU E 175 -24.68 -4.64 -5.13
C GLU E 175 -25.83 -5.12 -6.03
N TYR E 176 -26.13 -4.31 -7.06
CA TYR E 176 -27.18 -4.61 -8.02
C TYR E 176 -26.94 -5.91 -8.76
N PHE E 177 -25.72 -6.13 -9.24
CA PHE E 177 -25.39 -7.31 -10.04
C PHE E 177 -24.74 -8.42 -9.22
N ARG E 178 -24.42 -8.14 -7.97
CA ARG E 178 -23.69 -9.08 -7.09
C ARG E 178 -22.36 -9.50 -7.72
N ILE E 179 -21.63 -8.50 -8.20
CA ILE E 179 -20.28 -8.64 -8.76
C ILE E 179 -19.32 -9.00 -7.63
N HIS E 180 -18.36 -9.87 -7.93
CA HIS E 180 -17.27 -10.22 -7.02
C HIS E 180 -16.04 -9.43 -7.41
N PRO E 181 -15.87 -8.19 -6.88
CA PRO E 181 -14.69 -7.42 -7.29
C PRO E 181 -13.38 -8.08 -6.84
N PRO E 182 -12.29 -7.86 -7.60
CA PRO E 182 -10.98 -8.43 -7.24
C PRO E 182 -10.40 -7.86 -5.96
N GLU E 183 -9.57 -8.66 -5.29
CA GLU E 183 -8.79 -8.20 -4.15
C GLU E 183 -7.76 -7.17 -4.63
N LEU E 184 -7.60 -6.08 -3.89
CA LEU E 184 -6.58 -5.10 -4.20
C LEU E 184 -5.38 -5.25 -3.29
N GLU E 185 -4.23 -5.49 -3.90
CA GLU E 185 -2.98 -5.66 -3.18
C GLU E 185 -2.29 -4.31 -3.03
N VAL E 186 -1.90 -3.98 -1.80
CA VAL E 186 -1.19 -2.74 -1.48
C VAL E 186 0.08 -3.06 -0.68
N HIS E 187 0.96 -2.06 -0.55
CA HIS E 187 2.20 -2.23 0.21
C HIS E 187 2.51 -0.95 0.97
N GLY E 188 3.69 -0.88 1.57
CA GLY E 188 4.14 0.33 2.26
C GLY E 188 3.17 0.83 3.33
N GLU E 189 2.97 2.13 3.36
CA GLU E 189 2.17 2.79 4.40
C GLU E 189 0.70 2.36 4.39
N LEU E 190 0.16 2.09 3.19
CA LEU E 190 -1.21 1.65 3.04
C LEU E 190 -1.45 0.26 3.61
N GLU E 191 -0.52 -0.66 3.37
CA GLU E 191 -0.58 -1.99 3.96
C GLU E 191 -0.40 -1.93 5.48
N GLU E 192 0.50 -1.06 5.95
CA GLU E 192 0.71 -0.81 7.38
C GLU E 192 -0.58 -0.32 8.03
N LEU E 193 -1.28 0.58 7.33
CA LEU E 193 -2.55 1.08 7.81
C LEU E 193 -3.61 0.00 7.88
N ARG E 194 -3.78 -0.80 6.83
CA ARG E 194 -4.83 -1.80 6.92
C ARG E 194 -4.53 -2.92 7.93
N ARG E 195 -3.25 -3.25 8.11
CA ARG E 195 -2.81 -4.18 9.17
C ARG E 195 -3.12 -3.62 10.56
N SER E 196 -2.91 -2.31 10.74
CA SER E 196 -3.26 -1.60 11.97
C SER E 196 -4.75 -1.73 12.29
N LEU E 197 -5.57 -1.47 11.27
CA LEU E 197 -7.03 -1.60 11.42
C LEU E 197 -7.48 -3.03 11.55
N GLU E 198 -6.80 -3.94 10.85
CA GLU E 198 -7.08 -5.38 10.95
C GLU E 198 -6.82 -5.90 12.37
N ARG E 199 -5.77 -5.38 13.01
CA ARG E 199 -5.49 -5.65 14.43
C ARG E 199 -6.62 -5.18 15.34
N GLU E 200 -7.28 -4.09 14.96
CA GLU E 200 -8.41 -3.53 15.71
C GLU E 200 -9.66 -4.37 15.66
N VAL E 201 -9.97 -4.90 14.48
CA VAL E 201 -11.32 -5.39 14.21
C VAL E 201 -11.42 -6.91 13.99
N GLY E 202 -10.39 -7.52 13.42
CA GLY E 202 -10.43 -8.94 13.06
C GLY E 202 -9.87 -9.20 11.69
N ARG E 203 -10.57 -8.70 10.65
CA ARG E 203 -10.21 -8.88 9.25
C ARG E 203 -10.55 -7.60 8.46
N VAL E 204 -9.63 -7.11 7.62
CA VAL E 204 -9.92 -5.98 6.70
C VAL E 204 -9.56 -6.36 5.27
N GLU E 205 -10.57 -6.39 4.40
CA GLU E 205 -10.43 -6.81 3.01
C GLU E 205 -10.51 -5.63 2.04
N LEU E 206 -9.52 -5.50 1.16
CA LEU E 206 -9.54 -4.45 0.12
C LEU E 206 -9.97 -4.98 -1.24
N ARG E 207 -10.81 -4.20 -1.92
CA ARG E 207 -11.31 -4.52 -3.27
C ARG E 207 -11.19 -3.32 -4.20
N LEU E 208 -10.86 -3.60 -5.46
CA LEU E 208 -10.97 -2.58 -6.50
C LEU E 208 -12.32 -2.77 -7.19
N LEU E 209 -13.19 -1.78 -7.06
CA LEU E 209 -14.53 -1.87 -7.63
C LEU E 209 -14.49 -1.53 -9.11
N PRO E 210 -15.47 -2.04 -9.89
CA PRO E 210 -15.52 -1.60 -11.28
C PRO E 210 -15.96 -0.13 -11.30
N SER E 211 -15.19 0.69 -12.01
CA SER E 211 -15.51 2.09 -12.20
C SER E 211 -16.10 2.29 -13.58
N ARG E 212 -17.23 3.00 -13.65
CA ARG E 212 -17.83 3.39 -14.94
C ARG E 212 -17.29 4.73 -15.45
N VAL E 213 -16.33 5.30 -14.75
CA VAL E 213 -15.75 6.59 -15.12
C VAL E 213 -14.25 6.39 -15.35
N GLU E 214 -13.87 6.53 -16.61
CA GLU E 214 -12.48 6.51 -17.07
C GLU E 214 -11.58 7.41 -16.22
N GLY E 215 -10.50 6.83 -15.72
CA GLY E 215 -9.50 7.56 -14.93
C GLY E 215 -9.80 7.77 -13.46
N VAL E 216 -10.94 7.25 -12.98
CA VAL E 216 -11.29 7.34 -11.56
C VAL E 216 -11.33 5.92 -11.01
N TYR E 217 -10.67 5.72 -9.87
CA TYR E 217 -10.61 4.44 -9.20
C TYR E 217 -11.51 4.41 -7.99
N VAL E 218 -12.19 3.30 -7.79
CA VAL E 218 -13.04 3.11 -6.61
C VAL E 218 -12.60 1.88 -5.81
N VAL E 219 -12.30 2.12 -4.54
CA VAL E 219 -11.81 1.08 -3.64
C VAL E 219 -12.84 0.87 -2.56
N GLY E 220 -13.13 -0.41 -2.30
CA GLY E 220 -13.94 -0.80 -1.15
C GLY E 220 -13.11 -1.51 -0.10
N ALA E 221 -13.45 -1.26 1.17
CA ALA E 221 -12.84 -1.96 2.30
C ALA E 221 -13.94 -2.61 3.16
N VAL E 222 -13.87 -3.94 3.32
CA VAL E 222 -14.87 -4.64 4.12
C VAL E 222 -14.22 -5.32 5.33
N THR E 223 -14.94 -5.34 6.44
CA THR E 223 -14.44 -5.98 7.65
C THR E 223 -15.20 -7.26 8.01
N GLU E 224 -14.51 -8.14 8.74
CA GLU E 224 -15.10 -9.27 9.45
C GLU E 224 -14.65 -9.16 10.90
N ALA E 225 -15.59 -9.37 11.82
CA ALA E 225 -15.36 -9.20 13.25
C ALA E 225 -16.18 -10.18 14.09
N GLU E 226 -15.76 -10.35 15.35
CA GLU E 226 -16.49 -11.15 16.35
C GLU E 226 -17.88 -10.59 16.66
N ARG E 227 -18.03 -9.27 16.58
CA ARG E 227 -19.29 -8.60 16.82
C ARG E 227 -19.82 -8.06 15.49
N VAL E 228 -21.11 -8.27 15.25
CA VAL E 228 -21.74 -7.96 13.96
C VAL E 228 -21.77 -6.45 13.63
N GLU E 229 -21.84 -5.60 14.67
CA GLU E 229 -21.83 -4.15 14.49
C GLU E 229 -20.44 -3.59 14.16
N GLU E 230 -19.42 -4.43 14.30
CA GLU E 230 -18.04 -4.09 13.91
C GLU E 230 -17.77 -4.49 12.45
N VAL E 232 -18.26 -3.40 9.19
CA VAL E 232 -18.58 -2.19 8.45
C VAL E 232 -17.92 -2.24 7.07
N GLY E 234 -16.26 0.55 3.98
CA GLY E 234 -15.77 1.89 3.66
C GLY E 234 -15.41 1.94 2.20
N PHE E 235 -15.56 3.12 1.59
CA PHE E 235 -15.27 3.33 0.17
C PHE E 235 -14.51 4.63 -0.07
N GLY E 236 -13.77 4.66 -1.16
CA GLY E 236 -13.08 5.88 -1.58
C GLY E 236 -13.00 5.88 -3.08
N ALA E 237 -13.08 7.06 -3.67
CA ALA E 237 -12.93 7.25 -5.09
C ALA E 237 -11.96 8.41 -5.34
N SER E 238 -11.05 8.21 -6.30
CA SER E 238 -10.07 9.23 -6.70
C SER E 238 -9.38 8.86 -8.01
N PRO E 239 -8.88 9.86 -8.78
CA PRO E 239 -7.97 9.54 -9.90
C PRO E 239 -6.63 8.99 -9.40
N ASP E 240 -6.35 9.21 -8.12
CA ASP E 240 -5.18 8.68 -7.45
C ASP E 240 -5.59 7.43 -6.64
N PRO E 241 -5.20 6.23 -7.12
CA PRO E 241 -5.67 5.01 -6.45
C PRO E 241 -5.26 4.87 -4.97
N GLU E 242 -4.11 5.42 -4.60
CA GLU E 242 -3.63 5.46 -3.21
C GLU E 242 -4.57 6.26 -2.30
N ALA E 244 -7.77 6.71 -3.04
CA ALA E 244 -8.96 5.89 -2.99
C ALA E 244 -8.88 4.84 -1.86
N VAL E 245 -7.73 4.13 -1.78
CA VAL E 245 -7.48 3.16 -0.70
C VAL E 245 -7.55 3.81 0.69
N LEU E 246 -6.87 4.93 0.86
CA LEU E 246 -6.80 5.63 2.13
C LEU E 246 -8.20 6.04 2.60
N ARG E 247 -8.97 6.62 1.69
CA ARG E 247 -10.36 7.01 1.96
C ARG E 247 -11.21 5.84 2.42
N ALA E 248 -11.07 4.70 1.73
CA ALA E 248 -11.81 3.48 2.09
C ALA E 248 -11.44 3.03 3.53
N LEU E 249 -10.15 3.03 3.84
CA LEU E 249 -9.69 2.65 5.19
C LEU E 249 -10.11 3.64 6.27
N LEU E 250 -10.09 4.93 5.94
CA LEU E 250 -10.55 5.97 6.85
C LEU E 250 -12.04 5.85 7.17
N GLU E 251 -12.84 5.54 6.16
CA GLU E 251 -14.27 5.29 6.33
C GLU E 251 -14.57 4.10 7.23
N VAL E 252 -13.77 3.04 7.12
CA VAL E 252 -13.84 1.90 8.04
C VAL E 252 -13.61 2.34 9.49
N ALA E 253 -12.54 3.10 9.74
CA ALA E 253 -12.27 3.67 11.07
C ALA E 253 -13.45 4.49 11.59
N GLN E 254 -13.99 5.36 10.74
CA GLN E 254 -15.12 6.22 11.09
C GLN E 254 -16.36 5.38 11.48
N GLY E 255 -16.68 4.39 10.63
CA GLY E 255 -17.79 3.47 10.87
C GLY E 255 -17.68 2.75 12.21
N LEU E 256 -16.47 2.26 12.52
CA LEU E 256 -16.15 1.57 13.77
C LEU E 256 -16.36 2.42 15.01
N SER E 257 -15.85 3.64 14.99
CA SER E 257 -16.07 4.64 16.04
C SER E 257 -17.56 4.87 16.32
N ALA E 259 -20.13 2.93 15.32
CA ALA E 259 -20.73 1.65 15.72
C ALA E 259 -20.51 1.38 17.21
N ARG E 260 -19.30 1.66 17.69
CA ARG E 260 -18.96 1.52 19.10
C ARG E 260 -19.76 2.46 20.01
N ARG E 261 -20.14 3.62 19.49
CA ARG E 261 -20.98 4.58 20.23
C ARG E 261 -22.48 4.33 20.06
N GLY E 262 -22.83 3.25 19.37
CA GLY E 262 -24.24 2.90 19.09
C GLY E 262 -24.97 3.89 18.21
N ILE E 263 -24.24 4.69 17.43
CA ILE E 263 -24.84 5.55 16.41
C ILE E 263 -25.12 4.66 15.19
N GLU E 264 -26.29 4.85 14.58
CA GLU E 264 -26.63 4.11 13.35
C GLU E 264 -26.67 5.04 12.14
N SER E 265 -26.05 4.60 11.05
CA SER E 265 -26.24 5.21 9.74
C SER E 265 -27.23 4.34 8.96
N PRO E 266 -28.34 4.95 8.46
CA PRO E 266 -29.42 4.16 7.82
C PRO E 266 -28.98 3.36 6.57
N VAL E 267 -28.84 2.04 6.75
CA VAL E 267 -28.53 1.09 5.65
C VAL E 267 -29.45 -0.13 5.70
N LYS E 279 -32.15 -10.89 13.99
CA LYS E 279 -30.83 -10.65 14.57
C LYS E 279 -29.74 -11.40 13.80
N LEU E 280 -28.80 -10.63 13.24
CA LEU E 280 -27.69 -11.16 12.44
C LEU E 280 -26.49 -11.56 13.28
N THR E 281 -25.89 -12.70 12.91
CA THR E 281 -24.57 -13.10 13.40
C THR E 281 -23.55 -12.69 12.34
N PRO E 282 -22.25 -12.58 12.72
CA PRO E 282 -21.17 -12.39 11.75
C PRO E 282 -21.12 -13.46 10.64
N GLU E 283 -21.35 -14.73 11.00
CA GLU E 283 -21.31 -15.82 10.01
C GLU E 283 -22.38 -15.62 8.96
N ARG E 284 -23.60 -15.30 9.41
CA ARG E 284 -24.73 -15.11 8.51
C ARG E 284 -24.52 -13.94 7.56
N LEU E 285 -24.06 -12.80 8.09
CA LEU E 285 -23.74 -11.60 7.28
C LEU E 285 -22.69 -11.89 6.19
N LYS E 286 -21.65 -12.66 6.54
CA LYS E 286 -20.60 -13.06 5.60
C LYS E 286 -21.15 -13.94 4.47
N ARG E 287 -21.99 -14.90 4.85
CA ARG E 287 -22.57 -15.85 3.89
C ARG E 287 -23.59 -15.19 2.97
N LEU E 288 -24.27 -14.14 3.47
CA LEU E 288 -25.20 -13.34 2.67
C LEU E 288 -24.50 -12.26 1.83
N ASN E 289 -23.19 -12.10 2.02
CA ASN E 289 -22.38 -11.13 1.27
C ASN E 289 -21.15 -11.77 0.64
N ARG E 290 -21.38 -12.90 -0.05
CA ARG E 290 -20.28 -13.70 -0.62
C ARG E 290 -19.55 -12.98 -1.76
N HIS E 291 -20.26 -12.06 -2.42
CA HIS E 291 -19.67 -11.26 -3.50
C HIS E 291 -18.52 -10.40 -2.98
N TRP E 292 -18.62 -9.98 -1.72
CA TRP E 292 -17.56 -9.24 -1.04
C TRP E 292 -16.44 -10.12 -0.49
N PHE E 293 -16.82 -11.30 0.02
CA PHE E 293 -15.88 -12.17 0.72
C PHE E 293 -15.25 -13.26 -0.16
N GLU E 294 -15.74 -13.41 -1.39
CA GLU E 294 -15.13 -14.32 -2.36
C GLU E 294 -14.62 -13.56 -3.61
N PRO E 295 -13.49 -12.81 -3.46
CA PRO E 295 -13.01 -12.04 -4.61
C PRO E 295 -12.60 -12.93 -5.78
N GLU E 296 -12.92 -12.49 -6.99
CA GLU E 296 -12.40 -13.17 -8.16
C GLU E 296 -11.25 -12.38 -8.74
N GLY E 297 -10.06 -12.98 -8.61
CA GLY E 297 -8.85 -12.35 -9.07
C GLY E 297 -8.25 -11.37 -8.09
N THR E 298 -7.10 -10.86 -8.48
CA THR E 298 -6.31 -9.92 -7.69
C THR E 298 -5.79 -8.82 -8.62
N VAL E 299 -5.63 -7.62 -8.06
CA VAL E 299 -5.02 -6.48 -8.75
C VAL E 299 -3.96 -5.92 -7.83
N GLU E 300 -2.81 -5.59 -8.40
CA GLU E 300 -1.72 -4.94 -7.67
C GLU E 300 -1.76 -3.43 -7.92
N ILE E 301 -1.70 -2.64 -6.84
CA ILE E 301 -1.93 -1.19 -6.91
C ILE E 301 -0.97 -0.47 -7.88
N ASP E 302 0.26 -0.98 -7.98
CA ASP E 302 1.30 -0.43 -8.88
C ASP E 302 0.96 -0.53 -10.35
N ASP E 303 0.11 -1.48 -10.73
CA ASP E 303 -0.28 -1.66 -12.13
C ASP E 303 -1.37 -0.68 -12.62
N LEU E 304 -1.88 0.15 -11.71
CA LEU E 304 -2.94 1.10 -12.03
C LEU E 304 -2.37 2.41 -12.62
N ASP E 305 -2.77 2.75 -13.85
CA ASP E 305 -2.33 3.98 -14.51
C ASP E 305 -2.89 5.22 -13.82
N ARG E 306 -2.03 6.20 -13.56
CA ARG E 306 -2.49 7.52 -13.17
C ARG E 306 -2.82 8.32 -14.44
N VAL E 307 -4.10 8.26 -14.81
CA VAL E 307 -4.61 8.85 -16.05
C VAL E 307 -4.73 10.37 -15.86
N ILE E 308 -5.41 10.76 -14.79
CA ILE E 308 -5.59 12.17 -14.46
C ILE E 308 -4.50 12.52 -13.43
N THR E 309 -3.66 13.48 -13.81
CA THR E 309 -2.49 13.85 -13.03
C THR E 309 -2.66 15.26 -12.52
N THR E 310 -2.71 15.34 -11.20
CA THR E 310 -3.33 16.44 -10.51
C THR E 310 -2.37 17.61 -10.33
N GLY E 311 -2.59 18.65 -11.12
CA GLY E 311 -1.82 19.88 -10.98
C GLY E 311 -2.66 20.93 -10.28
N SER E 312 -3.52 21.58 -11.04
CA SER E 312 -4.36 22.66 -10.53
C SER E 312 -5.78 22.17 -10.25
N LEU E 313 -6.41 22.84 -9.28
CA LEU E 313 -7.78 22.55 -8.88
C LEU E 313 -8.80 22.75 -10.00
N GLU E 314 -8.68 23.85 -10.74
CA GLU E 314 -9.58 24.15 -11.86
C GLU E 314 -9.51 23.07 -12.95
N LYS E 315 -8.28 22.67 -13.29
CA LYS E 315 -8.02 21.65 -14.31
C LYS E 315 -8.52 20.28 -13.86
N LEU E 316 -8.28 19.93 -12.59
CA LEU E 316 -8.78 18.68 -12.05
C LEU E 316 -10.33 18.64 -12.09
N THR E 317 -10.97 19.73 -11.67
CA THR E 317 -12.44 19.84 -11.70
C THR E 317 -12.94 19.62 -13.13
N GLU E 318 -12.32 20.30 -14.08
CA GLU E 318 -12.67 20.24 -15.51
C GLU E 318 -12.54 18.81 -16.05
N GLU E 319 -11.43 18.15 -15.73
CA GLU E 319 -11.17 16.80 -16.26
C GLU E 319 -12.13 15.73 -15.69
N LEU E 320 -12.42 15.82 -14.40
CA LEU E 320 -13.37 14.90 -13.77
C LEU E 320 -14.78 15.08 -14.30
N VAL E 321 -15.22 16.33 -14.43
CA VAL E 321 -16.54 16.64 -15.01
C VAL E 321 -16.64 16.05 -16.45
N GLU E 322 -15.62 16.32 -17.27
CA GLU E 322 -15.53 15.74 -18.62
C GLU E 322 -15.69 14.22 -18.64
N ARG E 323 -14.96 13.52 -17.77
CA ARG E 323 -14.98 12.06 -17.72
C ARG E 323 -16.33 11.52 -17.27
N VAL E 324 -16.94 12.16 -16.27
CA VAL E 324 -18.27 11.74 -15.83
C VAL E 324 -19.32 11.95 -16.94
N ALA E 325 -19.22 13.08 -17.64
CA ALA E 325 -20.17 13.42 -18.71
C ALA E 325 -20.07 12.50 -19.93
N GLU E 326 -18.92 11.85 -20.10
CA GLU E 326 -18.66 10.92 -21.19
C GLU E 326 -19.12 9.49 -20.91
N ALA E 327 -19.47 9.23 -19.65
CA ALA E 327 -19.64 7.87 -19.12
C ALA E 327 -21.01 7.23 -19.35
N GLY E 328 -21.93 7.95 -20.00
CA GLY E 328 -23.28 7.43 -20.25
C GLY E 328 -24.11 7.47 -18.99
N LEU E 329 -23.79 8.41 -18.10
CA LEU E 329 -24.47 8.50 -16.81
C LEU E 329 -25.35 9.75 -16.69
N GLY E 330 -25.86 10.25 -17.82
CA GLY E 330 -26.68 11.47 -17.85
C GLY E 330 -25.88 12.75 -17.61
N LYS E 331 -26.57 13.77 -17.09
CA LYS E 331 -26.01 15.11 -16.89
C LYS E 331 -25.29 15.29 -15.57
N VAL E 332 -24.27 16.14 -15.57
CA VAL E 332 -23.53 16.52 -14.38
C VAL E 332 -24.07 17.88 -13.97
N ILE E 333 -24.72 17.93 -12.81
CA ILE E 333 -25.40 19.13 -12.35
C ILE E 333 -24.85 19.57 -11.00
N GLU E 334 -24.51 20.85 -10.91
CA GLU E 334 -24.09 21.48 -9.67
C GLU E 334 -25.16 22.46 -9.16
N VAL E 335 -25.51 22.32 -7.89
CA VAL E 335 -26.36 23.28 -7.19
C VAL E 335 -25.51 23.97 -6.11
N ASP E 336 -25.47 25.29 -6.14
CA ASP E 336 -24.76 26.08 -5.14
C ASP E 336 -25.56 26.14 -3.85
N LEU E 337 -24.95 25.69 -2.76
CA LEU E 337 -25.61 25.71 -1.46
C LEU E 337 -24.89 26.60 -0.43
N THR E 338 -23.95 27.43 -0.89
CA THR E 338 -23.22 28.37 -0.04
C THR E 338 -24.22 29.23 0.76
N LEU E 339 -24.05 29.26 2.08
CA LEU E 339 -24.89 30.11 2.93
C LEU E 339 -24.45 31.58 2.78
N GLU E 340 -25.38 32.51 2.94
CA GLU E 340 -25.05 33.93 2.90
C GLU E 340 -24.24 34.33 4.14
N ASN E 341 -24.70 33.87 5.31
CA ASN E 341 -24.08 34.17 6.60
C ASN E 341 -22.63 33.65 6.71
N LEU E 342 -22.44 32.34 6.55
CA LEU E 342 -21.10 31.77 6.46
C LEU E 342 -20.64 31.89 5.03
N ASP E 343 -19.38 32.26 4.84
CA ASP E 343 -18.85 32.31 3.49
C ASP E 343 -18.08 31.02 3.16
N VAL E 344 -18.78 29.89 3.24
CA VAL E 344 -18.18 28.56 3.00
C VAL E 344 -18.82 27.90 1.78
N PRO E 345 -18.03 27.70 0.70
CA PRO E 345 -18.56 27.00 -0.47
C PRO E 345 -19.11 25.61 -0.11
N VAL E 346 -20.39 25.40 -0.41
CA VAL E 346 -21.03 24.08 -0.30
C VAL E 346 -21.76 23.84 -1.62
N VAL E 347 -21.66 22.62 -2.14
CA VAL E 347 -22.40 22.25 -3.34
C VAL E 347 -23.16 20.93 -3.18
N ARG E 348 -24.19 20.76 -3.98
CA ARG E 348 -24.75 19.45 -4.21
C ARG E 348 -24.50 19.09 -5.67
N VAL E 349 -23.77 17.99 -5.86
CA VAL E 349 -23.53 17.45 -7.19
C VAL E 349 -24.53 16.33 -7.43
N ARG E 350 -25.23 16.40 -8.55
CA ARG E 350 -26.09 15.30 -8.97
C ARG E 350 -25.64 14.86 -10.35
N VAL E 351 -25.58 13.55 -10.55
CA VAL E 351 -25.31 13.00 -11.87
C VAL E 351 -26.55 12.20 -12.21
N THR E 352 -27.30 12.70 -13.20
CA THR E 352 -28.72 12.29 -13.39
C THR E 352 -28.94 10.80 -13.66
N GLY E 353 -27.97 10.14 -14.28
CA GLY E 353 -28.07 8.70 -14.57
C GLY E 353 -27.12 7.83 -13.75
N ALA E 354 -26.40 8.42 -12.80
CA ALA E 354 -25.56 7.64 -11.87
C ALA E 354 -26.46 6.86 -10.94
N SER E 355 -26.04 5.64 -10.61
CA SER E 355 -26.84 4.79 -9.73
C SER E 355 -26.67 5.14 -8.24
N GLU E 356 -27.80 5.24 -7.54
CA GLU E 356 -27.84 5.39 -6.08
C GLU E 356 -28.66 4.27 -5.44
N TYR E 357 -28.56 3.10 -6.07
CA TYR E 357 -29.22 1.86 -5.64
C TYR E 357 -28.95 1.53 -4.18
N VAL E 358 -27.71 1.73 -3.73
CA VAL E 358 -27.32 1.50 -2.33
C VAL E 358 -28.02 2.45 -1.37
N ILE E 359 -28.42 3.63 -1.84
CA ILE E 359 -29.13 4.59 -0.99
C ILE E 359 -30.64 4.29 -0.96
N ASP E 360 -31.21 4.10 -2.13
CA ASP E 360 -32.60 3.67 -2.27
C ASP E 360 -32.71 2.79 -3.50
N GLU E 361 -33.42 1.67 -3.35
CA GLU E 361 -33.65 0.70 -4.43
C GLU E 361 -34.33 1.28 -5.67
N ALA E 362 -35.17 2.30 -5.47
CA ALA E 362 -35.81 3.02 -6.59
C ALA E 362 -34.82 3.87 -7.43
N ARG E 363 -33.68 4.23 -6.85
CA ARG E 363 -32.70 5.10 -7.53
C ARG E 363 -31.69 4.30 -8.38
N VAL E 364 -32.23 3.54 -9.33
CA VAL E 364 -31.46 2.59 -10.17
C VAL E 364 -30.45 3.28 -11.10
N GLY E 365 -30.85 4.40 -11.70
CA GLY E 365 -30.03 5.10 -12.70
C GLY E 365 -29.88 4.30 -13.99
N ASN E 366 -28.86 4.65 -14.78
CA ASN E 366 -28.58 4.01 -16.06
C ASN E 366 -27.88 2.69 -15.85
N PRO E 368 -26.91 -1.21 -17.48
CA PRO E 368 -26.90 -2.14 -18.62
C PRO E 368 -27.59 -3.47 -18.27
N GLU E 369 -27.93 -4.26 -19.28
CA GLU E 369 -28.57 -5.56 -19.04
C GLU E 369 -27.61 -6.73 -19.22
N PRO E 371 -23.55 -6.22 -17.90
CA PRO E 371 -22.85 -5.85 -16.65
C PRO E 371 -21.32 -5.81 -16.80
N PRO E 372 -20.65 -4.84 -16.13
CA PRO E 372 -19.19 -4.76 -16.17
C PRO E 372 -18.51 -5.74 -15.20
N GLY E 373 -18.58 -7.03 -15.52
CA GLY E 373 -17.99 -8.11 -14.72
C GLY E 373 -17.58 -9.29 -15.60
N THR F 2 69.58 6.28 9.00
CA THR F 2 68.83 6.25 7.75
C THR F 2 68.42 7.68 7.41
N ASP F 3 68.99 8.21 6.32
CA ASP F 3 68.71 9.56 5.85
C ASP F 3 67.27 9.76 5.41
N ILE F 4 66.67 10.87 5.84
CA ILE F 4 65.40 11.29 5.27
C ILE F 4 65.72 11.96 3.95
N VAL F 5 65.36 11.31 2.85
CA VAL F 5 65.61 11.86 1.51
C VAL F 5 64.44 12.67 0.94
N TYR F 6 63.27 12.53 1.56
CA TYR F 6 62.02 13.13 1.08
C TYR F 6 61.19 13.57 2.28
N ASP F 7 60.80 14.85 2.28
CA ASP F 7 60.08 15.43 3.39
C ASP F 7 58.97 16.41 2.94
N VAL F 8 58.27 16.04 1.87
CA VAL F 8 57.16 16.86 1.34
C VAL F 8 55.87 16.53 2.10
N GLU F 9 55.18 15.44 1.75
CA GLU F 9 53.96 14.99 2.44
C GLU F 9 54.22 14.21 3.74
N GLY F 10 55.45 13.71 3.88
CA GLY F 10 55.85 12.91 5.03
C GLY F 10 57.35 12.64 4.99
N PHE F 11 57.87 12.10 6.08
CA PHE F 11 59.30 11.85 6.23
C PHE F 11 59.61 10.45 5.69
N ARG F 12 60.30 10.39 4.55
CA ARG F 12 60.54 9.12 3.87
C ARG F 12 62.02 8.86 3.61
N ALA F 13 62.39 7.58 3.72
CA ALA F 13 63.76 7.10 3.40
C ALA F 13 63.96 6.83 1.91
N PHE F 14 62.89 6.86 1.14
CA PHE F 14 62.94 6.66 -0.32
C PHE F 14 62.16 7.75 -1.05
N LEU F 15 62.56 8.03 -2.28
CA LEU F 15 61.77 8.91 -3.16
C LEU F 15 60.47 8.19 -3.58
N PRO F 16 59.34 8.92 -3.66
CA PRO F 16 58.07 8.33 -4.11
C PRO F 16 58.17 7.53 -5.41
N LYS F 17 59.01 7.99 -6.35
CA LYS F 17 59.20 7.29 -7.62
C LYS F 17 59.81 5.90 -7.37
N GLU F 18 60.75 5.81 -6.43
CA GLU F 18 61.36 4.54 -6.03
C GLU F 18 60.31 3.63 -5.36
N THR F 19 59.47 4.21 -4.49
CA THR F 19 58.42 3.45 -3.81
C THR F 19 57.31 2.96 -4.75
N LEU F 20 56.92 3.79 -5.71
CA LEU F 20 55.92 3.36 -6.69
C LEU F 20 56.41 2.15 -7.52
N ARG F 21 57.69 2.15 -7.90
CA ARG F 21 58.34 1.02 -8.60
C ARG F 21 58.27 -0.25 -7.77
N TRP F 22 58.55 -0.09 -6.48
CA TRP F 22 58.57 -1.16 -5.50
C TRP F 22 57.16 -1.74 -5.27
N ILE F 23 56.15 -0.86 -5.16
CA ILE F 23 54.74 -1.24 -5.05
C ILE F 23 54.28 -2.05 -6.28
N ARG F 24 54.64 -1.55 -7.47
CA ARG F 24 54.30 -2.21 -8.72
C ARG F 24 54.99 -3.56 -8.90
N HIS F 25 56.26 -3.64 -8.51
CA HIS F 25 57.04 -4.88 -8.60
C HIS F 25 56.45 -6.00 -7.73
N ARG F 26 56.06 -5.63 -6.51
CA ARG F 26 55.55 -6.56 -5.52
C ARG F 26 54.05 -6.84 -5.67
N GLU F 27 53.41 -6.17 -6.63
CA GLU F 27 51.97 -6.34 -6.95
C GLU F 27 51.06 -6.18 -5.72
N LEU F 28 51.42 -5.21 -4.87
CA LEU F 28 50.78 -5.01 -3.58
C LEU F 28 49.28 -4.75 -3.69
N GLU F 29 48.89 -3.89 -4.64
CA GLU F 29 47.48 -3.50 -4.79
C GLU F 29 46.58 -4.69 -5.16
N ARG F 30 46.98 -5.47 -6.16
CA ARG F 30 46.26 -6.70 -6.51
C ARG F 30 46.19 -7.64 -5.29
N LYS F 31 47.33 -7.85 -4.64
CA LYS F 31 47.42 -8.76 -3.49
C LYS F 31 46.59 -8.34 -2.27
N VAL F 32 46.21 -7.06 -2.24
CA VAL F 32 45.48 -6.48 -1.13
C VAL F 32 43.98 -6.31 -1.49
N GLY F 33 43.60 -6.73 -2.69
CA GLY F 33 42.20 -6.76 -3.11
C GLY F 33 41.67 -5.54 -3.85
N VAL F 34 42.58 -4.72 -4.41
CA VAL F 34 42.18 -3.58 -5.24
C VAL F 34 41.59 -4.11 -6.56
N VAL F 35 40.37 -3.69 -6.87
CA VAL F 35 39.68 -4.13 -8.10
C VAL F 35 39.40 -3.01 -9.11
N GLU F 36 39.39 -1.76 -8.64
CA GLU F 36 39.25 -0.60 -9.52
C GLU F 36 40.01 0.63 -9.01
N LYS F 37 40.59 1.37 -9.96
CA LYS F 37 41.34 2.60 -9.68
C LYS F 37 40.67 3.78 -10.37
N PHE F 38 40.74 4.95 -9.74
CA PHE F 38 40.28 6.21 -10.34
C PHE F 38 41.32 7.29 -10.11
N SER F 39 41.46 8.17 -11.10
CA SER F 39 42.33 9.34 -10.95
C SER F 39 41.52 10.63 -11.04
N ASP F 40 41.59 11.40 -9.95
CA ASP F 40 40.98 12.72 -9.90
C ASP F 40 42.05 13.80 -9.82
N ARG F 41 41.62 15.03 -10.03
CA ARG F 41 42.46 16.19 -9.78
C ARG F 41 41.54 17.26 -9.21
N VAL F 42 41.90 17.77 -8.04
CA VAL F 42 41.17 18.85 -7.39
C VAL F 42 42.08 20.08 -7.45
N GLY F 43 41.70 21.04 -8.29
CA GLY F 43 42.58 22.15 -8.64
C GLY F 43 43.91 21.58 -9.13
N PRO F 44 45.03 21.94 -8.48
CA PRO F 44 46.29 21.36 -8.89
C PRO F 44 46.63 19.99 -8.24
N ILE F 45 45.75 19.51 -7.34
CA ILE F 45 46.07 18.32 -6.51
C ILE F 45 45.58 17.00 -7.08
N PRO F 46 46.51 16.07 -7.36
CA PRO F 46 46.11 14.71 -7.77
C PRO F 46 45.52 13.93 -6.60
N VAL F 47 44.38 13.30 -6.84
CA VAL F 47 43.72 12.42 -5.87
C VAL F 47 43.50 11.08 -6.56
N GLU F 48 43.75 10.01 -5.82
CA GLU F 48 43.60 8.65 -6.32
C GLU F 48 42.56 7.92 -5.47
N ILE F 49 41.67 7.21 -6.13
CA ILE F 49 40.63 6.45 -5.43
C ILE F 49 40.74 4.98 -5.79
N ARG F 50 40.55 4.14 -4.77
CA ARG F 50 40.61 2.69 -4.91
C ARG F 50 39.34 2.03 -4.41
N ARG F 51 38.83 1.11 -5.21
CA ARG F 51 37.79 0.19 -4.77
C ARG F 51 38.50 -1.10 -4.37
N ARG F 52 38.29 -1.49 -3.12
CA ARG F 52 38.98 -2.62 -2.52
C ARG F 52 37.97 -3.64 -2.00
N ARG F 53 38.23 -4.91 -2.32
CA ARG F 53 37.37 -6.02 -1.90
C ARG F 53 38.07 -6.85 -0.83
N SER F 54 37.34 -7.16 0.22
CA SER F 54 37.78 -8.18 1.20
C SER F 54 36.57 -8.90 1.80
N GLN F 55 36.84 -9.84 2.72
CA GLN F 55 35.79 -10.56 3.45
C GLN F 55 34.85 -9.64 4.27
N TYR F 56 35.31 -8.42 4.56
CA TYR F 56 34.52 -7.44 5.31
C TYR F 56 33.63 -6.59 4.40
N GLY F 57 33.79 -6.76 3.09
CA GLY F 57 32.99 -6.07 2.08
C GLY F 57 33.82 -5.27 1.08
N GLU F 58 33.18 -4.27 0.48
CA GLU F 58 33.78 -3.44 -0.54
C GLU F 58 33.99 -2.04 0.01
N PHE F 59 35.21 -1.53 -0.11
CA PHE F 59 35.55 -0.24 0.46
C PHE F 59 36.18 0.70 -0.57
N TYR F 60 35.90 2.00 -0.39
CA TYR F 60 36.61 3.05 -1.09
C TYR F 60 37.73 3.63 -0.23
N HIS F 61 38.94 3.63 -0.77
CA HIS F 61 40.10 4.24 -0.12
C HIS F 61 40.67 5.34 -1.02
N ALA F 62 41.22 6.37 -0.40
CA ALA F 62 41.77 7.49 -1.17
C ALA F 62 43.24 7.73 -0.88
N GLY F 63 43.92 8.23 -1.90
CA GLY F 63 45.28 8.71 -1.76
C GLY F 63 45.36 10.08 -2.39
N LYS F 64 46.47 10.77 -2.13
CA LYS F 64 46.68 12.15 -2.58
C LYS F 64 48.13 12.53 -2.33
N GLY F 65 48.56 13.61 -2.98
CA GLY F 65 49.93 14.09 -2.90
C GLY F 65 50.09 15.33 -3.76
N THR F 66 51.28 15.91 -3.72
CA THR F 66 51.56 17.06 -4.59
C THR F 66 51.83 16.61 -6.03
N THR F 67 52.27 15.36 -6.18
CA THR F 67 52.56 14.74 -7.49
C THR F 67 51.66 13.53 -7.72
N ARG F 68 51.43 13.18 -8.98
CA ARG F 68 50.67 11.97 -9.34
C ARG F 68 51.30 10.70 -8.79
N ILE F 69 52.63 10.63 -8.84
CA ILE F 69 53.37 9.49 -8.27
C ILE F 69 53.08 9.33 -6.76
N GLN F 70 53.22 10.43 -6.00
CA GLN F 70 52.94 10.38 -4.56
C GLN F 70 51.48 10.03 -4.26
N ALA F 71 50.54 10.59 -5.01
CA ALA F 71 49.10 10.24 -4.91
C ALA F 71 48.87 8.73 -5.15
N ARG F 72 49.60 8.16 -6.10
CA ARG F 72 49.50 6.74 -6.42
C ARG F 72 50.15 5.84 -5.35
N VAL F 73 51.28 6.26 -4.77
CA VAL F 73 51.82 5.53 -3.60
C VAL F 73 50.92 5.63 -2.35
N SER F 74 50.44 6.84 -2.07
CA SER F 74 49.49 7.11 -0.98
C SER F 74 48.26 6.18 -1.01
N ALA F 75 47.60 6.09 -2.17
CA ALA F 75 46.41 5.24 -2.34
C ALA F 75 46.74 3.77 -2.14
N ALA F 76 47.85 3.32 -2.71
CA ALA F 76 48.29 1.92 -2.61
C ALA F 76 48.63 1.53 -1.16
N GLU F 78 47.62 3.06 1.56
CA GLU F 78 46.33 3.11 2.26
C GLU F 78 45.61 1.75 2.20
N CYS F 79 45.54 1.15 1.02
CA CYS F 79 44.93 -0.16 0.85
C CYS F 79 45.67 -1.20 1.67
N VAL F 80 47.02 -1.15 1.60
CA VAL F 80 47.92 -2.05 2.35
C VAL F 80 47.67 -1.96 3.85
N GLU F 81 47.59 -0.75 4.39
CA GLU F 81 47.39 -0.57 5.83
C GLU F 81 46.05 -1.13 6.31
N ARG F 82 45.00 -0.96 5.50
CA ARG F 82 43.67 -1.45 5.83
C ARG F 82 43.59 -2.98 5.80
N ALA F 83 44.27 -3.58 4.83
CA ALA F 83 44.39 -5.04 4.75
C ALA F 83 45.11 -5.59 5.98
N ALA F 84 46.22 -4.95 6.36
CA ALA F 84 47.01 -5.36 7.53
C ALA F 84 46.28 -5.20 8.86
N ALA F 85 45.36 -4.23 8.93
CA ALA F 85 44.58 -3.96 10.14
C ALA F 85 43.43 -4.93 10.37
N GLU F 86 43.08 -5.70 9.35
CA GLU F 86 42.00 -6.68 9.50
C GLU F 86 42.37 -7.75 10.53
N PRO F 87 41.43 -8.12 11.42
CA PRO F 87 41.69 -9.08 12.51
C PRO F 87 42.51 -10.29 12.07
N ARG F 88 43.54 -10.60 12.85
CA ARG F 88 44.47 -11.68 12.51
C ARG F 88 44.75 -12.60 13.70
N GLU F 89 44.14 -13.79 13.63
CA GLU F 89 44.19 -14.80 14.68
C GLU F 89 45.62 -15.17 15.05
N GLU F 90 46.51 -15.25 14.06
CA GLU F 90 47.92 -15.60 14.24
C GLU F 90 48.67 -14.75 15.29
N ILE F 91 48.25 -13.49 15.48
CA ILE F 91 48.91 -12.60 16.46
C ILE F 91 48.05 -12.31 17.68
N ILE F 92 46.89 -12.97 17.78
CA ILE F 92 46.03 -12.80 18.95
C ILE F 92 46.46 -13.74 20.07
N GLU F 93 46.60 -13.19 21.26
CA GLU F 93 46.87 -13.99 22.46
C GLU F 93 45.70 -13.86 23.43
N ARG F 94 45.28 -14.99 23.99
CA ARG F 94 44.13 -15.02 24.89
C ARG F 94 44.44 -15.20 26.38
N GLY F 95 45.60 -15.76 26.69
CA GLY F 95 46.06 -15.83 28.07
C GLY F 95 47.39 -15.13 28.28
N PRO F 96 47.45 -13.81 28.00
CA PRO F 96 48.77 -13.17 27.98
C PRO F 96 49.42 -12.99 29.35
N GLU F 97 50.74 -13.20 29.39
CA GLU F 97 51.55 -12.96 30.58
C GLU F 97 52.35 -11.67 30.37
N GLY F 98 52.16 -10.71 31.28
CA GLY F 98 52.87 -9.42 31.20
C GLY F 98 51.97 -8.22 31.41
N ASP F 99 52.54 -7.03 31.22
CA ASP F 99 51.80 -5.76 31.33
C ASP F 99 50.68 -5.66 30.28
N LYS F 100 49.58 -5.03 30.69
CA LYS F 100 48.39 -4.84 29.86
C LYS F 100 47.98 -3.38 29.89
N TRP F 101 47.44 -2.89 28.78
CA TRP F 101 46.68 -1.67 28.80
C TRP F 101 45.20 -2.01 28.69
N THR F 102 44.45 -1.63 29.71
CA THR F 102 43.01 -1.82 29.76
C THR F 102 42.37 -0.44 29.85
N PRO F 103 41.78 0.04 28.73
CA PRO F 103 41.05 1.31 28.74
C PRO F 103 39.90 1.31 29.74
N ALA F 104 39.53 2.49 30.23
CA ALA F 104 38.53 2.66 31.30
C ALA F 104 37.12 2.14 30.97
N TRP F 105 36.75 2.16 29.69
CA TRP F 105 35.41 1.73 29.26
C TRP F 105 35.14 0.22 29.30
N TYR F 106 36.16 -0.57 29.63
CA TYR F 106 35.97 -2.01 29.83
C TYR F 106 35.41 -2.31 31.22
N ARG F 107 34.18 -2.83 31.24
CA ARG F 107 33.56 -3.33 32.47
C ARG F 107 34.07 -4.74 32.74
N THR F 108 34.15 -5.53 31.66
CA THR F 108 34.79 -6.84 31.67
C THR F 108 36.14 -6.74 30.94
N GLU F 109 37.14 -7.44 31.48
CA GLU F 109 38.47 -7.54 30.86
C GLU F 109 38.38 -8.22 29.48
N PRO F 110 39.06 -7.66 28.44
CA PRO F 110 39.01 -8.23 27.08
C PRO F 110 39.59 -9.64 27.02
N ARG F 111 39.02 -10.48 26.16
CA ARG F 111 39.52 -11.83 25.96
C ARG F 111 40.67 -11.87 24.97
N GLU F 112 40.63 -10.98 23.97
CA GLU F 112 41.63 -10.98 22.90
C GLU F 112 42.63 -9.82 23.01
N TRP F 113 43.92 -10.16 22.90
CA TRP F 113 45.02 -9.22 23.08
C TRP F 113 46.02 -9.37 21.96
N VAL F 114 46.79 -8.30 21.72
CA VAL F 114 47.94 -8.33 20.82
C VAL F 114 49.13 -7.74 21.56
N GLU F 115 50.29 -8.37 21.41
CA GLU F 115 51.53 -7.88 22.02
C GLU F 115 52.05 -6.64 21.29
N GLY F 116 52.27 -5.57 22.04
CA GLY F 116 52.91 -4.37 21.53
C GLY F 116 54.17 -4.08 22.29
N VAL F 117 54.80 -2.94 22.00
CA VAL F 117 56.00 -2.49 22.70
C VAL F 117 55.74 -1.07 23.21
N ASP F 118 56.07 -0.84 24.48
CA ASP F 118 56.07 0.49 25.08
C ASP F 118 57.31 1.20 24.51
N LEU F 119 57.09 2.26 23.72
CA LEU F 119 58.20 2.95 23.02
C LEU F 119 59.12 3.79 23.93
N THR F 120 58.70 4.01 25.18
CA THR F 120 59.56 4.66 26.18
C THR F 120 60.49 3.65 26.87
N THR F 121 59.91 2.63 27.48
CA THR F 121 60.63 1.68 28.31
C THR F 121 61.24 0.56 27.48
N ARG F 122 60.69 0.35 26.28
CA ARG F 122 61.03 -0.76 25.38
C ARG F 122 60.64 -2.14 25.94
N GLU F 123 59.71 -2.13 26.91
CA GLU F 123 59.14 -3.37 27.48
C GLU F 123 57.85 -3.77 26.76
N PRO F 124 57.57 -5.10 26.69
CA PRO F 124 56.30 -5.51 26.06
C PRO F 124 55.10 -5.01 26.86
N VAL F 125 53.99 -4.83 26.15
CA VAL F 125 52.72 -4.43 26.76
C VAL F 125 51.61 -4.92 25.83
N TYR F 126 50.63 -5.59 26.43
CA TYR F 126 49.48 -6.11 25.68
C TYR F 126 48.40 -5.06 25.54
N VAL F 127 47.81 -5.06 24.34
CA VAL F 127 46.79 -4.10 23.91
C VAL F 127 45.57 -4.95 23.48
N PRO F 128 44.33 -4.50 23.84
CA PRO F 128 43.14 -5.23 23.37
C PRO F 128 43.06 -5.26 21.84
N ALA F 129 42.52 -6.36 21.31
CA ALA F 129 42.34 -6.53 19.87
C ALA F 129 41.47 -5.42 19.25
N ASN F 130 40.50 -4.92 20.01
CA ASN F 130 39.63 -3.81 19.60
C ASN F 130 40.38 -2.48 19.48
N GLU F 131 41.56 -2.41 20.10
CA GLU F 131 42.39 -1.22 20.02
C GLU F 131 43.53 -1.38 19.00
N VAL F 132 43.51 -2.48 18.25
CA VAL F 132 44.56 -2.75 17.26
C VAL F 132 43.95 -2.89 15.87
N PHE F 133 42.99 -3.81 15.75
CA PHE F 133 42.45 -4.22 14.47
C PHE F 133 41.29 -3.32 14.03
N HIS F 134 40.96 -3.41 12.74
CA HIS F 134 39.71 -2.85 12.21
C HIS F 134 39.24 -3.67 11.00
N PRO F 135 37.96 -4.11 10.97
CA PRO F 135 36.91 -3.91 12.00
C PRO F 135 36.86 -5.02 13.06
N TRP F 136 36.73 -4.61 14.32
CA TRP F 136 36.56 -5.56 15.44
C TRP F 136 35.24 -5.23 16.12
N LEU F 137 34.33 -6.20 16.12
CA LEU F 137 32.97 -6.00 16.66
C LEU F 137 32.75 -6.68 18.00
N GLY F 138 31.80 -6.16 18.75
CA GLY F 138 31.36 -6.80 20.00
C GLY F 138 31.82 -6.15 21.29
N ASP F 139 32.79 -5.23 21.23
CA ASP F 139 33.24 -4.54 22.43
C ASP F 139 32.43 -3.25 22.68
N ALA F 140 32.64 -2.65 23.86
CA ALA F 140 31.89 -1.47 24.32
C ALA F 140 31.96 -0.28 23.35
N LEU F 141 33.09 -0.15 22.65
CA LEU F 141 33.30 0.91 21.66
C LEU F 141 33.76 0.34 20.30
N PRO F 142 33.38 1.03 19.20
CA PRO F 142 33.83 0.59 17.88
C PRO F 142 35.35 0.63 17.72
N SER F 143 35.87 -0.25 16.89
CA SER F 143 37.26 -0.19 16.47
C SER F 143 37.45 1.01 15.54
N HIS F 144 38.69 1.41 15.31
CA HIS F 144 39.01 2.45 14.32
C HIS F 144 40.43 2.35 13.82
N THR F 145 40.83 3.33 13.02
CA THR F 145 42.14 3.32 12.35
C THR F 145 43.09 4.47 12.74
N ASN F 146 42.75 5.21 13.80
CA ASN F 146 43.65 6.29 14.27
C ASN F 146 44.99 5.71 14.73
N GLY F 147 46.07 6.21 14.14
CA GLY F 147 47.43 5.75 14.45
C GLY F 147 47.90 4.56 13.63
N LEU F 148 47.05 4.12 12.70
CA LEU F 148 47.39 3.05 11.76
C LEU F 148 48.16 3.65 10.61
N SER F 149 49.28 3.04 10.29
CA SER F 149 50.14 3.56 9.24
C SER F 149 51.08 2.53 8.65
N ALA F 150 51.25 2.64 7.33
CA ALA F 150 52.19 1.85 6.54
C ALA F 150 53.42 2.68 6.15
N GLY F 151 54.54 2.00 5.88
CA GLY F 151 55.73 2.66 5.36
C GLY F 151 56.67 1.70 4.67
N ARG F 152 57.75 2.22 4.07
CA ARG F 152 58.84 1.38 3.58
C ARG F 152 59.69 0.82 4.72
N LEU F 153 59.69 1.53 5.85
CA LEU F 153 60.41 1.11 7.05
C LEU F 153 59.49 1.31 8.22
N ARG F 154 59.70 0.55 9.29
CA ARG F 154 58.86 0.68 10.48
C ARG F 154 58.94 2.11 11.06
N GLU F 155 60.10 2.76 11.00
CA GLU F 155 60.26 4.15 11.49
C GLU F 155 59.38 5.17 10.75
N GLU F 156 59.30 5.03 9.42
CA GLU F 156 58.36 5.83 8.62
C GLU F 156 56.92 5.66 9.13
N ALA F 157 56.54 4.43 9.39
CA ALA F 157 55.18 4.10 9.84
C ALA F 157 54.91 4.61 11.26
N VAL F 158 55.88 4.45 12.15
CA VAL F 158 55.74 4.94 13.54
C VAL F 158 55.59 6.47 13.56
N ILE F 159 56.43 7.16 12.80
CA ILE F 159 56.37 8.62 12.72
C ILE F 159 54.98 9.07 12.24
N GLN F 160 54.53 8.51 11.13
CA GLN F 160 53.23 8.84 10.52
C GLN F 160 52.06 8.58 11.48
N GLY F 161 52.05 7.38 12.08
CA GLY F 161 51.05 6.99 13.08
C GLY F 161 51.00 7.90 14.30
N LEU F 162 52.18 8.20 14.84
CA LEU F 162 52.29 9.05 16.02
C LEU F 162 51.84 10.48 15.74
N LEU F 163 52.22 11.01 14.58
CA LEU F 163 51.76 12.35 14.18
C LEU F 163 50.24 12.42 14.00
N GLU F 164 49.64 11.33 13.50
CA GLU F 164 48.20 11.24 13.34
C GLU F 164 47.47 11.27 14.69
N VAL F 165 47.99 10.52 15.66
CA VAL F 165 47.50 10.56 17.03
C VAL F 165 47.56 11.98 17.63
N VAL F 166 48.67 12.68 17.45
CA VAL F 166 48.80 14.07 17.96
C VAL F 166 47.78 15.00 17.26
N GLU F 167 47.68 14.86 15.94
CA GLU F 167 46.71 15.57 15.11
C GLU F 167 45.26 15.45 15.63
N ARG F 168 44.80 14.22 15.86
CA ARG F 168 43.45 14.00 16.39
C ARG F 168 43.30 14.40 17.85
N ASP F 169 44.39 14.34 18.62
CA ASP F 169 44.39 14.88 19.99
C ASP F 169 44.14 16.39 19.99
N SER F 170 44.82 17.13 19.11
CA SER F 170 44.60 18.58 18.98
C SER F 170 43.20 18.94 18.52
N TRP F 171 42.73 18.26 17.47
CA TRP F 171 41.37 18.43 16.95
C TRP F 171 40.33 18.11 18.04
N SER F 172 40.54 17.01 18.77
CA SER F 172 39.70 16.67 19.92
C SER F 172 39.61 17.77 20.96
N ILE F 173 40.74 18.36 21.35
CA ILE F 173 40.79 19.49 22.30
C ILE F 173 39.96 20.72 21.82
N VAL F 174 40.04 20.99 20.52
CA VAL F 174 39.34 22.11 19.90
C VAL F 174 37.84 21.87 19.95
N GLU F 175 37.41 20.67 19.55
CA GLU F 175 35.97 20.33 19.52
C GLU F 175 35.35 20.18 20.90
N TYR F 176 36.16 19.70 21.86
CA TYR F 176 35.70 19.45 23.23
C TYR F 176 35.43 20.76 23.98
N PHE F 177 36.35 21.72 23.87
CA PHE F 177 36.26 23.00 24.59
C PHE F 177 35.68 24.14 23.74
N ARG F 178 35.38 23.84 22.47
CA ARG F 178 34.96 24.84 21.47
C ARG F 178 35.91 26.05 21.39
N ILE F 179 37.18 25.74 21.26
CA ILE F 179 38.25 26.73 21.11
C ILE F 179 38.12 27.38 19.72
N HIS F 180 38.39 28.69 19.66
CA HIS F 180 38.54 29.42 18.40
C HIS F 180 40.04 29.48 18.07
N PRO F 181 40.57 28.50 17.31
CA PRO F 181 42.02 28.56 17.03
C PRO F 181 42.39 29.79 16.19
N PRO F 182 43.62 30.32 16.37
CA PRO F 182 44.07 31.45 15.54
C PRO F 182 44.19 31.08 14.06
N GLU F 183 44.01 32.09 13.21
CA GLU F 183 44.27 31.99 11.80
C GLU F 183 45.78 31.80 11.59
N LEU F 184 46.16 30.95 10.64
CA LEU F 184 47.57 30.79 10.28
C LEU F 184 47.84 31.38 8.89
N GLU F 185 48.68 32.40 8.87
CA GLU F 185 49.05 33.12 7.66
C GLU F 185 50.23 32.40 7.03
N VAL F 186 50.07 32.03 5.76
CA VAL F 186 51.17 31.39 5.01
C VAL F 186 51.52 32.23 3.77
N HIS F 187 52.65 31.91 3.15
CA HIS F 187 53.08 32.63 1.95
C HIS F 187 53.70 31.69 0.90
N GLY F 188 54.19 32.27 -0.19
CA GLY F 188 54.87 31.53 -1.25
C GLY F 188 54.00 30.43 -1.83
N GLU F 189 54.58 29.25 -1.98
CA GLU F 189 53.89 28.12 -2.62
C GLU F 189 52.70 27.54 -1.83
N LEU F 190 52.79 27.56 -0.49
CA LEU F 190 51.67 27.13 0.36
C LEU F 190 50.46 28.04 0.20
N GLU F 191 50.69 29.35 0.15
CA GLU F 191 49.61 30.33 -0.08
C GLU F 191 49.00 30.17 -1.48
N GLU F 192 49.85 29.94 -2.47
CA GLU F 192 49.45 29.64 -3.85
C GLU F 192 48.56 28.40 -3.90
N LEU F 193 48.96 27.35 -3.19
CA LEU F 193 48.13 26.16 -3.12
C LEU F 193 46.80 26.43 -2.38
N ARG F 194 46.87 27.17 -1.26
CA ARG F 194 45.66 27.55 -0.53
C ARG F 194 44.65 28.33 -1.43
N ARG F 195 45.17 29.29 -2.21
CA ARG F 195 44.39 30.08 -3.17
C ARG F 195 43.80 29.22 -4.27
N SER F 196 44.60 28.31 -4.84
CA SER F 196 44.13 27.41 -5.89
C SER F 196 42.99 26.52 -5.41
N LEU F 197 43.09 26.01 -4.17
CA LEU F 197 42.01 25.17 -3.62
C LEU F 197 40.77 25.99 -3.27
N GLU F 198 41.00 27.21 -2.77
CA GLU F 198 39.93 28.18 -2.52
C GLU F 198 39.05 28.43 -3.77
N ARG F 199 39.70 28.54 -4.93
CA ARG F 199 38.99 28.69 -6.20
C ARG F 199 38.11 27.49 -6.58
N GLU F 200 38.39 26.32 -5.99
CA GLU F 200 37.56 25.14 -6.18
C GLU F 200 36.26 25.17 -5.38
N VAL F 201 36.25 25.95 -4.30
CA VAL F 201 35.06 26.09 -3.43
C VAL F 201 34.68 27.57 -3.26
N GLY F 202 34.56 28.05 -2.02
CA GLY F 202 34.37 29.47 -1.72
C GLY F 202 35.55 30.04 -0.95
N ARG F 203 35.88 29.39 0.16
CA ARG F 203 37.03 29.79 0.99
C ARG F 203 37.76 28.56 1.54
N VAL F 204 39.10 28.64 1.58
CA VAL F 204 39.91 27.70 2.36
C VAL F 204 40.59 28.50 3.48
N GLU F 205 40.28 28.10 4.71
CA GLU F 205 40.73 28.80 5.91
C GLU F 205 41.71 27.92 6.69
N LEU F 206 42.85 28.50 7.08
CA LEU F 206 43.88 27.80 7.83
C LEU F 206 43.95 28.25 9.29
N ARG F 207 44.09 27.26 10.17
CA ARG F 207 44.19 27.47 11.62
C ARG F 207 45.38 26.74 12.22
N LEU F 208 46.07 27.39 13.16
CA LEU F 208 47.04 26.72 13.97
C LEU F 208 46.36 26.23 15.25
N LEU F 209 46.19 24.91 15.34
CA LEU F 209 45.57 24.28 16.50
C LEU F 209 46.48 24.30 17.71
N PRO F 210 45.89 24.33 18.93
CA PRO F 210 46.72 24.12 20.11
C PRO F 210 47.24 22.67 20.08
N SER F 211 48.54 22.52 20.29
CA SER F 211 49.16 21.21 20.34
C SER F 211 49.61 20.93 21.77
N ARG F 212 49.36 19.70 22.23
CA ARG F 212 49.80 19.28 23.57
C ARG F 212 51.19 18.67 23.58
N VAL F 213 51.81 18.57 22.41
CA VAL F 213 53.12 17.90 22.28
C VAL F 213 54.14 18.95 21.81
N GLU F 214 55.14 19.20 22.67
CA GLU F 214 56.24 20.14 22.40
C GLU F 214 56.94 19.78 21.08
N GLY F 215 57.17 20.79 20.24
CA GLY F 215 57.83 20.59 18.95
C GLY F 215 56.93 20.06 17.84
N VAL F 216 55.66 19.74 18.11
CA VAL F 216 54.75 19.28 17.04
C VAL F 216 53.68 20.33 16.78
N TYR F 217 53.54 20.71 15.51
CA TYR F 217 52.52 21.65 15.07
C TYR F 217 51.36 20.91 14.46
N VAL F 218 50.16 21.41 14.71
CA VAL F 218 48.96 20.85 14.12
C VAL F 218 48.19 21.96 13.40
N VAL F 219 47.89 21.72 12.13
CA VAL F 219 47.18 22.69 11.32
C VAL F 219 45.83 22.12 10.90
N GLY F 220 44.82 22.97 10.95
CA GLY F 220 43.50 22.65 10.40
C GLY F 220 43.15 23.52 9.19
N ALA F 221 42.44 22.92 8.24
CA ALA F 221 41.94 23.64 7.08
C ALA F 221 40.44 23.40 6.99
N VAL F 222 39.67 24.48 6.96
CA VAL F 222 38.21 24.40 6.83
C VAL F 222 37.73 25.12 5.56
N THR F 223 36.67 24.60 4.95
CA THR F 223 36.14 25.23 3.75
C THR F 223 34.75 25.83 3.92
N GLU F 224 34.51 26.94 3.21
CA GLU F 224 33.17 27.40 2.90
C GLU F 224 32.90 27.11 1.43
N ALA F 225 31.70 26.62 1.14
CA ALA F 225 31.27 26.34 -0.21
C ALA F 225 29.76 26.52 -0.30
N GLU F 226 29.24 26.64 -1.53
CA GLU F 226 27.79 26.83 -1.71
C GLU F 226 27.01 25.54 -1.46
N ARG F 227 27.65 24.40 -1.73
CA ARG F 227 27.11 23.08 -1.41
C ARG F 227 27.66 22.65 -0.05
N VAL F 228 26.79 22.10 0.79
CA VAL F 228 27.14 21.70 2.16
C VAL F 228 28.16 20.52 2.22
N GLU F 229 28.04 19.60 1.26
CA GLU F 229 28.94 18.44 1.19
C GLU F 229 30.35 18.79 0.72
N GLU F 230 30.55 20.02 0.25
CA GLU F 230 31.88 20.51 -0.10
C GLU F 230 32.51 21.38 1.00
N VAL F 232 34.33 20.77 3.82
CA VAL F 232 35.14 19.71 4.39
C VAL F 232 36.18 20.30 5.34
N GLY F 234 40.29 19.48 6.85
CA GLY F 234 41.54 18.76 6.66
C GLY F 234 42.49 19.10 7.78
N PHE F 235 43.34 18.15 8.14
CA PHE F 235 44.30 18.34 9.23
C PHE F 235 45.69 17.79 8.88
N GLY F 236 46.70 18.34 9.52
CA GLY F 236 48.07 17.83 9.37
C GLY F 236 48.83 18.13 10.64
N ALA F 237 49.72 17.22 11.02
CA ALA F 237 50.62 17.42 12.14
C ALA F 237 52.03 17.07 11.69
N SER F 238 52.99 17.87 12.15
CA SER F 238 54.42 17.69 11.87
C SER F 238 55.28 18.60 12.78
N PRO F 239 56.55 18.20 13.08
CA PRO F 239 57.53 19.15 13.60
C PRO F 239 57.88 20.27 12.62
N ASP F 240 57.66 20.02 11.32
CA ASP F 240 57.79 21.01 10.26
C ASP F 240 56.41 21.67 10.03
N PRO F 241 56.24 22.96 10.42
CA PRO F 241 54.91 23.59 10.26
C PRO F 241 54.44 23.67 8.79
N GLU F 242 55.39 23.79 7.86
CA GLU F 242 55.09 23.79 6.43
C GLU F 242 54.47 22.48 5.97
N ALA F 244 52.83 20.43 8.02
CA ALA F 244 51.52 20.41 8.69
C ALA F 244 50.47 21.14 7.85
N VAL F 245 50.83 22.33 7.35
CA VAL F 245 49.96 23.09 6.44
C VAL F 245 49.63 22.27 5.19
N LEU F 246 50.67 21.78 4.51
CA LEU F 246 50.49 21.01 3.28
C LEU F 246 49.55 19.81 3.47
N ARG F 247 49.73 19.07 4.56
CA ARG F 247 48.91 17.87 4.84
C ARG F 247 47.42 18.22 5.01
N ALA F 248 47.13 19.31 5.70
CA ALA F 248 45.76 19.81 5.91
C ALA F 248 45.09 20.15 4.57
N LEU F 249 45.82 20.88 3.73
CA LEU F 249 45.35 21.25 2.39
C LEU F 249 45.10 20.03 1.50
N LEU F 250 46.01 19.06 1.55
CA LEU F 250 45.88 17.83 0.76
C LEU F 250 44.64 17.04 1.17
N GLU F 251 44.37 17.01 2.48
CA GLU F 251 43.16 16.40 3.03
C GLU F 251 41.88 17.07 2.58
N VAL F 252 41.91 18.40 2.46
CA VAL F 252 40.78 19.16 1.88
C VAL F 252 40.52 18.70 0.44
N ALA F 253 41.59 18.62 -0.36
CA ALA F 253 41.50 18.16 -1.75
C ALA F 253 40.93 16.74 -1.84
N GLN F 254 41.44 15.84 -1.01
CA GLN F 254 40.93 14.45 -0.88
C GLN F 254 39.43 14.45 -0.57
N GLY F 255 39.03 15.24 0.44
CA GLY F 255 37.63 15.36 0.85
C GLY F 255 36.72 15.90 -0.25
N LEU F 256 37.23 16.82 -1.05
CA LEU F 256 36.47 17.38 -2.16
C LEU F 256 36.26 16.37 -3.29
N SER F 257 37.30 15.57 -3.57
CA SER F 257 37.23 14.52 -4.58
C SER F 257 36.19 13.47 -4.19
N ALA F 259 33.67 13.83 -2.02
CA ALA F 259 32.35 14.46 -2.00
C ALA F 259 31.78 14.61 -3.41
N ARG F 260 32.63 14.98 -4.37
CA ARG F 260 32.25 15.09 -5.78
C ARG F 260 31.83 13.75 -6.41
N ARG F 261 32.26 12.65 -5.81
CA ARG F 261 31.85 11.30 -6.21
C ARG F 261 30.71 10.75 -5.34
N GLY F 262 30.24 11.56 -4.42
CA GLY F 262 29.18 11.19 -3.48
C GLY F 262 29.53 10.07 -2.51
N ILE F 263 30.82 9.94 -2.18
CA ILE F 263 31.28 8.98 -1.18
C ILE F 263 31.07 9.59 0.21
N GLU F 264 30.47 8.80 1.12
CA GLU F 264 30.16 9.23 2.49
C GLU F 264 31.40 9.61 3.30
N SER F 265 31.35 10.79 3.91
CA SER F 265 32.48 11.37 4.66
C SER F 265 32.74 10.67 6.01
N PRO F 266 34.04 10.50 6.38
CA PRO F 266 34.38 9.73 7.60
C PRO F 266 34.11 10.47 8.93
N VAL F 267 33.88 11.78 8.87
CA VAL F 267 33.63 12.60 10.09
C VAL F 267 32.34 12.17 10.81
N ARG F 268 32.47 11.84 12.10
CA ARG F 268 31.41 11.20 12.87
C ARG F 268 31.10 11.86 14.22
N LYS F 269 32.11 11.95 15.10
CA LYS F 269 31.90 12.34 16.51
C LYS F 269 32.51 13.69 16.90
N THR F 281 22.32 23.11 5.46
CA THR F 281 22.56 24.49 4.95
C THR F 281 23.92 25.10 5.35
N PRO F 282 24.64 25.73 4.38
CA PRO F 282 25.96 26.34 4.61
C PRO F 282 26.00 27.40 5.72
N GLU F 283 24.96 28.22 5.82
CA GLU F 283 24.89 29.27 6.85
C GLU F 283 24.71 28.67 8.25
N ARG F 284 23.94 27.58 8.31
CA ARG F 284 23.67 26.87 9.56
C ARG F 284 24.97 26.20 10.06
N LEU F 285 25.62 25.46 9.17
CA LEU F 285 26.89 24.78 9.43
C LEU F 285 27.97 25.74 9.92
N LYS F 286 28.04 26.94 9.31
CA LYS F 286 28.95 28.01 9.73
C LYS F 286 28.66 28.57 11.12
N ARG F 287 27.38 28.69 11.47
CA ARG F 287 27.00 29.16 12.81
C ARG F 287 27.25 28.10 13.88
N LEU F 288 27.00 26.83 13.55
CA LEU F 288 27.28 25.70 14.44
C LEU F 288 28.77 25.53 14.67
N ASN F 289 29.57 25.86 13.64
CA ASN F 289 31.02 25.77 13.72
C ASN F 289 31.68 27.15 13.76
N ARG F 290 31.08 28.05 14.54
CA ARG F 290 31.55 29.44 14.70
C ARG F 290 32.98 29.49 15.20
N HIS F 291 33.36 28.49 16.00
CA HIS F 291 34.70 28.36 16.54
C HIS F 291 35.77 28.15 15.44
N TRP F 292 35.38 27.49 14.35
CA TRP F 292 36.23 27.35 13.16
C TRP F 292 36.24 28.60 12.29
N PHE F 293 35.07 29.23 12.13
CA PHE F 293 34.88 30.33 11.17
C PHE F 293 35.11 31.73 11.72
N GLU F 294 35.32 31.85 13.03
CA GLU F 294 35.69 33.13 13.63
C GLU F 294 36.95 33.00 14.49
N PRO F 295 38.13 32.95 13.82
CA PRO F 295 39.40 32.77 14.54
C PRO F 295 39.67 33.86 15.55
N GLU F 296 40.28 33.48 16.67
CA GLU F 296 40.75 34.47 17.63
C GLU F 296 42.26 34.64 17.47
N GLY F 297 42.64 35.78 16.90
CA GLY F 297 44.04 36.11 16.68
C GLY F 297 44.58 35.49 15.40
N THR F 298 45.86 35.74 15.18
CA THR F 298 46.55 35.34 13.96
C THR F 298 48.00 34.94 14.29
N VAL F 299 48.49 33.94 13.57
CA VAL F 299 49.88 33.47 13.70
C VAL F 299 50.51 33.51 12.30
N GLU F 300 51.75 33.97 12.24
CA GLU F 300 52.53 33.94 11.00
C GLU F 300 53.45 32.75 11.05
N ILE F 301 53.43 31.94 9.99
CA ILE F 301 54.15 30.66 9.94
C ILE F 301 55.66 30.78 10.20
N ASP F 302 56.27 31.86 9.69
CA ASP F 302 57.70 32.14 9.91
C ASP F 302 58.10 32.39 11.37
N ASP F 303 57.12 32.74 12.21
CA ASP F 303 57.34 32.91 13.65
C ASP F 303 57.41 31.58 14.43
N LEU F 304 57.07 30.48 13.75
CA LEU F 304 57.08 29.17 14.39
C LEU F 304 58.48 28.57 14.32
N ASP F 305 59.06 28.34 15.50
CA ASP F 305 60.42 27.77 15.55
C ASP F 305 60.43 26.29 15.26
N ARG F 306 61.39 25.87 14.46
CA ARG F 306 61.64 24.46 14.24
C ARG F 306 62.43 23.87 15.41
N VAL F 307 61.69 23.28 16.36
CA VAL F 307 62.24 22.69 17.58
C VAL F 307 62.93 21.35 17.28
N ILE F 308 62.26 20.52 16.50
CA ILE F 308 62.76 19.21 16.09
C ILE F 308 63.25 19.33 14.63
N THR F 309 64.57 19.21 14.46
CA THR F 309 65.21 19.38 13.14
C THR F 309 65.59 18.03 12.58
N THR F 310 65.20 17.81 11.34
CA THR F 310 65.10 16.47 10.79
C THR F 310 66.36 16.00 10.04
N GLY F 311 67.12 15.15 10.73
CA GLY F 311 68.28 14.50 10.14
C GLY F 311 67.93 13.09 9.72
N SER F 312 68.12 12.14 10.64
CA SER F 312 67.88 10.75 10.36
C SER F 312 66.49 10.31 10.80
N LEU F 313 66.01 9.24 10.18
CA LEU F 313 64.73 8.65 10.51
C LEU F 313 64.68 8.12 11.95
N GLU F 314 65.78 7.52 12.39
CA GLU F 314 65.88 6.92 13.73
C GLU F 314 65.80 7.98 14.82
N LYS F 315 66.51 9.09 14.61
CA LYS F 315 66.57 10.24 15.52
C LYS F 315 65.20 10.94 15.61
N LEU F 316 64.56 11.13 14.46
CA LEU F 316 63.25 11.78 14.41
C LEU F 316 62.20 10.96 15.15
N THR F 317 62.19 9.64 14.92
CA THR F 317 61.29 8.74 15.61
C THR F 317 61.45 8.88 17.13
N GLU F 318 62.70 8.81 17.59
CA GLU F 318 63.05 8.84 19.01
C GLU F 318 62.61 10.16 19.68
N GLU F 319 62.81 11.27 18.99
CA GLU F 319 62.45 12.60 19.53
C GLU F 319 60.96 12.85 19.58
N LEU F 320 60.25 12.38 18.56
CA LEU F 320 58.80 12.44 18.56
C LEU F 320 58.22 11.57 19.69
N VAL F 321 58.70 10.33 19.83
CA VAL F 321 58.31 9.47 20.96
C VAL F 321 58.55 10.18 22.31
N GLU F 322 59.77 10.72 22.50
CA GLU F 322 60.13 11.46 23.71
C GLU F 322 59.14 12.59 24.05
N ARG F 323 58.84 13.45 23.08
CA ARG F 323 57.93 14.60 23.32
C ARG F 323 56.52 14.12 23.66
N VAL F 324 56.02 13.11 22.94
CA VAL F 324 54.72 12.53 23.25
C VAL F 324 54.71 11.88 24.66
N ALA F 325 55.77 11.16 25.00
CA ALA F 325 55.92 10.55 26.34
C ALA F 325 55.97 11.57 27.48
N GLU F 326 56.42 12.78 27.16
CA GLU F 326 56.51 13.89 28.11
C GLU F 326 55.19 14.67 28.25
N ALA F 327 54.25 14.44 27.33
CA ALA F 327 53.05 15.28 27.18
C ALA F 327 51.91 15.06 28.17
N GLY F 328 52.02 14.07 29.06
CA GLY F 328 50.94 13.76 30.01
C GLY F 328 49.79 13.03 29.35
N LEU F 329 50.09 12.27 28.31
CA LEU F 329 49.08 11.59 27.49
C LEU F 329 49.19 10.07 27.58
N GLY F 330 49.70 9.60 28.72
CA GLY F 330 49.88 8.18 28.95
C GLY F 330 51.05 7.62 28.15
N LYS F 331 50.94 6.35 27.83
CA LYS F 331 52.03 5.60 27.23
C LYS F 331 51.98 5.62 25.71
N VAL F 332 53.16 5.54 25.09
CA VAL F 332 53.29 5.42 23.64
C VAL F 332 53.54 3.95 23.30
N ILE F 333 52.55 3.34 22.65
CA ILE F 333 52.58 1.90 22.33
C ILE F 333 52.61 1.66 20.82
N GLU F 334 53.50 0.77 20.40
CA GLU F 334 53.56 0.33 19.01
C GLU F 334 53.17 -1.14 18.91
N VAL F 335 52.23 -1.43 18.01
CA VAL F 335 51.88 -2.82 17.69
C VAL F 335 52.26 -3.06 16.23
N ASP F 336 53.10 -4.07 16.02
CA ASP F 336 53.53 -4.43 14.68
C ASP F 336 52.42 -5.20 13.94
N LEU F 337 51.99 -4.64 12.82
CA LEU F 337 50.96 -5.25 11.98
C LEU F 337 51.44 -5.73 10.60
N THR F 338 52.75 -5.86 10.42
CA THR F 338 53.35 -6.31 9.16
C THR F 338 52.77 -7.69 8.78
N LEU F 339 52.18 -7.79 7.59
CA LEU F 339 51.67 -9.08 7.10
C LEU F 339 52.84 -9.96 6.69
N GLU F 340 52.81 -11.22 7.09
CA GLU F 340 53.89 -12.16 6.78
C GLU F 340 54.20 -12.26 5.28
N ASN F 341 53.16 -12.43 4.44
CA ASN F 341 53.33 -12.61 2.98
C ASN F 341 53.86 -11.37 2.25
N LEU F 342 53.22 -10.22 2.45
CA LEU F 342 53.72 -8.95 1.92
C LEU F 342 54.71 -8.40 2.93
N ASP F 343 55.93 -8.12 2.51
CA ASP F 343 56.91 -7.61 3.45
C ASP F 343 56.83 -6.07 3.52
N VAL F 344 55.66 -5.56 3.96
CA VAL F 344 55.40 -4.12 4.08
C VAL F 344 55.17 -3.71 5.53
N PRO F 345 56.10 -2.91 6.10
CA PRO F 345 55.96 -2.47 7.50
C PRO F 345 54.66 -1.72 7.73
N VAL F 346 53.85 -2.23 8.67
CA VAL F 346 52.59 -1.58 9.11
C VAL F 346 52.61 -1.61 10.63
N VAL F 347 52.19 -0.50 11.23
CA VAL F 347 52.09 -0.38 12.69
C VAL F 347 50.74 0.19 13.10
N ARG F 348 50.38 -0.05 14.36
CA ARG F 348 49.30 0.66 15.01
C ARG F 348 49.94 1.35 16.21
N VAL F 349 49.92 2.67 16.18
CA VAL F 349 50.39 3.48 17.29
C VAL F 349 49.18 3.82 18.14
N ARG F 350 49.29 3.54 19.44
CA ARG F 350 48.29 3.92 20.41
C ARG F 350 48.99 4.76 21.48
N VAL F 351 48.37 5.88 21.81
CA VAL F 351 48.85 6.73 22.88
C VAL F 351 47.71 6.72 23.90
N THR F 352 47.93 6.05 25.03
CA THR F 352 46.85 5.56 25.90
C THR F 352 45.96 6.64 26.50
N GLY F 353 46.52 7.83 26.70
CA GLY F 353 45.79 8.97 27.26
C GLY F 353 45.55 10.13 26.27
N ALA F 354 45.91 9.93 25.00
CA ALA F 354 45.59 10.90 23.94
C ALA F 354 44.07 10.90 23.70
N SER F 355 43.53 12.09 23.43
CA SER F 355 42.11 12.21 23.14
C SER F 355 41.78 11.79 21.73
N GLU F 356 40.79 10.91 21.61
CA GLU F 356 40.21 10.53 20.33
C GLU F 356 38.72 10.89 20.33
N TYR F 357 38.40 11.99 21.00
CA TYR F 357 37.04 12.50 21.14
C TYR F 357 36.35 12.69 19.78
N VAL F 358 37.12 13.17 18.78
CA VAL F 358 36.60 13.37 17.42
C VAL F 358 36.26 12.08 16.68
N ILE F 359 36.81 10.96 17.12
CA ILE F 359 36.46 9.65 16.55
C ILE F 359 35.25 9.06 17.27
N ASP F 360 35.29 9.17 18.61
CA ASP F 360 34.24 8.67 19.45
C ASP F 360 34.23 9.49 20.73
N GLU F 361 33.08 10.08 21.02
CA GLU F 361 32.86 10.95 22.18
C GLU F 361 33.23 10.33 23.52
N ALA F 362 33.10 9.00 23.63
CA ALA F 362 33.55 8.28 24.81
C ALA F 362 35.09 8.21 24.98
N ARG F 363 35.84 8.35 23.87
CA ARG F 363 37.32 8.31 23.90
C ARG F 363 37.94 9.66 24.26
N VAL F 364 37.56 10.17 25.43
CA VAL F 364 37.97 11.51 25.92
C VAL F 364 39.49 11.62 26.15
N GLY F 365 40.11 10.55 26.65
CA GLY F 365 41.52 10.58 27.07
C GLY F 365 41.77 11.53 28.24
N ASN F 366 43.02 11.91 28.43
CA ASN F 366 43.42 12.81 29.51
C ASN F 366 43.04 14.23 29.15
N PRO F 368 42.26 18.25 30.35
CA PRO F 368 42.45 19.21 31.44
C PRO F 368 41.11 19.82 31.92
N GLU F 369 41.13 20.47 33.08
CA GLU F 369 39.93 21.15 33.61
C GLU F 369 39.55 22.39 32.80
N LYS F 370 40.56 23.18 32.46
CA LYS F 370 40.42 24.38 31.62
C LYS F 370 41.09 24.17 30.25
N PRO F 371 40.56 24.80 29.18
CA PRO F 371 41.27 24.79 27.89
C PRO F 371 42.60 25.56 27.95
N PRO F 372 43.61 25.15 27.15
CA PRO F 372 44.86 25.94 27.03
C PRO F 372 44.59 27.38 26.53
N GLY F 373 45.20 28.36 27.21
CA GLY F 373 44.92 29.79 26.98
C GLY F 373 45.42 30.33 25.63
#